data_6NFW
#
_entry.id   6NFW
#
_entity_poly.entity_id   1
_entity_poly.type   'polypeptide(L)'
_entity_poly.pdbx_seq_one_letter_code
;GKNKSKRIQALKFRHARDKRAGFEIDNNDDTIEEFFGSAYRKKGKGKGTTVGMGKSSRRFINMYGFDPTEYSFIQFVDPL
TGAQIEENVYADIRDIQERFSEVRKKMVENDDIEMQALGSNTTIHAYFRKDWSDKALKIDLMPHNPLKVCDKTNGIAKFP
ERELELRQTGPAVEVDVKDIPAQEVEHE
;
_entity_poly.pdbx_strand_id   A
#
# COMPACT_ATOMS: atom_id res chain seq x y z
N SER A 38 -51.81 65.30 87.96
CA SER A 38 -50.86 65.16 86.87
C SER A 38 -51.08 63.85 86.12
N ALA A 39 -50.79 63.85 84.83
CA ALA A 39 -50.97 62.66 84.00
C ALA A 39 -50.31 62.84 82.63
N TYR A 40 -49.82 61.74 82.07
CA TYR A 40 -49.16 61.78 80.77
C TYR A 40 -49.23 60.41 80.08
N ARG A 41 -49.31 60.43 78.77
CA ARG A 41 -49.37 59.20 77.99
C ARG A 41 -48.59 59.32 76.68
N LYS A 42 -47.52 58.56 76.56
CA LYS A 42 -46.68 58.59 75.37
C LYS A 42 -46.71 57.24 74.65
N LYS A 43 -47.78 56.98 73.92
CA LYS A 43 -47.94 55.73 73.19
C LYS A 43 -47.47 55.89 71.75
N GLY A 44 -46.79 54.87 71.24
CA GLY A 44 -46.29 54.92 69.87
C GLY A 44 -45.25 53.85 69.60
N LYS A 45 -44.00 54.26 69.50
CA LYS A 45 -42.90 53.33 69.24
C LYS A 45 -43.32 52.29 68.22
N GLY A 46 -44.02 52.72 67.18
CA GLY A 46 -44.48 51.81 66.15
C GLY A 46 -43.79 52.06 64.82
N LYS A 47 -42.76 51.28 64.52
CA LYS A 47 -42.02 51.43 63.27
C LYS A 47 -42.04 50.12 62.48
N GLY A 48 -41.57 50.20 61.24
CA GLY A 48 -41.55 49.02 60.39
C GLY A 48 -40.22 48.87 59.65
N THR A 49 -40.05 47.74 58.98
CA THR A 49 -38.82 47.47 58.22
C THR A 49 -39.15 46.90 56.85
N THR A 50 -38.57 47.51 55.82
CA THR A 50 -38.79 47.07 54.45
C THR A 50 -37.53 46.43 53.87
N VAL A 51 -37.38 45.12 54.08
CA VAL A 51 -36.23 44.39 53.58
C VAL A 51 -36.58 43.59 52.33
N GLY A 52 -35.64 43.51 51.40
CA GLY A 52 -35.87 42.78 50.16
C GLY A 52 -34.57 42.36 49.49
N MET A 53 -34.43 41.05 49.25
CA MET A 53 -33.23 40.53 48.60
C MET A 53 -33.58 39.83 47.30
N GLY A 54 -32.56 39.47 46.52
CA GLY A 54 -32.78 38.81 45.25
C GLY A 54 -31.73 37.75 44.97
N LYS A 55 -32.17 36.58 44.50
CA LYS A 55 -31.26 35.50 44.19
C LYS A 55 -30.41 35.83 42.96
N SER A 56 -29.10 35.67 43.10
CA SER A 56 -28.18 35.96 42.01
C SER A 56 -27.51 34.68 41.50
N SER A 57 -28.19 33.98 40.61
CA SER A 57 -27.67 32.73 40.05
C SER A 57 -27.74 32.74 38.53
N ARG A 58 -26.58 32.61 37.90
CA ARG A 58 -26.52 32.60 36.44
C ARG A 58 -25.57 31.50 35.94
N ARG A 59 -26.05 30.71 35.00
CA ARG A 59 -25.25 29.62 34.44
C ARG A 59 -24.44 30.10 33.24
N PHE A 60 -23.50 29.28 32.80
CA PHE A 60 -22.66 29.62 31.66
C PHE A 60 -22.01 28.37 31.07
N ILE A 61 -22.07 28.26 29.74
CA ILE A 61 -21.49 27.12 29.05
C ILE A 61 -20.60 27.55 27.89
N ASN A 62 -19.36 27.11 27.90
CA ASN A 62 -18.40 27.47 26.86
C ASN A 62 -17.47 26.30 26.55
N MET A 63 -17.36 25.96 25.27
CA MET A 63 -16.50 24.85 24.85
C MET A 63 -16.32 24.85 23.34
N TYR A 64 -15.08 24.75 22.89
CA TYR A 64 -14.78 24.74 21.46
C TYR A 64 -13.48 23.99 21.17
N GLY A 65 -13.56 22.95 20.37
CA GLY A 65 -12.39 22.16 20.03
C GLY A 65 -11.92 22.39 18.61
N PHE A 66 -10.86 21.69 18.22
CA PHE A 66 -10.32 21.83 16.87
C PHE A 66 -9.51 20.60 16.49
N ASP A 67 -9.59 20.22 15.22
CA ASP A 67 -8.87 19.05 14.72
C ASP A 67 -7.80 19.46 13.71
N PRO A 68 -6.71 20.09 14.21
CA PRO A 68 -5.61 20.54 13.35
C PRO A 68 -4.81 19.38 12.78
N THR A 69 -5.09 19.03 11.54
CA THR A 69 -4.40 17.93 10.87
C THR A 69 -3.74 18.41 9.58
N GLU A 70 -2.53 17.92 9.32
CA GLU A 70 -1.79 18.29 8.11
C GLU A 70 -1.06 17.10 7.53
N TYR A 71 -1.20 16.90 6.22
CA TYR A 71 -0.55 15.78 5.54
C TYR A 71 -0.30 16.12 4.07
N SER A 72 0.97 16.05 3.67
CA SER A 72 1.35 16.35 2.31
C SER A 72 2.39 15.35 1.79
N PHE A 73 1.92 14.30 1.14
CA PHE A 73 2.81 13.27 0.61
C PHE A 73 2.08 12.39 -0.40
N ILE A 74 2.80 11.42 -0.95
CA ILE A 74 2.22 10.50 -1.93
C ILE A 74 1.93 9.14 -1.31
N GLN A 75 0.73 8.62 -1.57
CA GLN A 75 0.34 7.33 -1.02
C GLN A 75 0.64 6.21 -2.01
N PHE A 76 1.52 5.30 -1.60
CA PHE A 76 1.90 4.17 -2.46
C PHE A 76 0.97 2.98 -2.23
N VAL A 77 0.53 2.36 -3.32
CA VAL A 77 -0.37 1.21 -3.24
C VAL A 77 -0.09 0.23 -4.38
N ASP A 78 -0.26 -1.06 -4.08
CA ASP A 78 -0.04 -2.10 -5.08
C ASP A 78 -1.34 -2.50 -5.75
N PRO A 79 -1.30 -2.65 -7.09
CA PRO A 79 -2.48 -3.05 -7.87
C PRO A 79 -2.89 -4.49 -7.63
N LEU A 80 -1.91 -5.36 -7.46
CA LEU A 80 -2.18 -6.77 -7.21
C LEU A 80 -3.18 -6.95 -6.08
N THR A 81 -2.72 -6.76 -4.84
CA THR A 81 -3.58 -6.89 -3.68
C THR A 81 -4.09 -5.54 -3.22
N GLY A 82 -3.20 -4.71 -2.69
CA GLY A 82 -3.59 -3.39 -2.22
C GLY A 82 -2.70 -2.89 -1.10
N ALA A 83 -1.41 -3.17 -1.20
CA ALA A 83 -0.45 -2.75 -0.18
C ALA A 83 -0.59 -1.26 0.12
N GLN A 84 0.07 -0.81 1.17
CA GLN A 84 0.03 0.59 1.56
C GLN A 84 1.39 1.06 2.09
N ILE A 85 1.86 2.18 1.54
CA ILE A 85 3.15 2.73 1.95
C ILE A 85 3.18 4.24 1.76
N GLU A 86 3.88 4.93 2.65
CA GLU A 86 3.99 6.38 2.60
C GLU A 86 5.23 6.80 1.81
N GLU A 87 5.03 7.26 0.58
CA GLU A 87 6.13 7.68 -0.28
C GLU A 87 6.10 9.20 -0.48
N ASN A 88 7.26 9.78 -0.75
CA ASN A 88 7.38 11.22 -0.97
C ASN A 88 8.04 11.52 -2.31
N VAL A 89 8.35 12.78 -2.54
CA VAL A 89 8.99 13.20 -3.79
C VAL A 89 10.31 12.46 -4.00
N TYR A 90 11.02 12.17 -2.92
CA TYR A 90 12.28 11.47 -2.99
C TYR A 90 12.15 10.04 -2.50
N ALA A 91 11.00 9.43 -2.77
CA ALA A 91 10.73 8.06 -2.35
C ALA A 91 11.77 7.10 -2.94
N ASP A 92 12.41 6.33 -2.07
CA ASP A 92 13.43 5.38 -2.51
C ASP A 92 12.85 3.97 -2.58
N ILE A 93 13.14 3.26 -3.67
CA ILE A 93 12.64 1.91 -3.86
C ILE A 93 13.06 1.01 -2.71
N ARG A 94 14.26 1.24 -2.18
CA ARG A 94 14.78 0.44 -1.07
C ARG A 94 13.77 0.39 0.07
N ASP A 95 13.09 1.51 0.31
CA ASP A 95 12.11 1.59 1.38
C ASP A 95 10.83 0.84 0.99
N ILE A 96 10.25 1.25 -0.13
CA ILE A 96 9.01 0.62 -0.61
C ILE A 96 9.16 -0.90 -0.69
N GLN A 97 10.35 -1.35 -1.04
CA GLN A 97 10.63 -2.78 -1.14
C GLN A 97 10.71 -3.42 0.24
N GLU A 98 11.26 -2.69 1.20
CA GLU A 98 11.39 -3.18 2.56
C GLU A 98 10.03 -3.50 3.17
N ARG A 99 9.18 -2.49 3.26
CA ARG A 99 7.84 -2.66 3.81
C ARG A 99 7.02 -3.65 2.99
N PHE A 100 7.21 -3.59 1.67
CA PHE A 100 6.49 -4.48 0.77
C PHE A 100 6.65 -5.94 1.19
N SER A 101 7.83 -6.27 1.69
CA SER A 101 8.13 -7.63 2.13
C SER A 101 7.06 -8.14 3.09
N GLU A 102 6.61 -7.26 3.99
CA GLU A 102 5.59 -7.61 4.96
C GLU A 102 4.28 -7.98 4.27
N VAL A 103 3.81 -7.09 3.39
CA VAL A 103 2.57 -7.30 2.67
C VAL A 103 2.61 -8.64 1.91
N ARG A 104 3.59 -8.79 1.05
CA ARG A 104 3.75 -10.01 0.26
C ARG A 104 3.85 -11.23 1.17
N LYS A 105 4.53 -11.06 2.31
CA LYS A 105 4.70 -12.15 3.26
C LYS A 105 3.35 -12.66 3.76
N LYS A 106 2.51 -11.74 4.21
CA LYS A 106 1.18 -12.09 4.71
C LYS A 106 0.31 -12.63 3.60
N MET A 107 0.48 -12.09 2.40
CA MET A 107 -0.29 -12.52 1.24
C MET A 107 -0.07 -14.01 0.96
N VAL A 108 1.18 -14.38 0.72
CA VAL A 108 1.53 -15.76 0.45
C VAL A 108 1.26 -16.66 1.65
N GLU A 109 1.50 -16.11 2.85
CA GLU A 109 1.28 -16.86 4.08
C GLU A 109 -0.20 -17.21 4.24
N ASN A 110 -1.06 -16.23 4.01
CA ASN A 110 -2.51 -16.43 4.15
C ASN A 110 -2.97 -17.59 3.27
N ASP A 111 -2.25 -17.83 2.18
CA ASP A 111 -2.58 -18.91 1.26
C ASP A 111 -3.93 -18.66 0.60
N ASP A 112 -3.93 -17.82 -0.43
CA ASP A 112 -5.15 -17.50 -1.15
C ASP A 112 -5.00 -17.79 -2.65
N ILE A 113 -3.80 -17.55 -3.16
CA ILE A 113 -3.51 -17.78 -4.58
C ILE A 113 -2.29 -18.66 -4.76
N GLU A 114 -1.90 -18.90 -6.01
CA GLU A 114 -0.74 -19.73 -6.31
C GLU A 114 0.23 -18.99 -7.21
N MET A 115 -0.29 -18.41 -8.29
CA MET A 115 0.54 -17.66 -9.23
C MET A 115 -0.18 -16.41 -9.73
N GLN A 116 -1.25 -16.04 -9.03
CA GLN A 116 -2.03 -14.87 -9.41
C GLN A 116 -1.23 -13.59 -9.17
N ALA A 117 -0.51 -13.55 -8.06
CA ALA A 117 0.29 -12.38 -7.72
C ALA A 117 1.70 -12.49 -8.31
N LEU A 118 2.22 -13.71 -8.33
CA LEU A 118 3.56 -13.95 -8.87
C LEU A 118 3.59 -13.73 -10.38
N GLY A 119 2.48 -14.06 -11.04
CA GLY A 119 2.41 -13.88 -12.48
C GLY A 119 2.83 -12.49 -12.92
N SER A 120 2.58 -11.51 -12.07
CA SER A 120 2.93 -10.13 -12.38
C SER A 120 3.30 -9.36 -11.11
N ASN A 121 4.52 -8.84 -11.06
CA ASN A 121 4.99 -8.09 -9.91
C ASN A 121 5.91 -6.96 -10.34
N THR A 122 5.33 -5.90 -10.89
CA THR A 122 6.10 -4.75 -11.35
C THR A 122 5.27 -3.47 -11.29
N THR A 123 4.15 -3.46 -12.02
CA THR A 123 3.27 -2.30 -12.05
C THR A 123 2.84 -1.90 -10.65
N ILE A 124 3.02 -0.62 -10.32
CA ILE A 124 2.64 -0.12 -9.01
C ILE A 124 1.63 1.02 -9.13
N HIS A 125 0.75 1.12 -8.14
CA HIS A 125 -0.27 2.17 -8.14
C HIS A 125 0.14 3.33 -7.24
N ALA A 126 0.27 4.51 -7.84
CA ALA A 126 0.66 5.70 -7.10
C ALA A 126 -0.53 6.63 -6.87
N TYR A 127 -0.88 6.82 -5.60
CA TYR A 127 -2.01 7.68 -5.25
C TYR A 127 -1.53 9.08 -4.88
N PHE A 128 -1.78 10.04 -5.77
CA PHE A 128 -1.38 11.42 -5.54
C PHE A 128 -2.51 12.22 -4.88
N ARG A 129 -2.14 13.29 -4.18
CA ARG A 129 -3.11 14.13 -3.51
C ARG A 129 -3.23 15.48 -4.19
N LYS A 130 -4.46 15.91 -4.44
CA LYS A 130 -4.71 17.20 -5.09
C LYS A 130 -3.96 18.32 -4.38
N ASP A 131 -3.81 19.44 -5.07
CA ASP A 131 -3.11 20.59 -4.51
C ASP A 131 -3.68 20.95 -3.13
N TRP A 132 -5.00 21.12 -3.06
CA TRP A 132 -5.66 21.46 -1.81
C TRP A 132 -6.18 20.20 -1.12
N SER A 133 -5.53 19.08 -1.38
CA SER A 133 -5.93 17.81 -0.78
C SER A 133 -7.44 17.59 -0.91
N ASP A 134 -8.01 18.10 -2.00
CA ASP A 134 -9.43 17.97 -2.24
C ASP A 134 -9.76 16.61 -2.84
N LYS A 135 -9.20 16.32 -4.01
CA LYS A 135 -9.42 15.06 -4.68
C LYS A 135 -8.18 14.18 -4.62
N ALA A 136 -8.31 12.93 -5.05
CA ALA A 136 -7.20 11.99 -5.06
C ALA A 136 -6.91 11.48 -6.45
N LEU A 137 -5.66 11.61 -6.89
CA LEU A 137 -5.26 11.16 -8.21
C LEU A 137 -4.73 9.73 -8.17
N LYS A 138 -5.08 8.94 -9.18
CA LYS A 138 -4.63 7.55 -9.25
C LYS A 138 -3.86 7.31 -10.55
N ILE A 139 -2.54 7.20 -10.43
CA ILE A 139 -1.68 6.96 -11.58
C ILE A 139 -0.76 5.75 -11.34
N ASP A 140 -0.75 4.83 -12.29
CA ASP A 140 0.09 3.64 -12.19
C ASP A 140 1.43 3.86 -12.87
N LEU A 141 2.47 3.25 -12.32
CA LEU A 141 3.81 3.38 -12.88
C LEU A 141 4.48 2.01 -13.01
N MET A 142 5.44 1.91 -13.93
CA MET A 142 6.16 0.65 -14.14
C MET A 142 7.66 0.85 -13.96
N PRO A 143 8.38 -0.25 -13.72
CA PRO A 143 9.83 -0.22 -13.52
C PRO A 143 10.59 0.13 -14.81
N HIS A 144 11.88 0.39 -14.68
CA HIS A 144 12.71 0.73 -15.83
C HIS A 144 13.58 -0.46 -16.25
N ASN A 145 12.94 -1.62 -16.39
CA ASN A 145 13.66 -2.83 -16.78
C ASN A 145 12.90 -3.59 -17.87
N PRO A 146 12.88 -3.02 -19.09
CA PRO A 146 12.20 -3.62 -20.23
C PRO A 146 12.88 -4.89 -20.72
N LEU A 147 12.08 -5.84 -21.19
CA LEU A 147 12.61 -7.11 -21.69
C LEU A 147 12.39 -7.23 -23.19
N LYS A 148 12.99 -8.26 -23.79
CA LYS A 148 12.86 -8.50 -25.22
C LYS A 148 12.67 -9.98 -25.52
N VAL A 149 12.09 -10.29 -26.67
CA VAL A 149 11.86 -11.67 -27.07
C VAL A 149 13.01 -12.20 -27.93
N CYS A 150 13.34 -13.48 -27.75
CA CYS A 150 14.41 -14.09 -28.50
C CYS A 150 13.86 -15.10 -29.51
N ASP A 151 14.31 -15.00 -30.76
CA ASP A 151 13.85 -15.90 -31.81
C ASP A 151 14.61 -15.63 -33.10
N LYS A 152 14.98 -16.71 -33.80
CA LYS A 152 15.70 -16.59 -35.06
C LYS A 152 14.79 -16.89 -36.24
N THR A 153 13.53 -16.48 -36.13
CA THR A 153 12.56 -16.71 -37.19
C THR A 153 11.44 -15.66 -37.14
N ASN A 154 11.47 -14.74 -38.09
CA ASN A 154 10.46 -13.68 -38.16
C ASN A 154 10.40 -12.89 -36.85
N GLY A 155 11.52 -12.25 -36.50
CA GLY A 155 11.57 -11.47 -35.27
C GLY A 155 11.37 -9.99 -35.52
N ILE A 156 10.47 -9.65 -36.43
CA ILE A 156 10.18 -8.27 -36.76
C ILE A 156 8.69 -8.03 -36.89
N ALA A 157 7.94 -8.30 -35.81
CA ALA A 157 6.51 -8.10 -35.81
C ALA A 157 6.12 -6.81 -35.11
N LYS A 158 6.91 -5.76 -35.35
CA LYS A 158 6.66 -4.45 -34.74
C LYS A 158 6.56 -3.37 -35.81
N PHE A 159 5.99 -2.23 -35.43
CA PHE A 159 5.85 -1.12 -36.35
C PHE A 159 7.17 -0.39 -36.55
N PRO A 160 7.27 0.37 -37.65
CA PRO A 160 8.48 1.13 -37.99
C PRO A 160 8.73 2.29 -37.04
N GLU A 161 9.32 2.00 -35.89
CA GLU A 161 9.61 3.03 -34.90
C GLU A 161 10.86 2.67 -34.09
N ARG A 162 11.44 3.68 -33.44
CA ARG A 162 12.63 3.47 -32.64
C ARG A 162 12.55 4.24 -31.31
N GLU A 163 13.61 4.18 -30.52
CA GLU A 163 13.65 4.87 -29.24
C GLU A 163 12.54 4.36 -28.32
N LEU A 164 12.04 3.17 -28.61
CA LEU A 164 10.96 2.58 -27.81
C LEU A 164 11.36 2.49 -26.34
N GLU A 165 10.83 3.42 -25.54
CA GLU A 165 11.14 3.46 -24.11
C GLU A 165 9.87 3.26 -23.29
N LEU A 166 9.99 3.41 -21.98
CA LEU A 166 8.86 3.25 -21.08
C LEU A 166 7.74 4.21 -21.44
N ARG A 167 6.61 3.66 -21.89
CA ARG A 167 5.45 4.46 -22.26
C ARG A 167 4.37 4.41 -21.19
N GLN A 168 3.43 5.34 -21.27
CA GLN A 168 2.34 5.40 -20.29
C GLN A 168 1.47 4.15 -20.37
N THR A 169 1.51 3.34 -19.33
CA THR A 169 0.73 2.11 -19.29
C THR A 169 -0.76 2.41 -19.38
N GLY A 170 -1.18 3.51 -18.77
CA GLY A 170 -2.58 3.89 -18.80
C GLY A 170 -2.80 5.32 -18.33
N PRO A 171 -4.01 5.84 -18.57
CA PRO A 171 -4.38 7.21 -18.17
C PRO A 171 -4.51 7.35 -16.66
N ALA A 172 -4.67 8.59 -16.21
CA ALA A 172 -4.82 8.87 -14.79
C ALA A 172 -6.29 8.94 -14.39
N VAL A 173 -6.59 8.51 -13.17
CA VAL A 173 -7.95 8.53 -12.66
C VAL A 173 -8.09 9.45 -11.47
N GLU A 174 -8.77 10.57 -11.66
CA GLU A 174 -8.97 11.54 -10.59
C GLU A 174 -10.35 11.37 -9.95
N VAL A 175 -10.37 11.11 -8.64
CA VAL A 175 -11.62 10.93 -7.92
C VAL A 175 -11.47 11.38 -6.47
N ASP A 176 -12.53 12.01 -5.95
CA ASP A 176 -12.52 12.49 -4.57
C ASP A 176 -12.21 11.36 -3.59
N VAL A 177 -11.34 11.64 -2.63
CA VAL A 177 -10.97 10.64 -1.63
C VAL A 177 -12.20 10.01 -1.00
N LYS A 178 -13.25 10.80 -0.83
CA LYS A 178 -14.48 10.32 -0.23
C LYS A 178 -15.33 9.56 -1.26
N ASP A 179 -15.27 10.02 -2.51
CA ASP A 179 -16.03 9.38 -3.59
C ASP A 179 -15.59 7.92 -3.76
N ILE A 180 -14.29 7.72 -3.95
CA ILE A 180 -13.75 6.38 -4.13
C ILE A 180 -14.20 5.45 -3.00
N PRO A 181 -14.22 4.14 -3.28
CA PRO A 181 -14.62 3.12 -2.32
C PRO A 181 -13.60 2.96 -1.19
N ALA A 182 -13.63 3.87 -0.23
CA ALA A 182 -12.72 3.83 0.90
C ALA A 182 -13.44 3.51 2.20
N GLN A 183 -12.84 2.67 3.03
CA GLN A 183 -13.44 2.29 4.31
C GLN A 183 -13.33 3.43 5.32
N GLU A 184 -14.15 4.46 5.15
CA GLU A 184 -14.15 5.60 6.04
C GLU A 184 -14.27 5.15 7.50
N VAL A 185 -13.35 5.63 8.33
CA VAL A 185 -13.36 5.28 9.75
C VAL A 185 -14.69 5.63 10.40
N GLU A 186 -15.16 4.74 11.27
CA GLU A 186 -16.43 4.95 11.96
C GLU A 186 -16.21 5.28 13.43
N HIS A 187 -16.88 6.32 13.91
CA HIS A 187 -16.76 6.73 15.31
C HIS A 187 -17.05 5.58 16.26
N GLU A 188 -16.33 5.51 17.36
CA GLU A 188 -16.51 4.46 18.35
C GLU A 188 -17.91 4.53 18.96
N SER A 38 -74.53 -26.98 74.12
CA SER A 38 -73.37 -26.11 73.98
C SER A 38 -72.73 -26.27 72.61
N ALA A 39 -71.99 -25.25 72.19
CA ALA A 39 -71.31 -25.29 70.90
C ALA A 39 -70.27 -24.18 70.79
N TYR A 40 -69.06 -24.55 70.41
CA TYR A 40 -67.96 -23.59 70.28
C TYR A 40 -66.98 -24.04 69.20
N ARG A 41 -67.02 -23.37 68.06
CA ARG A 41 -66.13 -23.70 66.95
C ARG A 41 -65.72 -22.45 66.19
N LYS A 42 -64.56 -22.50 65.55
CA LYS A 42 -64.05 -21.36 64.79
C LYS A 42 -62.92 -21.80 63.86
N LYS A 43 -62.86 -21.16 62.68
CA LYS A 43 -61.83 -21.48 61.71
C LYS A 43 -61.52 -20.27 60.83
N GLY A 44 -60.44 -20.36 60.06
CA GLY A 44 -60.06 -19.28 59.19
C GLY A 44 -58.94 -18.42 59.78
N LYS A 45 -57.93 -18.14 58.97
CA LYS A 45 -56.80 -17.33 59.42
C LYS A 45 -56.67 -16.06 58.58
N GLY A 46 -56.14 -15.00 59.18
CA GLY A 46 -55.97 -13.75 58.48
C GLY A 46 -54.90 -13.83 57.42
N LYS A 47 -55.16 -13.21 56.27
CA LYS A 47 -54.21 -13.22 55.16
C LYS A 47 -53.74 -11.80 54.84
N GLY A 48 -52.70 -11.69 54.02
CA GLY A 48 -52.18 -10.40 53.64
C GLY A 48 -51.65 -10.36 52.22
N THR A 49 -50.96 -9.29 51.87
CA THR A 49 -50.41 -9.13 50.54
C THR A 49 -48.93 -8.79 50.59
N THR A 50 -48.21 -9.10 49.51
CA THR A 50 -46.78 -8.82 49.43
C THR A 50 -46.52 -7.48 48.77
N VAL A 51 -45.67 -6.67 49.40
CA VAL A 51 -45.32 -5.36 48.87
C VAL A 51 -43.92 -5.35 48.28
N GLY A 52 -43.81 -5.04 47.00
CA GLY A 52 -42.52 -5.00 46.34
C GLY A 52 -42.33 -3.75 45.50
N MET A 53 -41.19 -3.65 44.84
CA MET A 53 -40.89 -2.50 44.00
C MET A 53 -39.63 -2.74 43.17
N GLY A 54 -39.56 -2.10 42.00
CA GLY A 54 -38.41 -2.26 41.13
C GLY A 54 -37.50 -1.04 41.14
N LYS A 55 -36.50 -1.05 40.27
CA LYS A 55 -35.55 0.05 40.19
C LYS A 55 -35.45 0.56 38.75
N SER A 56 -35.38 1.89 38.60
CA SER A 56 -35.28 2.51 37.29
C SER A 56 -33.84 2.85 36.95
N SER A 57 -33.55 3.00 35.66
CA SER A 57 -32.21 3.32 35.21
C SER A 57 -32.22 3.74 33.73
N ARG A 58 -31.09 4.25 33.27
CA ARG A 58 -30.96 4.69 31.88
C ARG A 58 -29.50 4.63 31.43
N ARG A 59 -29.27 4.98 30.16
CA ARG A 59 -27.93 4.97 29.60
C ARG A 59 -27.53 6.36 29.13
N PHE A 60 -26.31 6.48 28.62
CA PHE A 60 -25.80 7.76 28.13
C PHE A 60 -25.11 7.59 26.78
N ILE A 61 -24.86 8.71 26.12
CA ILE A 61 -24.20 8.69 24.81
C ILE A 61 -23.11 9.76 24.73
N ASN A 62 -21.88 9.31 24.45
CA ASN A 62 -20.75 10.24 24.34
C ASN A 62 -20.09 10.12 22.96
N MET A 63 -19.36 11.17 22.59
CA MET A 63 -18.68 11.19 21.29
C MET A 63 -17.43 12.05 21.37
N TYR A 64 -16.53 11.87 20.40
CA TYR A 64 -15.29 12.62 20.35
C TYR A 64 -14.84 12.84 18.90
N GLY A 65 -14.76 14.11 18.50
CA GLY A 65 -14.35 14.43 17.15
C GLY A 65 -12.85 14.69 17.05
N PHE A 66 -12.22 14.09 16.05
CA PHE A 66 -10.79 14.26 15.84
C PHE A 66 -10.49 14.67 14.40
N ASP A 67 -9.46 15.50 14.24
CA ASP A 67 -9.07 15.98 12.92
C ASP A 67 -7.82 16.86 13.01
N PRO A 68 -6.67 16.23 13.26
CA PRO A 68 -5.39 16.94 13.37
C PRO A 68 -4.91 17.50 12.03
N THR A 69 -3.88 18.33 12.08
CA THR A 69 -3.33 18.93 10.87
C THR A 69 -2.84 17.87 9.89
N GLU A 70 -3.54 17.74 8.76
CA GLU A 70 -3.17 16.76 7.75
C GLU A 70 -1.70 16.89 7.36
N TYR A 71 -1.19 15.90 6.63
CA TYR A 71 0.19 15.91 6.20
C TYR A 71 0.31 16.17 4.70
N SER A 72 1.51 16.03 4.16
CA SER A 72 1.74 16.24 2.74
C SER A 72 2.70 15.19 2.18
N PHE A 73 2.14 14.19 1.53
CA PHE A 73 2.94 13.11 0.95
C PHE A 73 2.15 12.36 -0.12
N ILE A 74 2.73 11.27 -0.62
CA ILE A 74 2.07 10.46 -1.64
C ILE A 74 1.72 9.09 -1.10
N GLN A 75 0.48 8.66 -1.35
CA GLN A 75 0.02 7.35 -0.89
C GLN A 75 0.25 6.28 -1.95
N PHE A 76 1.15 5.34 -1.64
CA PHE A 76 1.47 4.26 -2.57
C PHE A 76 0.52 3.08 -2.38
N VAL A 77 0.03 2.54 -3.50
CA VAL A 77 -0.88 1.40 -3.45
C VAL A 77 -0.66 0.47 -4.63
N ASP A 78 -0.84 -0.83 -4.40
CA ASP A 78 -0.67 -1.82 -5.44
C ASP A 78 -2.01 -2.20 -6.08
N PRO A 79 -2.01 -2.39 -7.41
CA PRO A 79 -3.21 -2.75 -8.15
C PRO A 79 -3.67 -4.17 -7.86
N LEU A 80 -2.72 -5.04 -7.51
CA LEU A 80 -3.03 -6.43 -7.20
C LEU A 80 -4.20 -6.52 -6.22
N THR A 81 -3.96 -6.11 -4.98
CA THR A 81 -4.99 -6.15 -3.95
C THR A 81 -5.30 -4.75 -3.43
N GLY A 82 -4.25 -3.97 -3.20
CA GLY A 82 -4.44 -2.63 -2.70
C GLY A 82 -3.52 -2.30 -1.53
N ALA A 83 -2.25 -2.69 -1.65
CA ALA A 83 -1.27 -2.44 -0.61
C ALA A 83 -1.28 -0.98 -0.19
N GLN A 84 -0.59 -0.67 0.91
CA GLN A 84 -0.52 0.68 1.42
C GLN A 84 0.90 1.02 1.87
N ILE A 85 1.44 2.13 1.36
CA ILE A 85 2.78 2.56 1.70
C ILE A 85 2.92 4.08 1.58
N GLU A 86 3.75 4.67 2.44
CA GLU A 86 3.97 6.11 2.42
C GLU A 86 5.17 6.46 1.57
N GLU A 87 4.92 7.01 0.38
CA GLU A 87 5.99 7.39 -0.54
C GLU A 87 6.04 8.91 -0.70
N ASN A 88 7.23 9.42 -0.97
CA ASN A 88 7.42 10.85 -1.15
C ASN A 88 7.93 11.16 -2.56
N VAL A 89 8.10 12.46 -2.85
CA VAL A 89 8.58 12.88 -4.16
C VAL A 89 9.86 12.14 -4.53
N TYR A 90 10.72 11.90 -3.54
CA TYR A 90 11.97 11.21 -3.78
C TYR A 90 11.91 9.77 -3.26
N ALA A 91 10.72 9.18 -3.31
CA ALA A 91 10.53 7.81 -2.84
C ALA A 91 11.57 6.87 -3.45
N ASP A 92 12.23 6.09 -2.60
CA ASP A 92 13.24 5.15 -3.05
C ASP A 92 12.70 3.72 -3.04
N ILE A 93 12.93 3.00 -4.13
CA ILE A 93 12.47 1.62 -4.24
C ILE A 93 12.89 0.80 -3.03
N ARG A 94 14.09 1.08 -2.52
CA ARG A 94 14.61 0.37 -1.36
C ARG A 94 13.67 0.50 -0.17
N ASP A 95 13.03 1.66 -0.05
CA ASP A 95 12.10 1.91 1.04
C ASP A 95 10.77 1.21 0.80
N ILE A 96 10.20 1.42 -0.39
CA ILE A 96 8.93 0.81 -0.74
C ILE A 96 9.01 -0.71 -0.67
N GLN A 97 9.99 -1.27 -1.38
CA GLN A 97 10.18 -2.71 -1.39
C GLN A 97 10.22 -3.28 0.02
N GLU A 98 10.76 -2.50 0.96
CA GLU A 98 10.87 -2.92 2.35
C GLU A 98 9.49 -3.26 2.91
N ARG A 99 8.60 -2.27 2.93
CA ARG A 99 7.26 -2.47 3.44
C ARG A 99 6.55 -3.61 2.71
N PHE A 100 6.83 -3.74 1.42
CA PHE A 100 6.23 -4.79 0.61
C PHE A 100 6.40 -6.15 1.27
N SER A 101 7.52 -6.33 1.95
CA SER A 101 7.81 -7.59 2.62
C SER A 101 6.64 -8.03 3.50
N GLU A 102 6.07 -7.07 4.24
CA GLU A 102 4.95 -7.35 5.12
C GLU A 102 3.77 -7.90 4.33
N VAL A 103 3.27 -7.11 3.39
CA VAL A 103 2.14 -7.51 2.57
C VAL A 103 2.41 -8.84 1.87
N ARG A 104 3.51 -8.90 1.13
CA ARG A 104 3.89 -10.12 0.42
C ARG A 104 3.95 -11.31 1.38
N LYS A 105 4.46 -11.07 2.58
CA LYS A 105 4.58 -12.11 3.59
C LYS A 105 3.21 -12.68 3.95
N LYS A 106 2.28 -11.80 4.26
CA LYS A 106 0.92 -12.21 4.62
C LYS A 106 0.25 -12.94 3.46
N MET A 107 0.52 -12.48 2.25
CA MET A 107 -0.06 -13.10 1.06
C MET A 107 0.37 -14.55 0.93
N VAL A 108 1.69 -14.76 0.85
CA VAL A 108 2.24 -16.10 0.73
C VAL A 108 1.88 -16.97 1.94
N GLU A 109 1.81 -16.34 3.10
CA GLU A 109 1.48 -17.04 4.33
C GLU A 109 0.05 -17.59 4.28
N ASN A 110 -0.86 -16.78 3.76
CA ASN A 110 -2.26 -17.18 3.65
C ASN A 110 -2.38 -18.53 2.95
N ASP A 111 -1.47 -18.81 2.04
CA ASP A 111 -1.48 -20.07 1.31
C ASP A 111 -2.72 -20.18 0.42
N ASP A 112 -2.78 -19.35 -0.61
CA ASP A 112 -3.91 -19.36 -1.53
C ASP A 112 -3.46 -19.64 -2.95
N ILE A 113 -2.27 -19.16 -3.29
CA ILE A 113 -1.72 -19.36 -4.64
C ILE A 113 -0.32 -19.95 -4.56
N GLU A 114 0.20 -20.37 -5.72
CA GLU A 114 1.53 -20.94 -5.79
C GLU A 114 2.37 -20.24 -6.85
N MET A 115 1.74 -19.83 -7.94
CA MET A 115 2.43 -19.14 -9.02
C MET A 115 1.89 -17.73 -9.20
N GLN A 116 0.63 -17.53 -8.82
CA GLN A 116 0.00 -16.22 -8.94
C GLN A 116 0.88 -15.13 -8.35
N ALA A 117 1.63 -15.48 -7.30
CA ALA A 117 2.52 -14.54 -6.64
C ALA A 117 3.46 -13.87 -7.64
N LEU A 118 4.21 -14.69 -8.38
CA LEU A 118 5.14 -14.18 -9.37
C LEU A 118 4.40 -13.60 -10.58
N GLY A 119 3.32 -14.26 -10.98
CA GLY A 119 2.54 -13.78 -12.10
C GLY A 119 2.02 -12.38 -11.91
N SER A 120 1.71 -12.03 -10.65
CA SER A 120 1.20 -10.71 -10.33
C SER A 120 2.27 -9.86 -9.64
N ASN A 121 1.86 -8.72 -9.12
CA ASN A 121 2.79 -7.82 -8.43
C ASN A 121 3.84 -7.30 -9.40
N THR A 122 3.39 -6.76 -10.53
CA THR A 122 4.30 -6.23 -11.54
C THR A 122 4.23 -4.71 -11.58
N THR A 123 3.04 -4.17 -11.80
CA THR A 123 2.84 -2.73 -11.87
C THR A 123 2.40 -2.18 -10.52
N ILE A 124 2.66 -0.90 -10.30
CA ILE A 124 2.29 -0.24 -9.05
C ILE A 124 1.37 0.95 -9.31
N HIS A 125 0.59 1.31 -8.29
CA HIS A 125 -0.35 2.43 -8.41
C HIS A 125 0.06 3.57 -7.48
N ALA A 126 0.02 4.79 -7.98
CA ALA A 126 0.38 5.96 -7.19
C ALA A 126 -0.84 6.82 -6.90
N TYR A 127 -1.03 7.16 -5.62
CA TYR A 127 -2.16 7.97 -5.20
C TYR A 127 -1.69 9.25 -4.51
N PHE A 128 -1.70 10.35 -5.26
CA PHE A 128 -1.28 11.64 -4.73
C PHE A 128 -2.44 12.35 -4.04
N ARG A 129 -2.11 13.16 -3.04
CA ARG A 129 -3.13 13.90 -2.30
C ARG A 129 -2.90 15.41 -2.43
N LYS A 130 -3.99 16.15 -2.63
CA LYS A 130 -3.91 17.60 -2.77
C LYS A 130 -2.99 17.99 -3.93
N ASP A 131 -3.52 17.96 -5.13
CA ASP A 131 -2.75 18.31 -6.33
C ASP A 131 -2.88 19.79 -6.63
N TRP A 132 -4.10 20.31 -6.54
CA TRP A 132 -4.36 21.73 -6.81
C TRP A 132 -5.27 22.32 -5.75
N SER A 133 -6.50 21.85 -5.70
CA SER A 133 -7.47 22.35 -4.73
C SER A 133 -8.09 21.19 -3.94
N ASP A 134 -7.32 20.61 -3.03
CA ASP A 134 -7.79 19.50 -2.21
C ASP A 134 -8.37 18.40 -3.08
N LYS A 135 -7.64 18.02 -4.13
CA LYS A 135 -8.07 16.97 -5.04
C LYS A 135 -7.26 15.69 -4.82
N ALA A 136 -7.72 14.60 -5.42
CA ALA A 136 -7.05 13.32 -5.30
C ALA A 136 -6.58 12.81 -6.66
N LEU A 137 -5.28 12.56 -6.77
CA LEU A 137 -4.71 12.07 -8.02
C LEU A 137 -4.44 10.57 -7.96
N LYS A 138 -4.92 9.85 -8.95
CA LYS A 138 -4.72 8.40 -9.01
C LYS A 138 -4.22 7.96 -10.38
N ILE A 139 -3.02 7.41 -10.42
CA ILE A 139 -2.42 6.95 -11.67
C ILE A 139 -1.70 5.62 -11.48
N ASP A 140 -1.71 4.79 -12.52
CA ASP A 140 -1.06 3.49 -12.48
C ASP A 140 0.23 3.51 -13.30
N LEU A 141 1.35 3.23 -12.64
CA LEU A 141 2.65 3.21 -13.31
C LEU A 141 3.24 1.80 -13.32
N MET A 142 3.98 1.48 -14.38
CA MET A 142 4.60 0.17 -14.50
C MET A 142 6.12 0.29 -14.47
N PRO A 143 6.79 -0.79 -14.04
CA PRO A 143 8.25 -0.84 -13.96
C PRO A 143 8.91 -0.87 -15.33
N HIS A 144 10.17 -0.44 -15.39
CA HIS A 144 10.91 -0.42 -16.65
C HIS A 144 11.22 -1.83 -17.12
N ASN A 145 11.34 -2.00 -18.44
CA ASN A 145 11.63 -3.31 -19.01
C ASN A 145 11.78 -3.21 -20.53
N PRO A 146 12.87 -2.56 -20.97
CA PRO A 146 13.16 -2.38 -22.40
C PRO A 146 13.54 -3.69 -23.08
N LEU A 147 13.50 -3.69 -24.41
CA LEU A 147 13.84 -4.88 -25.18
C LEU A 147 14.70 -4.52 -26.39
N LYS A 148 15.08 -5.54 -27.16
CA LYS A 148 15.92 -5.32 -28.34
C LYS A 148 15.46 -6.22 -29.49
N VAL A 149 15.46 -5.66 -30.70
CA VAL A 149 15.05 -6.41 -31.88
C VAL A 149 16.24 -7.11 -32.52
N CYS A 150 15.97 -8.24 -33.18
CA CYS A 150 17.02 -9.00 -33.83
C CYS A 150 16.86 -8.96 -35.36
N ASP A 151 17.93 -9.27 -36.06
CA ASP A 151 17.91 -9.27 -37.52
C ASP A 151 16.84 -10.21 -38.05
N LYS A 152 15.99 -9.71 -38.94
CA LYS A 152 14.92 -10.50 -39.53
C LYS A 152 15.46 -11.44 -40.61
N THR A 153 14.73 -12.50 -40.89
CA THR A 153 15.13 -13.46 -41.90
C THR A 153 14.46 -13.16 -43.25
N ASN A 154 13.14 -13.18 -43.26
CA ASN A 154 12.37 -12.90 -44.47
C ASN A 154 12.34 -11.41 -44.77
N GLY A 155 12.57 -11.05 -46.03
CA GLY A 155 12.57 -9.66 -46.42
C GLY A 155 11.40 -9.31 -47.33
N ILE A 156 10.95 -10.30 -48.11
CA ILE A 156 9.84 -10.10 -49.02
C ILE A 156 8.65 -9.44 -48.31
N ALA A 157 8.59 -9.61 -46.99
CA ALA A 157 7.51 -9.02 -46.21
C ALA A 157 8.07 -8.23 -45.03
N LYS A 158 8.28 -6.94 -45.24
CA LYS A 158 8.80 -6.06 -44.21
C LYS A 158 7.69 -5.58 -43.28
N PHE A 159 8.02 -5.44 -42.00
CA PHE A 159 7.04 -5.00 -41.00
C PHE A 159 7.73 -4.28 -39.85
N PRO A 160 8.25 -3.06 -40.13
CA PRO A 160 8.94 -2.25 -39.13
C PRO A 160 7.99 -1.72 -38.06
N GLU A 161 8.55 -1.21 -36.97
CA GLU A 161 7.76 -0.67 -35.88
C GLU A 161 8.63 0.13 -34.91
N ARG A 162 8.20 1.34 -34.58
CA ARG A 162 8.94 2.20 -33.68
C ARG A 162 9.23 1.48 -32.36
N GLU A 163 10.31 1.88 -31.71
CA GLU A 163 10.70 1.27 -30.44
C GLU A 163 10.52 2.25 -29.28
N LEU A 164 10.26 1.71 -28.09
CA LEU A 164 10.06 2.54 -26.91
C LEU A 164 10.70 1.88 -25.68
N GLU A 165 10.76 2.63 -24.58
CA GLU A 165 11.33 2.12 -23.34
C GLU A 165 10.25 1.56 -22.43
N LEU A 166 9.47 2.46 -21.82
CA LEU A 166 8.40 2.06 -20.92
C LEU A 166 7.05 2.51 -21.45
N ARG A 167 6.09 1.59 -21.47
CA ARG A 167 4.75 1.90 -21.95
C ARG A 167 3.79 2.12 -20.79
N GLN A 168 3.33 3.37 -20.64
CA GLN A 168 2.41 3.72 -19.56
C GLN A 168 1.04 3.08 -19.78
N THR A 169 0.33 2.83 -18.70
CA THR A 169 -1.00 2.22 -18.78
C THR A 169 -2.09 3.28 -18.78
N GLY A 170 -1.81 4.41 -19.42
CA GLY A 170 -2.78 5.49 -19.47
C GLY A 170 -2.38 6.69 -18.64
N PRO A 171 -3.04 7.82 -18.86
CA PRO A 171 -2.76 9.07 -18.12
C PRO A 171 -3.20 8.99 -16.66
N ALA A 172 -3.15 10.12 -15.97
CA ALA A 172 -3.53 10.19 -14.57
C ALA A 172 -4.97 10.66 -14.42
N VAL A 173 -5.64 10.19 -13.37
CA VAL A 173 -7.03 10.57 -13.12
C VAL A 173 -7.12 11.50 -11.91
N GLU A 174 -7.69 12.68 -12.12
CA GLU A 174 -7.85 13.66 -11.05
C GLU A 174 -9.31 13.78 -10.64
N VAL A 175 -9.57 13.61 -9.34
CA VAL A 175 -10.93 13.70 -8.81
C VAL A 175 -10.93 14.20 -7.37
N ASP A 176 -11.84 15.10 -7.07
CA ASP A 176 -11.95 15.66 -5.72
C ASP A 176 -12.04 14.54 -4.68
N VAL A 177 -11.31 14.70 -3.58
CA VAL A 177 -11.30 13.71 -2.52
C VAL A 177 -12.73 13.37 -2.08
N LYS A 178 -13.60 14.37 -2.10
CA LYS A 178 -14.99 14.17 -1.71
C LYS A 178 -15.77 13.47 -2.82
N ASP A 179 -15.43 13.78 -4.07
CA ASP A 179 -16.10 13.17 -5.20
C ASP A 179 -15.87 11.66 -5.23
N ILE A 180 -14.63 11.25 -5.09
CA ILE A 180 -14.28 9.83 -5.08
C ILE A 180 -14.95 9.09 -3.93
N PRO A 181 -15.16 7.78 -4.10
CA PRO A 181 -15.79 6.95 -3.09
C PRO A 181 -14.89 6.75 -1.86
N ALA A 182 -14.85 7.76 -1.00
CA ALA A 182 -14.03 7.68 0.21
C ALA A 182 -14.80 7.03 1.35
N GLN A 183 -14.08 6.39 2.26
CA GLN A 183 -14.69 5.72 3.40
C GLN A 183 -14.49 6.54 4.68
N GLU A 184 -15.46 7.39 4.99
CA GLU A 184 -15.39 8.22 6.19
C GLU A 184 -15.38 7.37 7.45
N VAL A 185 -14.49 7.71 8.38
CA VAL A 185 -14.36 6.97 9.63
C VAL A 185 -15.39 7.45 10.64
N GLU A 186 -16.08 6.50 11.28
CA GLU A 186 -17.10 6.82 12.27
C GLU A 186 -16.62 6.43 13.67
N HIS A 187 -16.28 7.44 14.47
CA HIS A 187 -15.82 7.21 15.83
C HIS A 187 -16.95 6.66 16.71
N GLU A 188 -16.59 5.94 17.76
CA GLU A 188 -17.56 5.37 18.68
C GLU A 188 -18.18 6.45 19.56
N SER A 38 19.74 -36.34 22.86
CA SER A 38 19.94 -34.90 22.98
C SER A 38 19.25 -34.36 24.24
N ALA A 39 19.87 -34.63 25.39
CA ALA A 39 19.31 -34.17 26.67
C ALA A 39 19.28 -32.65 26.73
N TYR A 40 18.08 -32.07 26.66
CA TYR A 40 17.92 -30.63 26.71
C TYR A 40 18.29 -30.09 28.09
N ARG A 41 18.66 -28.82 28.14
CA ARG A 41 19.04 -28.18 29.39
C ARG A 41 18.19 -26.94 29.65
N LYS A 42 18.10 -26.53 30.91
CA LYS A 42 17.33 -25.36 31.29
C LYS A 42 18.24 -24.21 31.70
N LYS A 43 18.11 -23.07 31.03
CA LYS A 43 18.92 -21.90 31.32
C LYS A 43 18.25 -21.04 32.38
N GLY A 44 17.01 -20.63 32.11
CA GLY A 44 16.28 -19.80 33.04
C GLY A 44 14.79 -19.81 32.79
N LYS A 45 14.07 -18.88 33.42
CA LYS A 45 12.62 -18.80 33.25
C LYS A 45 12.21 -17.38 32.85
N GLY A 46 12.73 -16.39 33.57
CA GLY A 46 12.40 -15.00 33.27
C GLY A 46 12.14 -14.19 34.52
N LYS A 47 13.12 -14.12 35.40
CA LYS A 47 12.99 -13.38 36.64
C LYS A 47 12.59 -11.93 36.36
N GLY A 48 11.34 -11.59 36.67
CA GLY A 48 10.86 -10.24 36.44
C GLY A 48 9.82 -9.82 37.46
N THR A 49 9.69 -8.52 37.66
CA THR A 49 8.72 -7.98 38.62
C THR A 49 8.07 -6.71 38.09
N THR A 50 6.74 -6.69 38.08
CA THR A 50 5.99 -5.53 37.59
C THR A 50 5.86 -4.47 38.68
N VAL A 51 5.73 -3.22 38.26
CA VAL A 51 5.60 -2.11 39.20
C VAL A 51 4.70 -1.01 38.63
N GLY A 52 3.71 -0.59 39.40
CA GLY A 52 2.81 0.46 38.96
C GLY A 52 2.58 1.51 40.02
N MET A 53 3.66 1.96 40.65
CA MET A 53 3.57 2.98 41.69
C MET A 53 3.15 4.32 41.10
N GLY A 54 1.87 4.66 41.24
CA GLY A 54 1.37 5.91 40.71
C GLY A 54 -0.01 6.25 41.22
N LYS A 55 -0.07 6.97 42.34
CA LYS A 55 -1.34 7.36 42.93
C LYS A 55 -1.74 8.77 42.50
N SER A 56 -1.70 9.01 41.20
CA SER A 56 -2.05 10.31 40.65
C SER A 56 -3.55 10.58 40.79
N SER A 57 -3.90 11.48 41.70
CA SER A 57 -5.30 11.82 41.94
C SER A 57 -5.59 13.26 41.50
N ARG A 58 -6.55 13.40 40.60
CA ARG A 58 -6.94 14.71 40.09
C ARG A 58 -8.31 14.67 39.42
N ARG A 59 -9.03 15.78 39.50
CA ARG A 59 -10.36 15.86 38.90
C ARG A 59 -10.76 17.32 38.68
N PHE A 60 -10.98 17.68 37.42
CA PHE A 60 -11.37 19.04 37.08
C PHE A 60 -12.26 19.06 35.84
N ILE A 61 -12.88 20.21 35.58
CA ILE A 61 -13.76 20.35 34.42
C ILE A 61 -13.08 21.15 33.30
N ASN A 62 -12.28 20.46 32.51
CA ASN A 62 -11.57 21.10 31.40
C ASN A 62 -10.81 20.08 30.57
N MET A 63 -11.23 19.92 29.31
CA MET A 63 -10.59 18.97 28.41
C MET A 63 -10.46 19.56 27.01
N TYR A 64 -9.23 19.82 26.59
CA TYR A 64 -8.97 20.38 25.27
C TYR A 64 -7.48 20.46 24.99
N GLY A 65 -7.13 20.57 23.71
CA GLY A 65 -5.73 20.65 23.33
C GLY A 65 -5.54 20.86 21.84
N PHE A 66 -4.29 21.01 21.41
CA PHE A 66 -3.99 21.22 20.00
C PHE A 66 -3.24 20.02 19.42
N ASP A 67 -3.16 19.97 18.10
CA ASP A 67 -2.47 18.87 17.42
C ASP A 67 -2.51 19.06 15.91
N PRO A 68 -1.72 20.03 15.41
CA PRO A 68 -1.65 20.33 13.98
C PRO A 68 -0.96 19.23 13.19
N THR A 69 -1.52 18.90 12.02
CA THR A 69 -0.96 17.86 11.17
C THR A 69 -0.13 18.47 10.04
N GLU A 70 -0.81 19.04 9.06
CA GLU A 70 -0.15 19.65 7.92
C GLU A 70 0.74 18.64 7.20
N TYR A 71 0.15 17.50 6.84
CA TYR A 71 0.89 16.45 6.15
C TYR A 71 0.76 16.60 4.64
N SER A 72 1.62 15.90 3.91
CA SER A 72 1.61 15.95 2.45
C SER A 72 2.64 15.01 1.86
N PHE A 73 2.17 13.97 1.18
CA PHE A 73 3.05 12.98 0.57
C PHE A 73 2.29 12.13 -0.44
N ILE A 74 2.97 11.11 -0.96
CA ILE A 74 2.35 10.22 -1.95
C ILE A 74 1.94 8.90 -1.30
N GLN A 75 0.66 8.54 -1.46
CA GLN A 75 0.14 7.31 -0.89
C GLN A 75 0.29 6.15 -1.88
N PHE A 76 1.13 5.18 -1.52
CA PHE A 76 1.36 4.02 -2.37
C PHE A 76 0.35 2.91 -2.08
N VAL A 77 -0.32 2.45 -3.13
CA VAL A 77 -1.32 1.39 -2.98
C VAL A 77 -1.33 0.47 -4.21
N ASP A 78 -1.58 -0.81 -3.97
CA ASP A 78 -1.62 -1.78 -5.06
C ASP A 78 -2.99 -1.78 -5.74
N PRO A 79 -3.03 -2.34 -6.96
CA PRO A 79 -4.28 -2.41 -7.74
C PRO A 79 -5.28 -3.38 -7.14
N LEU A 80 -4.83 -4.59 -6.82
CA LEU A 80 -5.68 -5.61 -6.24
C LEU A 80 -5.15 -6.06 -4.89
N THR A 81 -3.83 -6.15 -4.78
CA THR A 81 -3.19 -6.59 -3.55
C THR A 81 -3.74 -5.83 -2.34
N GLY A 82 -4.13 -4.58 -2.58
CA GLY A 82 -4.67 -3.76 -1.51
C GLY A 82 -3.61 -3.31 -0.53
N ALA A 83 -2.35 -3.45 -0.92
CA ALA A 83 -1.24 -3.05 -0.06
C ALA A 83 -1.38 -1.60 0.39
N GLN A 84 -0.59 -1.23 1.40
CA GLN A 84 -0.63 0.13 1.92
C GLN A 84 0.76 0.61 2.33
N ILE A 85 1.20 1.70 1.71
CA ILE A 85 2.53 2.25 2.01
C ILE A 85 2.54 3.76 1.82
N GLU A 86 3.33 4.45 2.63
CA GLU A 86 3.44 5.91 2.54
C GLU A 86 4.77 6.32 1.94
N GLU A 87 4.74 6.79 0.70
CA GLU A 87 5.95 7.23 0.00
C GLU A 87 5.95 8.74 -0.18
N ASN A 88 7.10 9.27 -0.58
CA ASN A 88 7.25 10.70 -0.80
C ASN A 88 7.36 11.02 -2.29
N VAL A 89 7.58 12.30 -2.60
CA VAL A 89 7.70 12.73 -3.98
C VAL A 89 8.90 12.08 -4.65
N TYR A 90 9.97 11.90 -3.89
CA TYR A 90 11.19 11.29 -4.42
C TYR A 90 11.53 10.02 -3.66
N ALA A 91 10.51 9.20 -3.41
CA ALA A 91 10.70 7.94 -2.69
C ALA A 91 11.51 6.95 -3.53
N ASP A 92 12.33 6.16 -2.86
CA ASP A 92 13.17 5.17 -3.54
C ASP A 92 12.58 3.77 -3.37
N ILE A 93 12.56 3.01 -4.47
CA ILE A 93 12.03 1.65 -4.45
C ILE A 93 12.64 0.85 -3.31
N ARG A 94 13.91 1.11 -3.02
CA ARG A 94 14.62 0.40 -1.96
C ARG A 94 13.83 0.45 -0.65
N ASP A 95 13.17 1.58 -0.42
CA ASP A 95 12.37 1.75 0.79
C ASP A 95 11.10 0.92 0.74
N ILE A 96 10.33 1.08 -0.34
CA ILE A 96 9.09 0.34 -0.52
C ILE A 96 9.33 -1.16 -0.36
N GLN A 97 10.49 -1.62 -0.80
CA GLN A 97 10.83 -3.04 -0.71
C GLN A 97 10.63 -3.56 0.71
N GLU A 98 11.05 -2.76 1.68
CA GLU A 98 10.91 -3.14 3.09
C GLU A 98 9.46 -3.46 3.43
N ARG A 99 8.59 -2.47 3.27
CA ARG A 99 7.17 -2.64 3.56
C ARG A 99 6.59 -3.82 2.79
N PHE A 100 7.08 -4.02 1.57
CA PHE A 100 6.61 -5.11 0.73
C PHE A 100 6.68 -6.44 1.48
N SER A 101 7.64 -6.57 2.37
CA SER A 101 7.82 -7.79 3.16
C SER A 101 6.52 -8.16 3.86
N GLU A 102 5.77 -7.15 4.30
CA GLU A 102 4.52 -7.37 4.99
C GLU A 102 3.48 -7.98 4.06
N VAL A 103 3.15 -7.25 3.00
CA VAL A 103 2.18 -7.72 2.02
C VAL A 103 2.59 -9.07 1.42
N ARG A 104 3.89 -9.25 1.24
CA ARG A 104 4.43 -10.48 0.68
C ARG A 104 4.29 -11.63 1.68
N LYS A 105 4.73 -11.40 2.90
CA LYS A 105 4.66 -12.41 3.96
C LYS A 105 3.22 -12.89 4.15
N LYS A 106 2.28 -11.96 4.10
CA LYS A 106 0.87 -12.29 4.26
C LYS A 106 0.33 -12.99 3.03
N MET A 107 0.73 -12.52 1.86
CA MET A 107 0.28 -13.11 0.60
C MET A 107 0.66 -14.60 0.53
N VAL A 108 1.88 -14.91 0.96
CA VAL A 108 2.35 -16.28 0.95
C VAL A 108 1.81 -17.07 2.15
N GLU A 109 1.67 -16.38 3.27
CA GLU A 109 1.16 -17.01 4.49
C GLU A 109 -0.24 -17.56 4.27
N ASN A 110 -1.06 -16.80 3.55
CA ASN A 110 -2.43 -17.20 3.27
C ASN A 110 -2.48 -18.61 2.68
N ASP A 111 -1.42 -18.97 1.96
CA ASP A 111 -1.34 -20.29 1.34
C ASP A 111 -2.43 -20.46 0.29
N ASP A 112 -2.23 -19.81 -0.86
CA ASP A 112 -3.19 -19.89 -1.95
C ASP A 112 -2.48 -19.94 -3.30
N ILE A 113 -1.44 -19.13 -3.45
CA ILE A 113 -0.67 -19.07 -4.68
C ILE A 113 0.82 -19.22 -4.41
N GLU A 114 1.62 -19.11 -5.47
CA GLU A 114 3.06 -19.23 -5.34
C GLU A 114 3.77 -18.12 -6.11
N MET A 115 3.25 -17.80 -7.30
CA MET A 115 3.84 -16.75 -8.13
C MET A 115 2.77 -16.11 -9.01
N GLN A 116 1.52 -16.17 -8.56
CA GLN A 116 0.41 -15.59 -9.31
C GLN A 116 0.30 -14.09 -9.03
N ALA A 117 0.48 -13.71 -7.77
CA ALA A 117 0.40 -12.31 -7.38
C ALA A 117 1.52 -11.50 -8.01
N LEU A 118 2.73 -12.08 -8.04
CA LEU A 118 3.88 -11.41 -8.62
C LEU A 118 3.97 -11.66 -10.11
N GLY A 119 3.72 -12.90 -10.51
CA GLY A 119 3.78 -13.26 -11.93
C GLY A 119 2.75 -12.51 -12.75
N SER A 120 1.60 -12.24 -12.15
CA SER A 120 0.53 -11.53 -12.84
C SER A 120 0.56 -10.03 -12.52
N ASN A 121 0.26 -9.71 -11.27
CA ASN A 121 0.25 -8.32 -10.83
C ASN A 121 1.68 -7.80 -10.64
N THR A 122 1.97 -6.63 -11.21
CA THR A 122 3.29 -6.03 -11.10
C THR A 122 3.19 -4.52 -10.98
N THR A 123 2.30 -3.91 -11.75
CA THR A 123 2.11 -2.47 -11.72
C THR A 123 1.55 -2.01 -10.38
N ILE A 124 1.99 -0.86 -9.91
CA ILE A 124 1.53 -0.31 -8.64
C ILE A 124 0.73 0.97 -8.86
N HIS A 125 -0.14 1.28 -7.90
CA HIS A 125 -0.98 2.47 -7.98
C HIS A 125 -0.45 3.56 -7.05
N ALA A 126 -0.08 4.70 -7.62
CA ALA A 126 0.43 5.82 -6.84
C ALA A 126 -0.62 6.90 -6.67
N TYR A 127 -1.02 7.14 -5.42
CA TYR A 127 -2.03 8.14 -5.11
C TYR A 127 -1.38 9.45 -4.68
N PHE A 128 -1.17 10.36 -5.63
CA PHE A 128 -0.57 11.65 -5.34
C PHE A 128 -1.62 12.66 -4.92
N ARG A 129 -1.43 13.24 -3.74
CA ARG A 129 -2.36 14.24 -3.22
C ARG A 129 -1.95 15.65 -3.62
N LYS A 130 -2.86 16.36 -4.29
CA LYS A 130 -2.58 17.71 -4.73
C LYS A 130 -2.41 18.66 -3.55
N ASP A 131 -1.41 19.54 -3.63
CA ASP A 131 -1.15 20.49 -2.57
C ASP A 131 -1.85 21.82 -2.84
N TRP A 132 -1.61 22.38 -4.02
CA TRP A 132 -2.22 23.65 -4.40
C TRP A 132 -3.74 23.59 -4.26
N SER A 133 -4.35 22.62 -4.93
CA SER A 133 -5.79 22.46 -4.88
C SER A 133 -6.17 21.24 -4.06
N ASP A 134 -7.47 20.96 -3.97
CA ASP A 134 -7.97 19.82 -3.22
C ASP A 134 -8.43 18.72 -4.15
N LYS A 135 -7.47 17.98 -4.72
CA LYS A 135 -7.78 16.89 -5.63
C LYS A 135 -6.75 15.77 -5.50
N ALA A 136 -7.22 14.53 -5.63
CA ALA A 136 -6.34 13.37 -5.53
C ALA A 136 -6.15 12.70 -6.88
N LEU A 137 -4.90 12.53 -7.28
CA LEU A 137 -4.57 11.91 -8.55
C LEU A 137 -4.01 10.50 -8.35
N LYS A 138 -4.37 9.59 -9.24
CA LYS A 138 -3.91 8.21 -9.16
C LYS A 138 -3.29 7.77 -10.48
N ILE A 139 -2.01 7.41 -10.45
CA ILE A 139 -1.31 6.97 -11.64
C ILE A 139 -0.69 5.59 -11.44
N ASP A 140 -0.65 4.80 -12.51
CA ASP A 140 -0.08 3.46 -12.44
C ASP A 140 1.40 3.47 -12.80
N LEU A 141 2.24 3.06 -11.85
CA LEU A 141 3.68 3.03 -12.05
C LEU A 141 4.15 1.62 -12.40
N MET A 142 4.92 1.51 -13.48
CA MET A 142 5.44 0.22 -13.92
C MET A 142 6.95 0.25 -14.02
N PRO A 143 7.58 -0.93 -13.86
CA PRO A 143 9.04 -1.07 -13.92
C PRO A 143 9.58 -0.85 -15.33
N HIS A 144 9.95 0.39 -15.64
CA HIS A 144 10.49 0.74 -16.95
C HIS A 144 11.66 -0.17 -17.31
N ASN A 145 11.67 -0.65 -18.55
CA ASN A 145 12.73 -1.53 -19.02
C ASN A 145 12.50 -1.93 -20.47
N PRO A 146 11.37 -2.60 -20.72
CA PRO A 146 11.00 -3.07 -22.07
C PRO A 146 10.63 -1.91 -22.99
N LEU A 147 11.01 -2.03 -24.26
CA LEU A 147 10.72 -0.99 -25.25
C LEU A 147 9.41 -1.28 -25.97
N LYS A 148 9.02 -0.39 -26.87
CA LYS A 148 7.79 -0.55 -27.63
C LYS A 148 8.07 -0.54 -29.13
N VAL A 149 7.03 -0.73 -29.94
CA VAL A 149 7.17 -0.73 -31.39
C VAL A 149 5.81 -0.87 -32.07
N CYS A 150 5.67 -0.23 -33.23
CA CYS A 150 4.42 -0.28 -33.98
C CYS A 150 4.61 0.31 -35.37
N ASP A 151 3.78 -0.13 -36.32
CA ASP A 151 3.85 0.35 -37.69
C ASP A 151 3.13 1.69 -37.83
N LYS A 152 3.26 2.29 -39.01
CA LYS A 152 2.63 3.58 -39.27
C LYS A 152 1.37 3.41 -40.11
N THR A 153 1.55 3.10 -41.39
CA THR A 153 0.43 2.90 -42.31
C THR A 153 0.71 1.76 -43.27
N ASN A 154 -0.37 1.12 -43.74
CA ASN A 154 -0.25 0.01 -44.67
C ASN A 154 -1.53 -0.17 -45.47
N GLY A 155 -1.40 -0.74 -46.67
CA GLY A 155 -2.56 -0.96 -47.53
C GLY A 155 -3.61 -1.81 -46.85
N ILE A 156 -3.29 -3.06 -46.58
CA ILE A 156 -4.22 -3.98 -45.94
C ILE A 156 -3.49 -4.94 -45.01
N ALA A 157 -4.16 -5.31 -43.92
CA ALA A 157 -3.57 -6.23 -42.94
C ALA A 157 -4.25 -7.59 -43.00
N LYS A 158 -3.61 -8.59 -42.40
CA LYS A 158 -4.14 -9.95 -42.37
C LYS A 158 -4.26 -10.46 -40.95
N PHE A 159 -4.85 -9.64 -40.08
CA PHE A 159 -5.02 -10.02 -38.68
C PHE A 159 -3.67 -10.22 -38.00
N PRO A 160 -2.97 -9.12 -37.73
CA PRO A 160 -1.66 -9.15 -37.09
C PRO A 160 -1.74 -9.57 -35.62
N GLU A 161 -0.63 -9.44 -34.90
CA GLU A 161 -0.58 -9.81 -33.50
C GLU A 161 0.71 -9.31 -32.85
N ARG A 162 0.61 -8.89 -31.59
CA ARG A 162 1.76 -8.38 -30.85
C ARG A 162 1.62 -8.67 -29.36
N GLU A 163 2.74 -8.63 -28.65
CA GLU A 163 2.75 -8.89 -27.22
C GLU A 163 3.81 -8.05 -26.52
N LEU A 164 3.77 -8.03 -25.19
CA LEU A 164 4.74 -7.27 -24.40
C LEU A 164 4.58 -7.56 -22.91
N GLU A 165 5.61 -7.24 -22.13
CA GLU A 165 5.57 -7.46 -20.70
C GLU A 165 4.59 -6.51 -20.01
N LEU A 166 4.98 -5.24 -19.92
CA LEU A 166 4.14 -4.23 -19.29
C LEU A 166 3.30 -3.50 -20.33
N ARG A 167 2.15 -2.99 -19.90
CA ARG A 167 1.26 -2.27 -20.80
C ARG A 167 1.60 -0.77 -20.82
N GLN A 168 1.27 -0.11 -21.93
CA GLN A 168 1.55 1.31 -22.08
C GLN A 168 0.97 2.11 -20.91
N THR A 169 1.76 3.04 -20.39
CA THR A 169 1.33 3.86 -19.27
C THR A 169 0.09 4.66 -19.62
N GLY A 170 -1.07 4.18 -19.16
CA GLY A 170 -2.32 4.86 -19.44
C GLY A 170 -2.40 6.23 -18.79
N PRO A 171 -3.40 7.02 -19.18
CA PRO A 171 -3.60 8.36 -18.64
C PRO A 171 -4.05 8.35 -17.19
N ALA A 172 -3.30 9.05 -16.33
CA ALA A 172 -3.62 9.11 -14.92
C ALA A 172 -5.06 9.56 -14.69
N VAL A 173 -5.61 9.27 -13.51
CA VAL A 173 -6.97 9.65 -13.18
C VAL A 173 -7.00 10.59 -11.99
N GLU A 174 -7.65 11.74 -12.18
CA GLU A 174 -7.75 12.74 -11.11
C GLU A 174 -9.19 12.86 -10.61
N VAL A 175 -9.34 13.05 -9.31
CA VAL A 175 -10.67 13.18 -8.71
C VAL A 175 -10.62 14.05 -7.46
N ASP A 176 -11.61 14.92 -7.31
CA ASP A 176 -11.68 15.81 -6.16
C ASP A 176 -11.58 15.02 -4.85
N VAL A 177 -10.73 15.50 -3.94
CA VAL A 177 -10.55 14.84 -2.66
C VAL A 177 -11.88 14.57 -1.97
N LYS A 178 -12.86 15.45 -2.21
CA LYS A 178 -14.18 15.30 -1.63
C LYS A 178 -15.03 14.33 -2.44
N ASP A 179 -14.85 14.33 -3.75
CA ASP A 179 -15.59 13.45 -4.63
C ASP A 179 -15.29 11.99 -4.32
N ILE A 180 -14.01 11.66 -4.23
CA ILE A 180 -13.59 10.29 -3.92
C ILE A 180 -14.19 9.81 -2.61
N PRO A 181 -14.32 8.49 -2.46
CA PRO A 181 -14.89 7.87 -1.26
C PRO A 181 -13.95 8.00 -0.06
N ALA A 182 -13.94 9.18 0.56
CA ALA A 182 -13.10 9.43 1.72
C ALA A 182 -13.67 10.55 2.58
N GLN A 183 -13.37 10.50 3.87
CA GLN A 183 -13.86 11.51 4.80
C GLN A 183 -12.71 12.31 5.39
N GLU A 184 -12.63 13.59 5.03
CA GLU A 184 -11.58 14.46 5.53
C GLU A 184 -11.49 14.40 7.05
N VAL A 185 -10.45 13.73 7.54
CA VAL A 185 -10.23 13.60 8.98
C VAL A 185 -8.80 13.94 9.36
N GLU A 186 -8.62 14.41 10.59
CA GLU A 186 -7.29 14.78 11.08
C GLU A 186 -6.71 13.67 11.95
N HIS A 187 -5.46 13.30 11.66
CA HIS A 187 -4.78 12.26 12.41
C HIS A 187 -4.06 12.83 13.63
N GLU A 188 -3.72 11.96 14.57
CA GLU A 188 -3.03 12.39 15.79
C GLU A 188 -1.68 13.01 15.45
N SER A 38 69.16 -40.13 9.90
CA SER A 38 68.03 -40.99 10.26
C SER A 38 66.71 -40.28 10.01
N ALA A 39 65.61 -41.00 10.21
CA ALA A 39 64.28 -40.44 10.01
C ALA A 39 63.20 -41.44 10.43
N TYR A 40 61.94 -41.05 10.24
CA TYR A 40 60.81 -41.90 10.59
C TYR A 40 59.51 -41.37 10.00
N ARG A 41 58.63 -42.28 9.59
CA ARG A 41 57.35 -41.90 9.01
C ARG A 41 56.31 -41.68 10.10
N LYS A 42 55.39 -40.76 9.85
CA LYS A 42 54.33 -40.46 10.81
C LYS A 42 52.97 -40.44 10.12
N LYS A 43 52.16 -41.44 10.41
CA LYS A 43 50.83 -41.55 9.82
C LYS A 43 49.75 -41.48 10.90
N GLY A 44 48.54 -41.07 10.51
CA GLY A 44 47.45 -40.97 11.46
C GLY A 44 46.25 -40.25 10.89
N LYS A 45 45.71 -40.76 9.78
CA LYS A 45 44.57 -40.15 9.13
C LYS A 45 43.40 -40.00 10.11
N GLY A 46 42.53 -39.03 9.85
CA GLY A 46 41.39 -38.80 10.72
C GLY A 46 40.76 -37.44 10.49
N LYS A 47 39.72 -37.40 9.69
CA LYS A 47 39.02 -36.15 9.39
C LYS A 47 37.56 -36.41 9.05
N GLY A 48 36.67 -35.74 9.78
CA GLY A 48 35.25 -35.90 9.55
C GLY A 48 34.41 -35.28 10.64
N THR A 49 34.10 -33.99 10.50
CA THR A 49 33.30 -33.28 11.48
C THR A 49 32.09 -32.62 10.84
N THR A 50 30.93 -32.78 11.47
CA THR A 50 29.70 -32.19 10.95
C THR A 50 29.08 -31.23 11.96
N VAL A 51 28.53 -30.13 11.47
CA VAL A 51 27.90 -29.13 12.32
C VAL A 51 26.91 -28.27 11.54
N GLY A 52 25.73 -28.08 12.11
CA GLY A 52 24.71 -27.28 11.46
C GLY A 52 23.48 -27.08 12.31
N MET A 53 23.27 -25.87 12.79
CA MET A 53 22.13 -25.56 13.64
C MET A 53 21.35 -24.36 13.08
N GLY A 54 20.06 -24.53 12.89
CA GLY A 54 19.23 -23.45 12.37
C GLY A 54 18.32 -22.86 13.43
N LYS A 55 18.88 -21.94 14.23
CA LYS A 55 18.12 -21.29 15.28
C LYS A 55 17.11 -20.31 14.71
N SER A 56 15.84 -20.48 15.08
CA SER A 56 14.78 -19.61 14.58
C SER A 56 14.71 -18.33 15.39
N SER A 57 14.47 -17.21 14.70
CA SER A 57 14.40 -15.91 15.34
C SER A 57 13.11 -15.18 14.95
N ARG A 58 12.63 -14.31 15.83
CA ARG A 58 11.42 -13.55 15.56
C ARG A 58 11.75 -12.07 15.31
N ARG A 59 11.07 -11.48 14.34
CA ARG A 59 11.28 -10.09 14.00
C ARG A 59 10.31 -9.18 14.75
N PHE A 60 10.84 -8.12 15.34
CA PHE A 60 10.01 -7.18 16.10
C PHE A 60 9.51 -6.05 15.20
N ILE A 61 8.64 -5.20 15.75
CA ILE A 61 8.09 -4.08 15.00
C ILE A 61 8.37 -2.76 15.70
N ASN A 62 8.85 -1.78 14.93
CA ASN A 62 9.15 -0.46 15.49
C ASN A 62 8.46 0.63 14.69
N MET A 63 8.22 1.77 15.33
CA MET A 63 7.57 2.90 14.68
C MET A 63 8.34 4.19 14.93
N TYR A 64 7.83 5.29 14.39
CA TYR A 64 8.47 6.60 14.56
C TYR A 64 7.43 7.70 14.66
N GLY A 65 7.80 8.80 15.32
CA GLY A 65 6.89 9.92 15.47
C GLY A 65 6.89 10.84 14.26
N PHE A 66 5.93 11.76 14.23
CA PHE A 66 5.81 12.69 13.11
C PHE A 66 5.42 14.08 13.62
N ASP A 67 6.00 15.11 13.02
CA ASP A 67 5.71 16.49 13.40
C ASP A 67 4.21 16.74 13.40
N PRO A 68 3.79 17.78 14.14
CA PRO A 68 2.37 18.15 14.25
C PRO A 68 1.83 18.73 12.96
N THR A 69 2.68 19.44 12.22
CA THR A 69 2.28 20.06 10.97
C THR A 69 1.64 19.03 10.04
N GLU A 70 1.05 19.51 8.95
CA GLU A 70 0.40 18.63 7.98
C GLU A 70 1.37 17.57 7.47
N TYR A 71 0.84 16.60 6.73
CA TYR A 71 1.65 15.52 6.19
C TYR A 71 1.98 15.77 4.72
N SER A 72 0.95 15.79 3.88
CA SER A 72 1.12 16.02 2.45
C SER A 72 2.03 14.96 1.84
N PHE A 73 1.61 13.71 1.94
CA PHE A 73 2.39 12.59 1.40
C PHE A 73 1.60 11.86 0.31
N ILE A 74 2.14 10.74 -0.14
CA ILE A 74 1.49 9.94 -1.17
C ILE A 74 1.19 8.53 -0.68
N GLN A 75 0.04 8.00 -1.09
CA GLN A 75 -0.36 6.66 -0.69
C GLN A 75 -0.11 5.65 -1.81
N PHE A 76 0.68 4.62 -1.50
CA PHE A 76 1.00 3.60 -2.49
C PHE A 76 0.05 2.40 -2.35
N VAL A 77 -0.55 2.00 -3.47
CA VAL A 77 -1.46 0.87 -3.48
C VAL A 77 -1.36 0.09 -4.79
N ASP A 78 -1.54 -1.23 -4.70
CA ASP A 78 -1.47 -2.09 -5.87
C ASP A 78 -2.86 -2.33 -6.45
N PRO A 79 -2.94 -2.36 -7.79
CA PRO A 79 -4.21 -2.58 -8.51
C PRO A 79 -4.72 -4.01 -8.35
N LEU A 80 -3.80 -4.96 -8.35
CA LEU A 80 -4.15 -6.37 -8.20
C LEU A 80 -5.07 -6.58 -7.00
N THR A 81 -4.50 -6.52 -5.80
CA THR A 81 -5.26 -6.70 -4.58
C THR A 81 -5.65 -5.36 -3.96
N GLY A 82 -4.64 -4.62 -3.49
CA GLY A 82 -4.90 -3.33 -2.88
C GLY A 82 -3.96 -3.04 -1.72
N ALA A 83 -2.69 -3.41 -1.87
CA ALA A 83 -1.70 -3.19 -0.83
C ALA A 83 -1.72 -1.74 -0.35
N GLN A 84 -1.03 -1.47 0.74
CA GLN A 84 -0.96 -0.12 1.30
C GLN A 84 0.45 0.19 1.79
N ILE A 85 0.97 1.33 1.34
CA ILE A 85 2.32 1.76 1.72
C ILE A 85 2.44 3.27 1.68
N GLU A 86 3.24 3.81 2.59
CA GLU A 86 3.46 5.26 2.65
C GLU A 86 4.60 5.68 1.74
N GLU A 87 4.25 6.30 0.60
CA GLU A 87 5.26 6.74 -0.36
C GLU A 87 5.32 8.27 -0.40
N ASN A 88 6.47 8.80 -0.83
CA ASN A 88 6.66 10.23 -0.91
C ASN A 88 6.78 10.69 -2.37
N VAL A 89 7.04 11.97 -2.57
CA VAL A 89 7.18 12.53 -3.90
C VAL A 89 8.21 11.74 -4.72
N TYR A 90 9.25 11.27 -4.05
CA TYR A 90 10.30 10.51 -4.71
C TYR A 90 9.76 9.18 -5.24
N ALA A 91 8.86 8.56 -4.48
CA ALA A 91 8.26 7.30 -4.87
C ALA A 91 9.33 6.27 -5.23
N ASP A 92 10.29 6.08 -4.33
CA ASP A 92 11.37 5.13 -4.55
C ASP A 92 10.91 3.71 -4.26
N ILE A 93 10.97 2.85 -5.27
CA ILE A 93 10.56 1.46 -5.12
C ILE A 93 11.31 0.79 -3.99
N ARG A 94 12.59 1.16 -3.82
CA ARG A 94 13.41 0.58 -2.78
C ARG A 94 12.73 0.68 -1.43
N ASP A 95 12.37 1.90 -1.04
CA ASP A 95 11.70 2.12 0.24
C ASP A 95 10.39 1.35 0.31
N ILE A 96 9.60 1.44 -0.75
CA ILE A 96 8.31 0.75 -0.82
C ILE A 96 8.49 -0.74 -0.59
N GLN A 97 9.59 -1.29 -1.09
CA GLN A 97 9.87 -2.72 -0.94
C GLN A 97 9.86 -3.13 0.52
N GLU A 98 10.33 -2.24 1.38
CA GLU A 98 10.38 -2.52 2.82
C GLU A 98 9.02 -2.96 3.32
N ARG A 99 8.02 -2.08 3.18
CA ARG A 99 6.67 -2.38 3.64
C ARG A 99 6.09 -3.55 2.85
N PHE A 100 6.42 -3.63 1.57
CA PHE A 100 5.92 -4.69 0.71
C PHE A 100 6.18 -6.05 1.34
N SER A 101 7.29 -6.18 2.05
CA SER A 101 7.64 -7.43 2.71
C SER A 101 6.49 -7.96 3.54
N GLU A 102 5.83 -7.06 4.28
CA GLU A 102 4.70 -7.44 5.12
C GLU A 102 3.60 -8.09 4.29
N VAL A 103 3.15 -7.37 3.26
CA VAL A 103 2.09 -7.87 2.39
C VAL A 103 2.45 -9.24 1.82
N ARG A 104 3.55 -9.30 1.07
CA ARG A 104 4.00 -10.55 0.47
C ARG A 104 4.13 -11.64 1.53
N LYS A 105 4.65 -11.28 2.70
CA LYS A 105 4.83 -12.23 3.78
C LYS A 105 3.51 -12.91 4.13
N LYS A 106 2.49 -12.10 4.43
CA LYS A 106 1.18 -12.63 4.77
C LYS A 106 0.59 -13.41 3.61
N MET A 107 0.72 -12.88 2.40
CA MET A 107 0.20 -13.54 1.21
C MET A 107 0.66 -14.98 1.15
N VAL A 108 1.97 -15.18 1.07
CA VAL A 108 2.54 -16.52 1.01
C VAL A 108 2.32 -17.28 2.31
N GLU A 109 2.33 -16.55 3.42
CA GLU A 109 2.12 -17.16 4.74
C GLU A 109 0.86 -18.00 4.75
N ASN A 110 -0.23 -17.45 4.23
CA ASN A 110 -1.50 -18.15 4.19
C ASN A 110 -1.39 -19.44 3.39
N ASP A 111 -0.44 -19.49 2.47
CA ASP A 111 -0.22 -20.67 1.64
C ASP A 111 -1.42 -20.93 0.75
N ASP A 112 -1.63 -20.06 -0.24
CA ASP A 112 -2.74 -20.19 -1.17
C ASP A 112 -2.23 -20.38 -2.60
N ILE A 113 -1.14 -19.70 -2.93
CA ILE A 113 -0.57 -19.80 -4.26
C ILE A 113 0.93 -20.12 -4.19
N GLU A 114 1.58 -20.16 -5.35
CA GLU A 114 2.99 -20.47 -5.42
C GLU A 114 3.78 -19.25 -5.91
N MET A 115 3.52 -18.84 -7.14
CA MET A 115 4.20 -17.69 -7.73
C MET A 115 3.23 -16.83 -8.53
N GLN A 116 1.96 -16.88 -8.15
CA GLN A 116 0.93 -16.11 -8.82
C GLN A 116 0.88 -14.68 -8.29
N ALA A 117 0.90 -14.55 -6.97
CA ALA A 117 0.86 -13.24 -6.32
C ALA A 117 2.09 -12.42 -6.68
N LEU A 118 3.24 -13.08 -6.73
CA LEU A 118 4.50 -12.41 -7.06
C LEU A 118 4.71 -12.37 -8.57
N GLY A 119 4.47 -13.49 -9.23
CA GLY A 119 4.63 -13.56 -10.67
C GLY A 119 3.80 -12.53 -11.40
N SER A 120 2.62 -12.24 -10.86
CA SER A 120 1.72 -11.27 -11.47
C SER A 120 2.07 -9.85 -11.04
N ASN A 121 2.51 -9.71 -9.79
CA ASN A 121 2.87 -8.41 -9.25
C ASN A 121 3.96 -7.76 -10.11
N THR A 122 3.59 -6.74 -10.86
CA THR A 122 4.52 -6.03 -11.72
C THR A 122 4.20 -4.54 -11.78
N THR A 123 2.91 -4.22 -11.87
CA THR A 123 2.48 -2.83 -11.93
C THR A 123 1.99 -2.34 -10.57
N ILE A 124 2.05 -1.03 -10.37
CA ILE A 124 1.62 -0.44 -9.11
C ILE A 124 0.80 0.83 -9.35
N HIS A 125 -0.03 1.19 -8.37
CA HIS A 125 -0.87 2.38 -8.47
C HIS A 125 -0.46 3.41 -7.43
N ALA A 126 -0.10 4.61 -7.90
CA ALA A 126 0.30 5.68 -6.99
C ALA A 126 -0.80 6.73 -6.86
N TYR A 127 -1.21 6.99 -5.63
CA TYR A 127 -2.26 7.96 -5.36
C TYR A 127 -1.71 9.18 -4.63
N PHE A 128 -1.46 10.26 -5.37
CA PHE A 128 -0.94 11.49 -4.79
C PHE A 128 -2.05 12.32 -4.16
N ARG A 129 -1.87 12.67 -2.89
CA ARG A 129 -2.87 13.46 -2.17
C ARG A 129 -2.30 14.83 -1.82
N LYS A 130 -2.78 15.86 -2.50
CA LYS A 130 -2.32 17.23 -2.25
C LYS A 130 -0.81 17.35 -2.48
N ASP A 131 -0.37 16.96 -3.66
CA ASP A 131 1.05 17.02 -4.01
C ASP A 131 1.61 18.42 -3.74
N TRP A 132 2.34 18.56 -2.64
CA TRP A 132 2.92 19.85 -2.27
C TRP A 132 1.83 20.86 -1.95
N SER A 133 0.73 20.39 -1.39
CA SER A 133 -0.39 21.27 -1.05
C SER A 133 -1.03 21.86 -2.29
N ASP A 134 -1.98 21.14 -2.87
CA ASP A 134 -2.67 21.59 -4.07
C ASP A 134 -3.90 20.74 -4.35
N LYS A 135 -3.69 19.57 -4.95
CA LYS A 135 -4.78 18.67 -5.27
C LYS A 135 -4.31 17.22 -5.20
N ALA A 136 -5.25 16.29 -5.37
CA ALA A 136 -4.93 14.87 -5.33
C ALA A 136 -5.03 14.25 -6.72
N LEU A 137 -3.92 13.65 -7.16
CA LEU A 137 -3.88 13.02 -8.48
C LEU A 137 -3.70 11.50 -8.35
N LYS A 138 -4.33 10.77 -9.25
CA LYS A 138 -4.23 9.31 -9.25
C LYS A 138 -3.66 8.80 -10.56
N ILE A 139 -2.52 8.12 -10.49
CA ILE A 139 -1.88 7.57 -11.67
C ILE A 139 -1.26 6.20 -11.38
N ASP A 140 -1.24 5.34 -12.39
CA ASP A 140 -0.68 4.00 -12.23
C ASP A 140 0.70 3.93 -12.87
N LEU A 141 1.68 3.49 -12.08
CA LEU A 141 3.06 3.37 -12.57
C LEU A 141 3.42 1.91 -12.81
N MET A 142 4.39 1.68 -13.70
CA MET A 142 4.83 0.33 -14.02
C MET A 142 6.28 0.33 -14.50
N PRO A 143 6.97 -0.80 -14.31
CA PRO A 143 8.36 -0.95 -14.73
C PRO A 143 8.53 -0.98 -16.24
N HIS A 144 9.63 -0.39 -16.72
CA HIS A 144 9.90 -0.35 -18.15
C HIS A 144 10.65 -1.61 -18.60
N ASN A 145 10.10 -2.27 -19.62
CA ASN A 145 10.72 -3.48 -20.15
C ASN A 145 10.73 -3.47 -21.68
N PRO A 146 11.61 -2.65 -22.26
CA PRO A 146 11.74 -2.52 -23.71
C PRO A 146 12.34 -3.77 -24.35
N LEU A 147 12.59 -3.70 -25.65
CA LEU A 147 13.17 -4.83 -26.38
C LEU A 147 14.29 -4.36 -27.31
N LYS A 148 15.11 -5.31 -27.75
CA LYS A 148 16.22 -5.00 -28.64
C LYS A 148 16.12 -5.79 -29.93
N VAL A 149 17.01 -5.51 -30.87
CA VAL A 149 17.02 -6.21 -32.16
C VAL A 149 18.39 -6.82 -32.44
N CYS A 150 18.40 -8.12 -32.74
CA CYS A 150 19.63 -8.83 -33.03
C CYS A 150 19.55 -9.55 -34.36
N ASP A 151 19.26 -8.79 -35.42
CA ASP A 151 19.15 -9.35 -36.77
C ASP A 151 20.45 -10.03 -37.18
N LYS A 152 20.43 -11.36 -37.25
CA LYS A 152 21.60 -12.13 -37.64
C LYS A 152 21.22 -13.55 -38.04
N THR A 153 21.96 -14.11 -38.99
CA THR A 153 21.68 -15.46 -39.47
C THR A 153 22.25 -16.50 -38.51
N ASN A 154 21.63 -16.63 -37.34
CA ASN A 154 22.07 -17.58 -36.34
C ASN A 154 20.87 -18.24 -35.66
N GLY A 155 21.16 -19.13 -34.71
CA GLY A 155 20.10 -19.83 -34.00
C GLY A 155 19.83 -19.23 -32.63
N ILE A 156 20.87 -19.15 -31.80
CA ILE A 156 20.75 -18.60 -30.46
C ILE A 156 21.96 -17.75 -30.10
N ALA A 157 21.81 -16.92 -29.09
CA ALA A 157 22.89 -16.05 -28.63
C ALA A 157 23.16 -16.24 -27.15
N LYS A 158 23.03 -17.48 -26.68
CA LYS A 158 23.26 -17.80 -25.27
C LYS A 158 22.49 -16.85 -24.36
N PHE A 159 21.22 -16.61 -24.71
CA PHE A 159 20.38 -15.71 -23.92
C PHE A 159 19.19 -16.47 -23.33
N PRO A 160 18.59 -15.89 -22.28
CA PRO A 160 17.43 -16.49 -21.61
C PRO A 160 16.18 -16.47 -22.47
N GLU A 161 15.27 -17.40 -22.21
CA GLU A 161 14.02 -17.48 -22.97
C GLU A 161 12.81 -17.30 -22.05
N ARG A 162 12.91 -16.34 -21.15
CA ARG A 162 11.82 -16.06 -20.21
C ARG A 162 11.17 -14.71 -20.52
N GLU A 163 9.84 -14.68 -20.50
CA GLU A 163 9.10 -13.46 -20.77
C GLU A 163 8.11 -13.16 -19.66
N LEU A 164 7.42 -12.03 -19.77
CA LEU A 164 6.44 -11.62 -18.77
C LEU A 164 5.52 -10.54 -19.32
N GLU A 165 4.22 -10.69 -19.04
CA GLU A 165 3.23 -9.73 -19.51
C GLU A 165 3.25 -8.47 -18.65
N LEU A 166 3.08 -7.32 -19.29
CA LEU A 166 3.08 -6.04 -18.58
C LEU A 166 1.80 -5.27 -18.85
N ARG A 167 1.19 -4.75 -17.79
CA ARG A 167 -0.06 -4.00 -17.92
C ARG A 167 0.23 -2.51 -18.10
N GLN A 168 -0.43 -1.91 -19.08
CA GLN A 168 -0.24 -0.48 -19.35
C GLN A 168 -1.14 0.37 -18.47
N THR A 169 -0.71 1.59 -18.20
CA THR A 169 -1.47 2.50 -17.36
C THR A 169 -2.32 3.44 -18.20
N GLY A 170 -3.43 3.92 -17.63
CA GLY A 170 -4.30 4.82 -18.35
C GLY A 170 -4.08 6.27 -17.96
N PRO A 171 -5.02 7.15 -18.39
CA PRO A 171 -4.94 8.58 -18.08
C PRO A 171 -5.18 8.89 -16.61
N ALA A 172 -4.24 9.56 -15.98
CA ALA A 172 -4.35 9.92 -14.58
C ALA A 172 -5.48 10.92 -14.35
N VAL A 173 -5.97 10.98 -13.12
CA VAL A 173 -7.05 11.90 -12.77
C VAL A 173 -6.63 12.85 -11.66
N GLU A 174 -6.69 14.14 -11.94
CA GLU A 174 -6.31 15.16 -10.97
C GLU A 174 -7.56 15.84 -10.38
N VAL A 175 -7.74 15.69 -9.07
CA VAL A 175 -8.88 16.29 -8.39
C VAL A 175 -8.54 16.62 -6.94
N ASP A 176 -8.96 17.80 -6.50
CA ASP A 176 -8.70 18.24 -5.13
C ASP A 176 -9.19 17.19 -4.13
N VAL A 177 -8.40 16.99 -3.07
CA VAL A 177 -8.75 16.02 -2.04
C VAL A 177 -10.17 16.24 -1.54
N LYS A 178 -10.54 17.51 -1.35
CA LYS A 178 -11.88 17.86 -0.87
C LYS A 178 -12.93 17.49 -1.91
N ASP A 179 -12.59 17.65 -3.19
CA ASP A 179 -13.52 17.33 -4.27
C ASP A 179 -13.82 15.84 -4.31
N ILE A 180 -12.76 15.02 -4.26
CA ILE A 180 -12.92 13.57 -4.29
C ILE A 180 -13.56 13.06 -3.00
N PRO A 181 -14.24 11.90 -3.08
CA PRO A 181 -14.90 11.28 -1.95
C PRO A 181 -13.92 10.74 -0.91
N ALA A 182 -13.41 11.63 -0.06
CA ALA A 182 -12.46 11.23 0.97
C ALA A 182 -13.15 11.03 2.32
N GLN A 183 -12.38 10.65 3.33
CA GLN A 183 -12.93 10.43 4.66
C GLN A 183 -12.85 11.70 5.49
N GLU A 184 -13.98 12.42 5.57
CA GLU A 184 -14.04 13.66 6.34
C GLU A 184 -14.53 13.40 7.76
N VAL A 185 -14.41 14.40 8.62
CA VAL A 185 -14.85 14.29 10.00
C VAL A 185 -16.28 13.78 10.09
N GLU A 186 -16.49 12.75 10.92
CA GLU A 186 -17.81 12.17 11.09
C GLU A 186 -18.36 12.48 12.48
N HIS A 187 -19.17 13.52 12.57
CA HIS A 187 -19.77 13.92 13.84
C HIS A 187 -20.91 12.99 14.22
N GLU A 188 -21.21 12.94 15.52
CA GLU A 188 -22.29 12.09 16.02
C GLU A 188 -23.65 12.65 15.66
N SER A 38 90.50 -19.69 6.48
CA SER A 38 89.51 -19.93 5.45
C SER A 38 88.21 -20.44 6.06
N ALA A 39 87.18 -19.61 6.05
CA ALA A 39 85.89 -19.98 6.61
C ALA A 39 84.86 -20.22 5.50
N TYR A 40 83.87 -21.06 5.79
CA TYR A 40 82.82 -21.37 4.82
C TYR A 40 81.44 -21.12 5.41
N ARG A 41 80.54 -20.61 4.58
CA ARG A 41 79.18 -20.32 5.00
C ARG A 41 78.38 -21.61 5.20
N LYS A 42 77.66 -21.69 6.31
CA LYS A 42 76.85 -22.87 6.61
C LYS A 42 75.36 -22.54 6.53
N LYS A 43 74.78 -22.76 5.35
CA LYS A 43 73.36 -22.49 5.14
C LYS A 43 72.51 -23.33 6.08
N GLY A 44 71.70 -22.65 6.89
CA GLY A 44 70.83 -23.35 7.83
C GLY A 44 69.37 -23.28 7.44
N LYS A 45 68.76 -24.44 7.25
CA LYS A 45 67.35 -24.52 6.87
C LYS A 45 66.46 -24.70 8.10
N GLY A 46 65.21 -24.30 7.97
CA GLY A 46 64.27 -24.43 9.08
C GLY A 46 62.82 -24.39 8.62
N LYS A 47 62.15 -25.53 8.69
CA LYS A 47 60.75 -25.62 8.29
C LYS A 47 59.88 -26.10 9.43
N GLY A 48 58.59 -26.28 9.16
CA GLY A 48 57.67 -26.73 10.20
C GLY A 48 56.23 -26.77 9.71
N THR A 49 55.50 -27.80 10.12
CA THR A 49 54.10 -27.95 9.72
C THR A 49 53.19 -27.13 10.62
N THR A 50 51.95 -26.94 10.18
CA THR A 50 50.97 -26.18 10.95
C THR A 50 49.55 -26.69 10.69
N VAL A 51 48.74 -26.68 11.74
CA VAL A 51 47.36 -27.14 11.63
C VAL A 51 46.46 -26.42 12.64
N GLY A 52 45.27 -26.05 12.18
CA GLY A 52 44.34 -25.35 13.06
C GLY A 52 42.91 -25.88 12.92
N MET A 53 42.32 -26.28 14.03
CA MET A 53 40.96 -26.80 14.03
C MET A 53 40.15 -26.20 15.17
N GLY A 54 38.83 -26.16 15.00
CA GLY A 54 37.96 -25.61 16.02
C GLY A 54 36.50 -25.62 15.61
N LYS A 55 35.68 -24.83 16.31
CA LYS A 55 34.26 -24.75 16.01
C LYS A 55 33.74 -23.34 16.20
N SER A 56 32.45 -23.14 15.94
CA SER A 56 31.83 -21.83 16.07
C SER A 56 30.44 -21.95 16.68
N SER A 57 29.96 -20.85 17.28
CA SER A 57 28.65 -20.83 17.91
C SER A 57 27.68 -19.97 17.11
N ARG A 58 26.41 -20.03 17.48
CA ARG A 58 25.38 -19.25 16.80
C ARG A 58 24.31 -18.78 17.78
N ARG A 59 24.16 -17.46 17.89
CA ARG A 59 23.17 -16.88 18.79
C ARG A 59 23.12 -15.36 18.63
N PHE A 60 22.01 -14.86 18.10
CA PHE A 60 21.82 -13.43 17.89
C PHE A 60 20.35 -13.06 17.97
N ILE A 61 20.05 -12.01 18.72
CA ILE A 61 18.68 -11.54 18.88
C ILE A 61 18.62 -10.02 18.92
N ASN A 62 17.46 -9.47 18.54
CA ASN A 62 17.27 -8.02 18.54
C ASN A 62 15.80 -7.67 18.67
N MET A 63 15.51 -6.37 18.69
CA MET A 63 14.13 -5.91 18.80
C MET A 63 14.06 -4.39 18.62
N TYR A 64 12.97 -3.92 18.02
CA TYR A 64 12.77 -2.50 17.77
C TYR A 64 11.39 -2.23 17.17
N GLY A 65 11.11 -0.95 16.92
CA GLY A 65 9.83 -0.58 16.35
C GLY A 65 9.50 0.88 16.56
N PHE A 66 8.67 1.44 15.68
CA PHE A 66 8.28 2.84 15.77
C PHE A 66 6.98 3.09 15.02
N ASP A 67 6.40 4.26 15.24
CA ASP A 67 5.15 4.63 14.58
C ASP A 67 5.13 6.11 14.24
N PRO A 68 5.92 6.50 13.22
CA PRO A 68 6.01 7.88 12.77
C PRO A 68 4.74 8.36 12.08
N THR A 69 4.72 9.62 11.69
CA THR A 69 3.56 10.21 11.03
C THR A 69 3.98 11.28 10.02
N GLU A 70 3.13 11.51 9.03
CA GLU A 70 3.42 12.51 8.00
C GLU A 70 2.13 13.07 7.41
N TYR A 71 2.26 13.94 6.42
CA TYR A 71 1.10 14.55 5.77
C TYR A 71 1.47 15.07 4.38
N SER A 72 0.46 15.21 3.52
CA SER A 72 0.67 15.69 2.16
C SER A 72 1.72 14.84 1.45
N PHE A 73 1.41 13.56 1.28
CA PHE A 73 2.31 12.64 0.61
C PHE A 73 1.56 11.77 -0.40
N ILE A 74 2.27 10.81 -1.00
CA ILE A 74 1.66 9.92 -1.97
C ILE A 74 1.33 8.56 -1.34
N GLN A 75 0.12 8.08 -1.59
CA GLN A 75 -0.31 6.80 -1.05
C GLN A 75 -0.04 5.68 -2.04
N PHE A 76 0.90 4.80 -1.69
CA PHE A 76 1.27 3.68 -2.55
C PHE A 76 0.36 2.48 -2.27
N VAL A 77 -0.26 1.96 -3.33
CA VAL A 77 -1.15 0.81 -3.20
C VAL A 77 -1.08 -0.07 -4.44
N ASP A 78 -1.18 -1.38 -4.23
CA ASP A 78 -1.14 -2.33 -5.34
C ASP A 78 -2.47 -2.36 -6.10
N PRO A 79 -2.45 -2.89 -7.33
CA PRO A 79 -3.64 -2.98 -8.17
C PRO A 79 -4.64 -4.00 -7.65
N LEU A 80 -4.13 -5.12 -7.15
CA LEU A 80 -4.98 -6.18 -6.61
C LEU A 80 -4.54 -6.58 -5.21
N THR A 81 -3.22 -6.60 -5.00
CA THR A 81 -2.67 -6.97 -3.70
C THR A 81 -3.33 -6.18 -2.57
N GLY A 82 -3.74 -4.95 -2.88
CA GLY A 82 -4.38 -4.11 -1.89
C GLY A 82 -3.44 -3.68 -0.79
N ALA A 83 -2.15 -3.58 -1.12
CA ALA A 83 -1.14 -3.17 -0.15
C ALA A 83 -1.25 -1.68 0.16
N GLN A 84 -0.53 -1.25 1.19
CA GLN A 84 -0.54 0.15 1.60
C GLN A 84 0.84 0.61 2.05
N ILE A 85 1.30 1.71 1.48
CA ILE A 85 2.61 2.25 1.83
C ILE A 85 2.66 3.76 1.62
N GLU A 86 3.42 4.45 2.46
CA GLU A 86 3.55 5.90 2.38
C GLU A 86 4.79 6.29 1.58
N GLU A 87 4.58 6.74 0.34
CA GLU A 87 5.67 7.14 -0.52
C GLU A 87 5.64 8.64 -0.79
N ASN A 88 6.78 9.19 -1.20
CA ASN A 88 6.87 10.62 -1.49
C ASN A 88 7.35 10.85 -2.92
N VAL A 89 7.53 12.12 -3.28
CA VAL A 89 7.99 12.48 -4.62
C VAL A 89 9.33 11.83 -4.93
N TYR A 90 10.18 11.72 -3.91
CA TYR A 90 11.50 11.11 -4.08
C TYR A 90 11.52 9.68 -3.53
N ALA A 91 10.36 9.03 -3.57
CA ALA A 91 10.24 7.66 -3.08
C ALA A 91 11.32 6.76 -3.69
N ASP A 92 12.06 6.08 -2.83
CA ASP A 92 13.12 5.18 -3.28
C ASP A 92 12.68 3.72 -3.19
N ILE A 93 12.84 2.99 -4.28
CA ILE A 93 12.46 1.59 -4.33
C ILE A 93 13.07 0.82 -3.15
N ARG A 94 14.27 1.21 -2.75
CA ARG A 94 14.95 0.56 -1.64
C ARG A 94 14.06 0.49 -0.41
N ASP A 95 13.26 1.55 -0.22
CA ASP A 95 12.36 1.61 0.93
C ASP A 95 11.17 0.68 0.73
N ILE A 96 10.46 0.87 -0.37
CA ILE A 96 9.30 0.04 -0.68
C ILE A 96 9.63 -1.44 -0.59
N GLN A 97 10.85 -1.78 -1.00
CA GLN A 97 11.30 -3.17 -0.97
C GLN A 97 11.20 -3.74 0.45
N GLU A 98 11.51 -2.92 1.44
CA GLU A 98 11.47 -3.34 2.83
C GLU A 98 10.03 -3.68 3.24
N ARG A 99 9.15 -2.69 3.16
CA ARG A 99 7.75 -2.87 3.54
C ARG A 99 7.14 -4.04 2.78
N PHE A 100 7.59 -4.25 1.54
CA PHE A 100 7.08 -5.33 0.71
C PHE A 100 7.15 -6.65 1.45
N SER A 101 8.15 -6.80 2.31
CA SER A 101 8.33 -8.03 3.08
C SER A 101 7.06 -8.36 3.88
N GLU A 102 6.39 -7.31 4.37
CA GLU A 102 5.17 -7.48 5.15
C GLU A 102 4.06 -8.05 4.28
N VAL A 103 3.69 -7.30 3.24
CA VAL A 103 2.63 -7.72 2.33
C VAL A 103 2.94 -9.08 1.72
N ARG A 104 4.22 -9.32 1.44
CA ARG A 104 4.65 -10.59 0.85
C ARG A 104 4.40 -11.75 1.82
N LYS A 105 4.91 -11.60 3.04
CA LYS A 105 4.75 -12.64 4.05
C LYS A 105 3.28 -12.97 4.27
N LYS A 106 2.47 -11.92 4.42
CA LYS A 106 1.04 -12.09 4.65
C LYS A 106 0.37 -12.73 3.42
N MET A 107 0.80 -12.31 2.23
CA MET A 107 0.25 -12.85 0.99
C MET A 107 0.43 -14.36 0.94
N VAL A 108 1.67 -14.82 1.08
CA VAL A 108 1.97 -16.24 1.04
C VAL A 108 1.33 -16.98 2.21
N GLU A 109 1.29 -16.31 3.36
CA GLU A 109 0.70 -16.90 4.56
C GLU A 109 -0.77 -17.21 4.35
N ASN A 110 -1.47 -16.31 3.67
CA ASN A 110 -2.89 -16.50 3.40
C ASN A 110 -3.16 -17.86 2.77
N ASP A 111 -2.18 -18.36 2.01
CA ASP A 111 -2.30 -19.66 1.36
C ASP A 111 -3.41 -19.63 0.31
N ASP A 112 -3.17 -18.90 -0.78
CA ASP A 112 -4.13 -18.78 -1.86
C ASP A 112 -3.46 -18.93 -3.22
N ILE A 113 -2.29 -18.31 -3.36
CA ILE A 113 -1.54 -18.39 -4.62
C ILE A 113 -0.11 -18.82 -4.37
N GLU A 114 0.69 -18.85 -5.43
CA GLU A 114 2.10 -19.24 -5.33
C GLU A 114 3.01 -18.17 -5.92
N MET A 115 2.81 -17.86 -7.20
CA MET A 115 3.62 -16.86 -7.88
C MET A 115 2.75 -16.03 -8.82
N GLN A 116 1.48 -15.89 -8.49
CA GLN A 116 0.55 -15.12 -9.30
C GLN A 116 0.66 -13.63 -8.99
N ALA A 117 0.72 -13.30 -7.70
CA ALA A 117 0.83 -11.92 -7.27
C ALA A 117 2.18 -11.32 -7.67
N LEU A 118 3.23 -12.12 -7.56
CA LEU A 118 4.58 -11.68 -7.90
C LEU A 118 4.86 -11.88 -9.39
N GLY A 119 4.46 -13.04 -9.91
CA GLY A 119 4.67 -13.34 -11.31
C GLY A 119 3.97 -12.37 -12.22
N SER A 120 2.81 -11.88 -11.79
CA SER A 120 2.04 -10.93 -12.58
C SER A 120 1.65 -9.72 -11.75
N ASN A 121 0.77 -8.88 -12.30
CA ASN A 121 0.33 -7.68 -11.60
C ASN A 121 1.49 -6.99 -10.90
N THR A 122 2.64 -6.96 -11.56
CA THR A 122 3.83 -6.33 -11.00
C THR A 122 3.64 -4.83 -10.87
N THR A 123 2.91 -4.24 -11.81
CA THR A 123 2.66 -2.80 -11.80
C THR A 123 2.06 -2.36 -10.47
N ILE A 124 2.39 -1.15 -10.05
CA ILE A 124 1.87 -0.61 -8.79
C ILE A 124 0.98 0.60 -9.04
N HIS A 125 0.05 0.83 -8.12
CA HIS A 125 -0.88 1.95 -8.23
C HIS A 125 -0.45 3.11 -7.34
N ALA A 126 -0.27 4.29 -7.93
CA ALA A 126 0.13 5.46 -7.18
C ALA A 126 -1.05 6.39 -6.93
N TYR A 127 -1.42 6.54 -5.66
CA TYR A 127 -2.54 7.40 -5.28
C TYR A 127 -2.05 8.73 -4.72
N PHE A 128 -1.99 9.75 -5.58
CA PHE A 128 -1.54 11.07 -5.17
C PHE A 128 -2.67 11.86 -4.55
N ARG A 129 -2.42 12.44 -3.38
CA ARG A 129 -3.41 13.23 -2.66
C ARG A 129 -3.04 14.70 -2.67
N LYS A 130 -4.03 15.56 -2.45
CA LYS A 130 -3.81 17.00 -2.42
C LYS A 130 -2.46 17.34 -1.79
N ASP A 131 -1.53 17.77 -2.61
CA ASP A 131 -0.19 18.13 -2.13
C ASP A 131 -0.02 19.65 -2.08
N TRP A 132 -0.56 20.34 -3.07
CA TRP A 132 -0.47 21.79 -3.14
C TRP A 132 -1.85 22.42 -3.17
N SER A 133 -2.79 21.74 -3.83
CA SER A 133 -4.16 22.24 -3.95
C SER A 133 -5.16 21.18 -3.49
N ASP A 134 -6.42 21.61 -3.32
CA ASP A 134 -7.47 20.70 -2.88
C ASP A 134 -7.89 19.78 -4.02
N LYS A 135 -7.05 18.80 -4.34
CA LYS A 135 -7.32 17.86 -5.41
C LYS A 135 -6.73 16.49 -5.10
N ALA A 136 -7.03 15.51 -5.94
CA ALA A 136 -6.52 14.15 -5.76
C ALA A 136 -6.23 13.49 -7.10
N LEU A 137 -4.98 13.07 -7.28
CA LEU A 137 -4.57 12.42 -8.52
C LEU A 137 -4.42 10.92 -8.33
N LYS A 138 -4.83 10.16 -9.34
CA LYS A 138 -4.75 8.70 -9.28
C LYS A 138 -4.12 8.15 -10.56
N ILE A 139 -2.87 7.69 -10.45
CA ILE A 139 -2.16 7.13 -11.59
C ILE A 139 -1.31 5.94 -11.17
N ASP A 140 -1.21 4.95 -12.05
CA ASP A 140 -0.42 3.75 -11.77
C ASP A 140 0.96 3.85 -12.42
N LEU A 141 1.95 3.27 -11.76
CA LEU A 141 3.32 3.30 -12.26
C LEU A 141 3.84 1.88 -12.50
N MET A 142 4.70 1.73 -13.51
CA MET A 142 5.27 0.43 -13.83
C MET A 142 6.80 0.49 -13.81
N PRO A 143 7.44 -0.68 -13.63
CA PRO A 143 8.89 -0.79 -13.58
C PRO A 143 9.54 -0.54 -14.95
N HIS A 144 9.65 0.73 -15.31
CA HIS A 144 10.25 1.10 -16.59
C HIS A 144 11.65 0.51 -16.73
N ASN A 145 12.08 0.31 -17.97
CA ASN A 145 13.40 -0.25 -18.24
C ASN A 145 13.70 -0.24 -19.74
N PRO A 146 13.87 0.97 -20.29
CA PRO A 146 14.17 1.16 -21.71
C PRO A 146 15.57 0.68 -22.07
N LEU A 147 15.79 0.42 -23.37
CA LEU A 147 17.09 -0.04 -23.84
C LEU A 147 17.49 0.70 -25.11
N LYS A 148 18.69 0.39 -25.60
CA LYS A 148 19.20 1.03 -26.82
C LYS A 148 19.73 -0.02 -27.80
N VAL A 149 19.92 0.39 -29.05
CA VAL A 149 20.42 -0.51 -30.08
C VAL A 149 20.98 0.28 -31.26
N CYS A 150 22.13 -0.16 -31.76
CA CYS A 150 22.77 0.51 -32.89
C CYS A 150 23.05 -0.49 -34.02
N ASP A 151 23.62 -1.63 -33.66
CA ASP A 151 23.95 -2.66 -34.63
C ASP A 151 22.67 -3.30 -35.18
N LYS A 152 22.81 -3.99 -36.32
CA LYS A 152 21.66 -4.65 -36.95
C LYS A 152 21.21 -5.85 -36.13
N THR A 153 20.03 -6.36 -36.46
CA THR A 153 19.49 -7.51 -35.76
C THR A 153 20.29 -8.77 -36.04
N ASN A 154 20.61 -9.53 -34.99
CA ASN A 154 21.38 -10.75 -35.13
C ASN A 154 20.51 -11.89 -35.66
N GLY A 155 21.10 -12.77 -36.46
CA GLY A 155 20.35 -13.89 -37.01
C GLY A 155 21.23 -15.10 -37.25
N ILE A 156 22.40 -14.88 -37.84
CA ILE A 156 23.33 -15.96 -38.13
C ILE A 156 23.59 -16.81 -36.88
N ALA A 157 23.57 -16.15 -35.73
CA ALA A 157 23.80 -16.84 -34.46
C ALA A 157 22.60 -16.70 -33.53
N LYS A 158 22.57 -17.51 -32.49
CA LYS A 158 21.49 -17.49 -31.52
C LYS A 158 21.79 -16.52 -30.38
N PHE A 159 21.02 -15.43 -30.32
CA PHE A 159 21.21 -14.43 -29.28
C PHE A 159 19.90 -14.11 -28.57
N PRO A 160 19.43 -15.06 -27.74
CA PRO A 160 18.18 -14.91 -26.99
C PRO A 160 18.28 -13.85 -25.89
N GLU A 161 18.00 -12.61 -26.26
CA GLU A 161 18.06 -11.50 -25.31
C GLU A 161 16.70 -10.82 -25.18
N ARG A 162 15.65 -11.62 -25.15
CA ARG A 162 14.29 -11.10 -25.03
C ARG A 162 13.93 -10.86 -23.57
N GLU A 163 13.73 -9.60 -23.20
CA GLU A 163 13.38 -9.24 -21.83
C GLU A 163 11.88 -9.03 -21.69
N LEU A 164 11.36 -9.29 -20.50
CA LEU A 164 9.93 -9.13 -20.23
C LEU A 164 9.50 -7.68 -20.41
N GLU A 165 8.67 -7.43 -21.42
CA GLU A 165 8.18 -6.09 -21.70
C GLU A 165 6.87 -5.82 -20.97
N LEU A 166 6.72 -4.60 -20.45
CA LEU A 166 5.52 -4.22 -19.72
C LEU A 166 4.40 -3.83 -20.70
N ARG A 167 3.17 -3.83 -20.20
CA ARG A 167 2.01 -3.49 -21.01
C ARG A 167 1.56 -2.05 -20.73
N GLN A 168 1.23 -1.32 -21.80
CA GLN A 168 0.78 0.05 -21.67
C GLN A 168 -0.35 0.17 -20.64
N THR A 169 -0.08 0.85 -19.54
CA THR A 169 -1.07 1.02 -18.49
C THR A 169 -2.03 2.16 -18.83
N GLY A 170 -3.12 2.25 -18.07
CA GLY A 170 -4.10 3.30 -18.30
C GLY A 170 -3.59 4.67 -17.90
N PRO A 171 -4.30 5.72 -18.35
CA PRO A 171 -3.93 7.11 -18.03
C PRO A 171 -4.15 7.45 -16.56
N ALA A 172 -4.02 8.74 -16.24
CA ALA A 172 -4.21 9.20 -14.87
C ALA A 172 -5.60 9.76 -14.66
N VAL A 173 -6.01 9.88 -13.40
CA VAL A 173 -7.32 10.40 -13.07
C VAL A 173 -7.22 11.57 -12.09
N GLU A 174 -7.67 12.74 -12.52
CA GLU A 174 -7.63 13.93 -11.69
C GLU A 174 -9.02 14.30 -11.20
N VAL A 175 -9.21 14.24 -9.88
CA VAL A 175 -10.50 14.56 -9.28
C VAL A 175 -10.32 15.17 -7.89
N ASP A 176 -11.23 16.08 -7.53
CA ASP A 176 -11.17 16.74 -6.23
C ASP A 176 -11.33 15.72 -5.10
N VAL A 177 -10.59 15.94 -4.01
CA VAL A 177 -10.66 15.05 -2.86
C VAL A 177 -12.07 14.98 -2.29
N LYS A 178 -12.77 16.12 -2.33
CA LYS A 178 -14.13 16.19 -1.82
C LYS A 178 -15.08 15.41 -2.71
N ASP A 179 -14.82 15.43 -4.02
CA ASP A 179 -15.67 14.73 -4.97
C ASP A 179 -15.51 13.22 -4.82
N ILE A 180 -14.27 12.74 -4.84
CA ILE A 180 -13.99 11.33 -4.70
C ILE A 180 -14.25 10.85 -3.28
N PRO A 181 -14.55 9.55 -3.15
CA PRO A 181 -14.84 8.92 -1.85
C PRO A 181 -13.60 8.83 -0.96
N ALA A 182 -13.28 9.93 -0.29
CA ALA A 182 -12.12 9.97 0.58
C ALA A 182 -12.54 10.13 2.05
N GLN A 183 -11.56 10.24 2.93
CA GLN A 183 -11.84 10.38 4.36
C GLN A 183 -11.94 11.86 4.74
N GLU A 184 -13.17 12.35 4.85
CA GLU A 184 -13.41 13.75 5.21
C GLU A 184 -13.13 13.98 6.69
N VAL A 185 -11.85 14.03 7.05
CA VAL A 185 -11.46 14.25 8.44
C VAL A 185 -11.82 15.65 8.90
N GLU A 186 -12.21 15.77 10.17
CA GLU A 186 -12.59 17.08 10.72
C GLU A 186 -11.70 17.42 11.93
N HIS A 187 -11.69 18.70 12.29
CA HIS A 187 -10.89 19.15 13.42
C HIS A 187 -11.54 20.36 14.09
N GLU A 188 -11.16 20.63 15.33
CA GLU A 188 -11.71 21.74 16.09
C GLU A 188 -11.21 23.07 15.53
N SER A 38 -14.28 -6.07 72.27
CA SER A 38 -14.46 -7.51 72.24
C SER A 38 -15.93 -7.86 72.04
N ALA A 39 -16.18 -8.98 71.36
CA ALA A 39 -17.53 -9.43 71.10
C ALA A 39 -17.54 -10.79 70.42
N TYR A 40 -18.16 -11.78 71.07
CA TYR A 40 -18.22 -13.13 70.54
C TYR A 40 -19.63 -13.71 70.70
N ARG A 41 -20.20 -14.18 69.59
CA ARG A 41 -21.54 -14.76 69.61
C ARG A 41 -21.84 -15.48 68.30
N LYS A 42 -22.52 -16.61 68.40
CA LYS A 42 -22.87 -17.41 67.23
C LYS A 42 -23.71 -16.59 66.25
N LYS A 43 -23.23 -16.46 65.03
CA LYS A 43 -23.92 -15.70 63.99
C LYS A 43 -25.34 -16.24 63.80
N GLY A 44 -25.44 -17.42 63.19
CA GLY A 44 -26.73 -18.03 62.95
C GLY A 44 -26.82 -18.68 61.58
N LYS A 45 -28.03 -18.75 61.04
CA LYS A 45 -28.25 -19.35 59.73
C LYS A 45 -29.71 -19.15 59.29
N GLY A 46 -29.89 -18.97 57.99
CA GLY A 46 -31.22 -18.78 57.45
C GLY A 46 -31.48 -19.62 56.21
N LYS A 47 -32.74 -19.66 55.77
CA LYS A 47 -33.12 -20.42 54.59
C LYS A 47 -33.89 -19.55 53.60
N GLY A 48 -33.17 -19.01 52.61
CA GLY A 48 -33.81 -18.16 51.62
C GLY A 48 -32.85 -17.75 50.52
N THR A 49 -33.23 -18.01 49.26
CA THR A 49 -32.40 -17.67 48.13
C THR A 49 -33.17 -16.81 47.13
N THR A 50 -32.45 -15.93 46.43
CA THR A 50 -33.07 -15.05 45.44
C THR A 50 -32.42 -15.22 44.08
N VAL A 51 -33.04 -14.63 43.05
CA VAL A 51 -32.53 -14.72 41.69
C VAL A 51 -32.22 -13.34 41.13
N GLY A 52 -33.09 -12.39 41.41
CA GLY A 52 -32.90 -11.03 40.92
C GLY A 52 -34.13 -10.49 40.21
N MET A 53 -34.39 -9.19 40.41
CA MET A 53 -35.55 -8.56 39.78
C MET A 53 -35.16 -7.20 39.20
N GLY A 54 -35.88 -6.78 38.16
CA GLY A 54 -35.60 -5.50 37.53
C GLY A 54 -34.68 -5.64 36.33
N LYS A 55 -35.21 -5.36 35.15
CA LYS A 55 -34.43 -5.45 33.92
C LYS A 55 -33.67 -4.16 33.66
N SER A 56 -32.73 -4.21 32.72
CA SER A 56 -31.93 -3.05 32.38
C SER A 56 -31.32 -3.19 30.98
N SER A 57 -31.56 -2.19 30.14
CA SER A 57 -31.04 -2.21 28.78
C SER A 57 -30.45 -0.85 28.40
N ARG A 58 -29.18 -0.86 27.97
CA ARG A 58 -28.50 0.36 27.58
C ARG A 58 -27.72 0.17 26.29
N ARG A 59 -27.74 1.18 25.44
CA ARG A 59 -27.02 1.12 24.16
C ARG A 59 -26.42 2.47 23.81
N PHE A 60 -25.10 2.51 23.73
CA PHE A 60 -24.39 3.75 23.40
C PHE A 60 -23.01 3.45 22.83
N ILE A 61 -22.49 4.38 22.03
CA ILE A 61 -21.17 4.21 21.43
C ILE A 61 -20.58 5.56 21.02
N ASN A 62 -19.31 5.75 21.34
CA ASN A 62 -18.62 7.00 21.01
C ASN A 62 -17.15 6.74 20.70
N MET A 63 -16.65 7.38 19.64
CA MET A 63 -15.26 7.23 19.24
C MET A 63 -14.60 8.59 19.02
N TYR A 64 -13.47 8.81 19.69
CA TYR A 64 -12.74 10.07 19.56
C TYR A 64 -12.32 10.31 18.12
N GLY A 65 -12.02 11.56 17.79
CA GLY A 65 -11.60 11.90 16.45
C GLY A 65 -10.63 13.06 16.42
N PHE A 66 -9.49 12.86 15.77
CA PHE A 66 -8.47 13.91 15.67
C PHE A 66 -7.96 14.04 14.24
N ASP A 67 -7.85 15.28 13.77
CA ASP A 67 -7.38 15.54 12.42
C ASP A 67 -5.88 15.25 12.30
N PRO A 68 -5.44 14.96 11.06
CA PRO A 68 -4.03 14.66 10.78
C PRO A 68 -3.13 15.88 10.93
N THR A 69 -1.83 15.69 10.73
CA THR A 69 -0.86 16.76 10.84
C THR A 69 -0.25 17.10 9.49
N GLU A 70 0.03 16.07 8.70
CA GLU A 70 0.62 16.26 7.38
C GLU A 70 -0.13 15.44 6.32
N TYR A 71 -0.95 16.11 5.53
CA TYR A 71 -1.72 15.46 4.49
C TYR A 71 -1.17 15.79 3.10
N SER A 72 0.15 15.85 3.00
CA SER A 72 0.81 16.16 1.73
C SER A 72 1.79 15.07 1.35
N PHE A 73 1.28 13.84 1.21
CA PHE A 73 2.11 12.71 0.85
C PHE A 73 1.42 11.85 -0.21
N ILE A 74 2.13 10.82 -0.67
CA ILE A 74 1.58 9.92 -1.69
C ILE A 74 1.31 8.54 -1.11
N GLN A 75 0.16 7.98 -1.44
CA GLN A 75 -0.21 6.65 -0.95
C GLN A 75 0.00 5.60 -2.03
N PHE A 76 1.03 4.77 -1.86
CA PHE A 76 1.34 3.72 -2.82
C PHE A 76 0.53 2.46 -2.52
N VAL A 77 -0.09 1.92 -3.55
CA VAL A 77 -0.91 0.71 -3.42
C VAL A 77 -0.69 -0.23 -4.59
N ASP A 78 -0.68 -1.54 -4.31
CA ASP A 78 -0.50 -2.54 -5.34
C ASP A 78 -1.84 -3.09 -5.82
N PRO A 79 -1.92 -3.39 -7.12
CA PRO A 79 -3.15 -3.93 -7.73
C PRO A 79 -3.44 -5.35 -7.27
N LEU A 80 -2.38 -6.09 -6.93
CA LEU A 80 -2.54 -7.47 -6.48
C LEU A 80 -3.64 -7.58 -5.44
N THR A 81 -3.42 -6.98 -4.27
CA THR A 81 -4.39 -7.02 -3.20
C THR A 81 -4.81 -5.61 -2.78
N GLY A 82 -3.84 -4.71 -2.72
CA GLY A 82 -4.12 -3.33 -2.34
C GLY A 82 -3.18 -2.83 -1.26
N ALA A 83 -1.89 -2.91 -1.52
CA ALA A 83 -0.88 -2.46 -0.56
C ALA A 83 -1.17 -1.04 -0.10
N GLN A 84 -0.55 -0.65 1.01
CA GLN A 84 -0.73 0.69 1.56
C GLN A 84 0.56 1.22 2.16
N ILE A 85 1.10 2.27 1.55
CA ILE A 85 2.34 2.89 2.03
C ILE A 85 2.36 4.38 1.74
N GLU A 86 3.00 5.14 2.63
CA GLU A 86 3.10 6.59 2.46
C GLU A 86 4.49 6.98 1.98
N GLU A 87 4.60 7.31 0.70
CA GLU A 87 5.87 7.71 0.13
C GLU A 87 5.82 9.15 -0.37
N ASN A 88 6.99 9.78 -0.46
CA ASN A 88 7.07 11.17 -0.92
C ASN A 88 7.32 11.22 -2.43
N VAL A 89 7.51 12.44 -2.94
CA VAL A 89 7.77 12.62 -4.37
C VAL A 89 9.02 11.87 -4.82
N TYR A 90 10.01 11.80 -3.94
CA TYR A 90 11.25 11.11 -4.24
C TYR A 90 11.22 9.67 -3.73
N ALA A 91 10.05 9.05 -3.82
CA ALA A 91 9.88 7.67 -3.37
C ALA A 91 10.97 6.77 -3.93
N ASP A 92 11.75 6.17 -3.04
CA ASP A 92 12.83 5.28 -3.46
C ASP A 92 12.43 3.82 -3.27
N ILE A 93 12.54 3.04 -4.35
CA ILE A 93 12.19 1.63 -4.31
C ILE A 93 12.88 0.92 -3.15
N ARG A 94 14.08 1.38 -2.82
CA ARG A 94 14.85 0.80 -1.73
C ARG A 94 14.03 0.77 -0.45
N ASP A 95 13.21 1.78 -0.24
CA ASP A 95 12.38 1.87 0.95
C ASP A 95 11.17 0.95 0.84
N ILE A 96 10.37 1.15 -0.21
CA ILE A 96 9.18 0.33 -0.43
C ILE A 96 9.53 -1.15 -0.43
N GLN A 97 10.71 -1.47 -0.94
CA GLN A 97 11.17 -2.86 -1.00
C GLN A 97 11.09 -3.52 0.38
N GLU A 98 11.38 -2.74 1.41
CA GLU A 98 11.34 -3.24 2.78
C GLU A 98 9.91 -3.56 3.21
N ARG A 99 9.06 -2.54 3.21
CA ARG A 99 7.67 -2.72 3.59
C ARG A 99 7.00 -3.82 2.77
N PHE A 100 7.40 -3.94 1.51
CA PHE A 100 6.85 -4.95 0.63
C PHE A 100 6.92 -6.34 1.27
N SER A 101 7.95 -6.56 2.07
CA SER A 101 8.13 -7.84 2.76
C SER A 101 6.88 -8.21 3.54
N GLU A 102 6.23 -7.21 4.12
CA GLU A 102 5.01 -7.43 4.90
C GLU A 102 3.87 -7.92 4.01
N VAL A 103 3.50 -7.10 3.05
CA VAL A 103 2.42 -7.45 2.12
C VAL A 103 2.71 -8.76 1.41
N ARG A 104 3.98 -8.97 1.07
CA ARG A 104 4.39 -10.19 0.38
C ARG A 104 4.29 -11.40 1.30
N LYS A 105 4.92 -11.30 2.47
CA LYS A 105 4.91 -12.39 3.44
C LYS A 105 3.47 -12.84 3.73
N LYS A 106 2.59 -11.88 3.91
CA LYS A 106 1.18 -12.17 4.20
C LYS A 106 0.50 -12.79 2.98
N MET A 107 0.73 -12.20 1.81
CA MET A 107 0.14 -12.69 0.57
C MET A 107 0.41 -14.19 0.40
N VAL A 108 1.65 -14.58 0.60
CA VAL A 108 2.05 -15.98 0.47
C VAL A 108 1.64 -16.77 1.70
N GLU A 109 1.68 -16.14 2.86
CA GLU A 109 1.32 -16.79 4.12
C GLU A 109 -0.11 -17.32 4.05
N ASN A 110 -0.98 -16.58 3.37
CA ASN A 110 -2.37 -16.98 3.23
C ASN A 110 -2.50 -18.41 2.73
N ASP A 111 -1.50 -18.84 1.96
CA ASP A 111 -1.50 -20.19 1.41
C ASP A 111 -2.73 -20.44 0.54
N ASP A 112 -2.85 -19.67 -0.54
CA ASP A 112 -3.98 -19.81 -1.45
C ASP A 112 -3.49 -19.93 -2.89
N ILE A 113 -2.47 -19.15 -3.24
CA ILE A 113 -1.92 -19.17 -4.59
C ILE A 113 -0.41 -19.40 -4.56
N GLU A 114 0.21 -19.37 -5.74
CA GLU A 114 1.65 -19.57 -5.85
C GLU A 114 2.25 -18.64 -6.90
N MET A 115 1.53 -18.47 -8.01
CA MET A 115 1.98 -17.60 -9.09
C MET A 115 1.05 -16.41 -9.27
N GLN A 116 -0.19 -16.57 -8.83
CA GLN A 116 -1.19 -15.50 -8.95
C GLN A 116 -0.63 -14.18 -8.44
N ALA A 117 0.23 -14.27 -7.42
CA ALA A 117 0.83 -13.07 -6.84
C ALA A 117 1.75 -12.39 -7.83
N LEU A 118 2.73 -13.13 -8.34
CA LEU A 118 3.68 -12.59 -9.31
C LEU A 118 2.96 -12.08 -10.55
N GLY A 119 1.88 -12.76 -10.92
CA GLY A 119 1.12 -12.37 -12.09
C GLY A 119 0.76 -10.90 -12.08
N SER A 120 0.57 -10.34 -10.88
CA SER A 120 0.21 -8.94 -10.74
C SER A 120 0.91 -8.33 -9.52
N ASN A 121 2.24 -8.31 -9.56
CA ASN A 121 3.02 -7.75 -8.46
C ASN A 121 3.89 -6.59 -8.94
N THR A 122 4.43 -6.73 -10.16
CA THR A 122 5.29 -5.70 -10.73
C THR A 122 4.55 -4.38 -10.83
N THR A 123 3.44 -4.38 -11.56
CA THR A 123 2.64 -3.17 -11.74
C THR A 123 2.21 -2.59 -10.40
N ILE A 124 2.37 -1.27 -10.24
CA ILE A 124 2.00 -0.60 -9.01
C ILE A 124 1.42 0.79 -9.29
N HIS A 125 0.53 1.23 -8.41
CA HIS A 125 -0.09 2.54 -8.57
C HIS A 125 -0.05 3.32 -7.25
N ALA A 126 0.16 4.63 -7.35
CA ALA A 126 0.23 5.48 -6.17
C ALA A 126 -0.78 6.64 -6.28
N TYR A 127 -1.59 6.79 -5.25
CA TYR A 127 -2.59 7.86 -5.22
C TYR A 127 -2.00 9.15 -4.69
N PHE A 128 -1.90 10.16 -5.56
CA PHE A 128 -1.35 11.46 -5.17
C PHE A 128 -2.45 12.37 -4.64
N ARG A 129 -2.16 13.04 -3.52
CA ARG A 129 -3.12 13.94 -2.90
C ARG A 129 -2.69 15.39 -3.09
N LYS A 130 -3.67 16.26 -3.38
CA LYS A 130 -3.39 17.67 -3.59
C LYS A 130 -2.75 18.29 -2.35
N ASP A 131 -2.58 19.61 -2.38
CA ASP A 131 -1.98 20.32 -1.25
C ASP A 131 -2.98 21.30 -0.63
N TRP A 132 -3.36 22.31 -1.40
CA TRP A 132 -4.31 23.31 -0.92
C TRP A 132 -5.72 23.00 -1.41
N SER A 133 -5.84 22.71 -2.71
CA SER A 133 -7.13 22.41 -3.31
C SER A 133 -7.74 21.16 -2.67
N ASP A 134 -8.71 20.58 -3.36
CA ASP A 134 -9.38 19.37 -2.87
C ASP A 134 -9.55 18.35 -3.98
N LYS A 135 -8.43 17.76 -4.42
CA LYS A 135 -8.46 16.76 -5.47
C LYS A 135 -7.37 15.71 -5.26
N ALA A 136 -7.42 14.64 -6.05
CA ALA A 136 -6.45 13.57 -5.94
C ALA A 136 -6.10 13.01 -7.32
N LEU A 137 -4.80 12.96 -7.61
CA LEU A 137 -4.33 12.44 -8.90
C LEU A 137 -3.72 11.05 -8.74
N LYS A 138 -4.34 10.07 -9.39
CA LYS A 138 -3.85 8.69 -9.31
C LYS A 138 -2.85 8.42 -10.44
N ILE A 139 -1.62 8.11 -10.06
CA ILE A 139 -0.57 7.82 -11.04
C ILE A 139 -0.18 6.34 -11.00
N ASP A 140 0.18 5.81 -12.16
CA ASP A 140 0.58 4.40 -12.27
C ASP A 140 2.06 4.29 -12.62
N LEU A 141 2.73 3.33 -12.00
CA LEU A 141 4.16 3.12 -12.25
C LEU A 141 4.46 1.62 -12.42
N MET A 142 5.56 1.32 -13.08
CA MET A 142 5.97 -0.06 -13.31
C MET A 142 7.49 -0.20 -13.29
N PRO A 143 7.97 -1.42 -13.02
CA PRO A 143 9.40 -1.71 -12.97
C PRO A 143 10.06 -1.64 -14.35
N HIS A 144 11.34 -1.99 -14.40
CA HIS A 144 12.09 -1.97 -15.66
C HIS A 144 11.35 -2.76 -16.74
N ASN A 145 11.24 -2.16 -17.93
CA ASN A 145 10.55 -2.81 -19.04
C ASN A 145 10.69 -1.98 -20.31
N PRO A 146 11.91 -1.91 -20.84
CA PRO A 146 12.20 -1.15 -22.07
C PRO A 146 11.59 -1.80 -23.31
N LEU A 147 11.43 -1.00 -24.35
CA LEU A 147 10.86 -1.49 -25.61
C LEU A 147 11.77 -1.19 -26.78
N LYS A 148 11.35 -1.58 -27.98
CA LYS A 148 12.14 -1.37 -29.19
C LYS A 148 11.33 -0.57 -30.21
N VAL A 149 11.98 -0.22 -31.33
CA VAL A 149 11.32 0.53 -32.39
C VAL A 149 10.71 -0.40 -33.43
N CYS A 150 9.41 -0.25 -33.64
CA CYS A 150 8.69 -1.08 -34.61
C CYS A 150 9.29 -0.91 -36.01
N ASP A 151 8.77 -1.67 -36.96
CA ASP A 151 9.23 -1.61 -38.34
C ASP A 151 8.24 -0.86 -39.22
N LYS A 152 8.53 -0.81 -40.52
CA LYS A 152 7.65 -0.13 -41.46
C LYS A 152 6.21 -0.64 -41.34
N THR A 153 5.28 0.09 -41.95
CA THR A 153 3.88 -0.29 -41.92
C THR A 153 3.66 -1.66 -42.55
N ASN A 154 3.52 -2.68 -41.71
CA ASN A 154 3.31 -4.04 -42.19
C ASN A 154 2.13 -4.10 -43.15
N GLY A 155 2.07 -5.16 -43.94
CA GLY A 155 0.97 -5.32 -44.90
C GLY A 155 -0.38 -5.24 -44.23
N ILE A 156 -0.91 -6.38 -43.82
CA ILE A 156 -2.22 -6.42 -43.16
C ILE A 156 -2.12 -7.05 -41.78
N ALA A 157 -1.04 -7.79 -41.54
CA ALA A 157 -0.83 -8.44 -40.26
C ALA A 157 0.51 -9.17 -40.23
N LYS A 158 1.19 -9.10 -39.10
CA LYS A 158 2.48 -9.76 -38.94
C LYS A 158 2.35 -11.03 -38.11
N PHE A 159 1.53 -11.96 -38.59
CA PHE A 159 1.32 -13.23 -37.90
C PHE A 159 0.72 -13.00 -36.52
N PRO A 160 0.10 -14.05 -35.96
CA PRO A 160 -0.52 -13.99 -34.63
C PRO A 160 0.50 -13.85 -33.51
N GLU A 161 0.15 -13.10 -32.48
CA GLU A 161 1.04 -12.88 -31.33
C GLU A 161 0.26 -12.95 -30.02
N ARG A 162 0.86 -13.61 -29.03
CA ARG A 162 0.23 -13.73 -27.72
C ARG A 162 1.27 -13.77 -26.61
N GLU A 163 1.02 -13.03 -25.54
CA GLU A 163 1.94 -12.97 -24.41
C GLU A 163 1.37 -12.11 -23.29
N LEU A 164 1.97 -12.22 -22.10
CA LEU A 164 1.53 -11.45 -20.94
C LEU A 164 2.66 -10.61 -20.38
N GLU A 165 3.48 -10.06 -21.28
CA GLU A 165 4.61 -9.22 -20.87
C GLU A 165 4.12 -7.91 -20.26
N LEU A 166 4.96 -7.29 -19.45
CA LEU A 166 4.61 -6.03 -18.81
C LEU A 166 4.27 -4.97 -19.85
N ARG A 167 3.02 -4.50 -19.82
CA ARG A 167 2.57 -3.49 -20.77
C ARG A 167 2.77 -2.09 -20.20
N GLN A 168 2.78 -1.09 -21.07
CA GLN A 168 2.96 0.29 -20.66
C GLN A 168 1.86 0.73 -19.69
N THR A 169 2.18 1.68 -18.82
CA THR A 169 1.22 2.18 -17.86
C THR A 169 0.01 2.80 -18.54
N GLY A 170 -0.97 3.22 -17.75
CA GLY A 170 -2.17 3.82 -18.30
C GLY A 170 -2.31 5.28 -17.93
N PRO A 171 -3.39 5.92 -18.38
CA PRO A 171 -3.67 7.33 -18.11
C PRO A 171 -4.02 7.58 -16.64
N ALA A 172 -3.48 8.67 -16.09
CA ALA A 172 -3.75 9.02 -14.70
C ALA A 172 -5.24 9.18 -14.45
N VAL A 173 -5.64 9.07 -13.18
CA VAL A 173 -7.03 9.21 -12.80
C VAL A 173 -7.23 10.34 -11.80
N GLU A 174 -7.89 11.41 -12.24
CA GLU A 174 -8.14 12.56 -11.38
C GLU A 174 -9.54 12.48 -10.77
N VAL A 175 -9.61 12.62 -9.45
CA VAL A 175 -10.89 12.57 -8.75
C VAL A 175 -10.83 13.38 -7.45
N ASP A 176 -11.95 13.98 -7.09
CA ASP A 176 -12.03 14.79 -5.88
C ASP A 176 -11.95 13.90 -4.63
N VAL A 177 -10.95 14.15 -3.80
CA VAL A 177 -10.77 13.37 -2.57
C VAL A 177 -12.06 13.30 -1.77
N LYS A 178 -12.83 14.39 -1.79
CA LYS A 178 -14.09 14.45 -1.06
C LYS A 178 -15.15 13.58 -1.73
N ASP A 179 -15.10 13.51 -3.05
CA ASP A 179 -16.06 12.71 -3.82
C ASP A 179 -15.84 11.23 -3.55
N ILE A 180 -14.60 10.77 -3.69
CA ILE A 180 -14.28 9.36 -3.47
C ILE A 180 -14.62 8.94 -2.04
N PRO A 181 -14.86 7.64 -1.85
CA PRO A 181 -15.19 7.08 -0.54
C PRO A 181 -14.00 7.10 0.42
N ALA A 182 -13.77 8.24 1.05
CA ALA A 182 -12.68 8.39 2.00
C ALA A 182 -13.06 7.88 3.37
N GLN A 183 -12.07 7.40 4.13
CA GLN A 183 -12.30 6.88 5.46
C GLN A 183 -12.06 7.95 6.52
N GLU A 184 -13.15 8.46 7.09
CA GLU A 184 -13.05 9.50 8.12
C GLU A 184 -13.99 9.18 9.29
N VAL A 185 -13.45 9.32 10.51
CA VAL A 185 -14.24 9.05 11.71
C VAL A 185 -15.04 10.28 12.11
N GLU A 186 -16.29 10.04 12.54
CA GLU A 186 -17.16 11.13 12.96
C GLU A 186 -17.67 10.90 14.39
N HIS A 187 -18.26 11.93 14.97
CA HIS A 187 -18.79 11.85 16.33
C HIS A 187 -20.31 11.72 16.31
N GLU A 188 -20.87 11.30 17.44
CA GLU A 188 -22.31 11.13 17.56
C GLU A 188 -23.01 12.48 17.65
N SER A 38 -12.76 -24.28 79.57
CA SER A 38 -11.94 -25.14 78.74
C SER A 38 -11.03 -24.34 77.82
N ALA A 39 -11.61 -23.33 77.17
CA ALA A 39 -10.85 -22.47 76.26
C ALA A 39 -10.11 -23.29 75.22
N TYR A 40 -10.84 -24.21 74.58
CA TYR A 40 -10.25 -25.08 73.56
C TYR A 40 -10.26 -24.38 72.20
N ARG A 41 -9.17 -24.57 71.45
CA ARG A 41 -9.05 -23.97 70.13
C ARG A 41 -9.20 -25.01 69.03
N LYS A 42 -9.60 -24.57 67.84
CA LYS A 42 -9.79 -25.47 66.71
C LYS A 42 -9.04 -24.96 65.48
N LYS A 43 -7.87 -25.54 65.23
CA LYS A 43 -7.05 -25.15 64.08
C LYS A 43 -7.05 -26.24 63.03
N GLY A 44 -6.81 -25.84 61.78
CA GLY A 44 -6.79 -26.80 60.68
C GLY A 44 -7.23 -26.19 59.37
N LYS A 45 -6.40 -25.30 58.83
CA LYS A 45 -6.71 -24.64 57.57
C LYS A 45 -6.00 -25.32 56.41
N GLY A 46 -6.38 -24.96 55.18
CA GLY A 46 -5.76 -25.55 54.01
C GLY A 46 -6.16 -24.85 52.73
N LYS A 47 -5.18 -24.37 51.99
CA LYS A 47 -5.43 -23.67 50.73
C LYS A 47 -4.42 -24.09 49.65
N GLY A 48 -4.76 -23.84 48.40
CA GLY A 48 -3.88 -24.19 47.30
C GLY A 48 -4.64 -24.44 46.00
N THR A 49 -4.38 -23.60 45.01
CA THR A 49 -5.04 -23.73 43.71
C THR A 49 -4.02 -23.97 42.61
N THR A 50 -4.43 -24.74 41.59
CA THR A 50 -3.56 -25.05 40.47
C THR A 50 -4.35 -25.17 39.18
N VAL A 51 -3.82 -24.59 38.10
CA VAL A 51 -4.47 -24.63 36.80
C VAL A 51 -3.45 -24.75 35.68
N GLY A 52 -3.75 -25.61 34.70
CA GLY A 52 -2.85 -25.81 33.59
C GLY A 52 -3.43 -25.29 32.28
N MET A 53 -2.71 -25.51 31.18
CA MET A 53 -3.16 -25.06 29.87
C MET A 53 -4.38 -25.84 29.43
N GLY A 54 -5.54 -25.19 29.45
CA GLY A 54 -6.76 -25.84 29.04
C GLY A 54 -7.59 -24.99 28.11
N LYS A 55 -8.78 -24.60 28.56
CA LYS A 55 -9.68 -23.77 27.76
C LYS A 55 -9.68 -22.33 28.26
N SER A 56 -8.52 -21.84 28.65
CA SER A 56 -8.38 -20.48 29.16
C SER A 56 -8.77 -19.46 28.09
N SER A 57 -9.44 -18.39 28.51
CA SER A 57 -9.88 -17.34 27.60
C SER A 57 -9.96 -16.00 28.30
N ARG A 58 -9.25 -15.01 27.77
CA ARG A 58 -9.24 -13.67 28.35
C ARG A 58 -9.34 -12.61 27.27
N ARG A 59 -9.68 -11.39 27.67
CA ARG A 59 -9.82 -10.28 26.73
C ARG A 59 -9.70 -8.94 27.45
N PHE A 60 -9.52 -7.87 26.68
CA PHE A 60 -9.40 -6.54 27.23
C PHE A 60 -9.42 -5.48 26.14
N ILE A 61 -9.55 -4.22 26.54
CA ILE A 61 -9.58 -3.11 25.59
C ILE A 61 -8.17 -2.61 25.27
N ASN A 62 -7.96 -2.24 24.02
CA ASN A 62 -6.65 -1.74 23.59
C ASN A 62 -6.72 -0.25 23.27
N MET A 63 -5.56 0.33 22.98
CA MET A 63 -5.48 1.75 22.66
C MET A 63 -4.35 2.03 21.67
N TYR A 64 -4.52 3.07 20.87
CA TYR A 64 -3.52 3.44 19.87
C TYR A 64 -3.49 4.95 19.66
N GLY A 65 -2.65 5.39 18.73
CA GLY A 65 -2.55 6.81 18.43
C GLY A 65 -1.30 7.44 19.03
N PHE A 66 -1.33 8.76 19.21
CA PHE A 66 -0.19 9.47 19.77
C PHE A 66 1.05 9.31 18.89
N ASP A 67 0.85 9.40 17.58
CA ASP A 67 1.95 9.26 16.62
C ASP A 67 1.74 10.19 15.43
N PRO A 68 1.92 11.49 15.66
CA PRO A 68 1.77 12.51 14.62
C PRO A 68 2.87 12.44 13.57
N THR A 69 2.55 12.82 12.34
CA THR A 69 3.52 12.80 11.25
C THR A 69 3.22 13.90 10.23
N GLU A 70 3.97 13.90 9.14
CA GLU A 70 3.78 14.89 8.08
C GLU A 70 2.35 14.85 7.55
N TYR A 71 1.89 15.98 7.02
CA TYR A 71 0.54 16.09 6.47
C TYR A 71 0.58 16.39 4.98
N SER A 72 1.45 15.69 4.26
CA SER A 72 1.59 15.89 2.82
C SER A 72 2.61 14.92 2.23
N PHE A 73 2.13 13.96 1.46
CA PHE A 73 3.00 12.97 0.83
C PHE A 73 2.26 12.18 -0.23
N ILE A 74 2.92 11.18 -0.81
CA ILE A 74 2.32 10.35 -1.85
C ILE A 74 2.05 8.94 -1.33
N GLN A 75 0.81 8.49 -1.49
CA GLN A 75 0.42 7.17 -1.04
C GLN A 75 0.69 6.12 -2.13
N PHE A 76 1.67 5.26 -1.88
CA PHE A 76 2.03 4.22 -2.83
C PHE A 76 1.19 2.96 -2.61
N VAL A 77 0.60 2.44 -3.68
CA VAL A 77 -0.21 1.24 -3.60
C VAL A 77 0.01 0.33 -4.80
N ASP A 78 -0.18 -0.96 -4.60
CA ASP A 78 0.00 -1.94 -5.67
C ASP A 78 -1.33 -2.55 -6.09
N PRO A 79 -1.56 -2.62 -7.41
CA PRO A 79 -2.80 -3.18 -7.97
C PRO A 79 -2.89 -4.68 -7.77
N LEU A 80 -1.75 -5.34 -7.67
CA LEU A 80 -1.70 -6.78 -7.48
C LEU A 80 -2.64 -7.21 -6.34
N THR A 81 -2.25 -6.89 -5.11
CA THR A 81 -3.05 -7.24 -3.95
C THR A 81 -3.59 -5.99 -3.25
N GLY A 82 -2.73 -4.98 -3.12
CA GLY A 82 -3.12 -3.74 -2.47
C GLY A 82 -2.13 -3.29 -1.43
N ALA A 83 -0.84 -3.35 -1.76
CA ALA A 83 0.21 -2.95 -0.84
C ALA A 83 -0.07 -1.56 -0.26
N GLN A 84 0.71 -1.19 0.74
CA GLN A 84 0.55 0.12 1.39
C GLN A 84 1.89 0.71 1.77
N ILE A 85 2.25 1.83 1.14
CA ILE A 85 3.51 2.49 1.42
C ILE A 85 3.36 4.01 1.36
N GLU A 86 4.16 4.71 2.17
CA GLU A 86 4.12 6.16 2.21
C GLU A 86 5.44 6.75 1.75
N GLU A 87 5.45 7.29 0.53
CA GLU A 87 6.64 7.89 -0.04
C GLU A 87 6.33 9.23 -0.69
N ASN A 88 7.36 9.93 -1.12
CA ASN A 88 7.20 11.23 -1.77
C ASN A 88 7.45 11.14 -3.27
N VAL A 89 7.56 12.30 -3.91
CA VAL A 89 7.81 12.36 -5.35
C VAL A 89 9.00 11.48 -5.74
N TYR A 90 10.00 11.44 -4.86
CA TYR A 90 11.19 10.64 -5.11
C TYR A 90 11.09 9.27 -4.45
N ALA A 91 9.87 8.73 -4.42
CA ALA A 91 9.63 7.43 -3.82
C ALA A 91 10.63 6.40 -4.33
N ASP A 92 11.33 5.75 -3.41
CA ASP A 92 12.33 4.75 -3.77
C ASP A 92 11.79 3.34 -3.51
N ILE A 93 12.01 2.44 -4.46
CA ILE A 93 11.55 1.07 -4.34
C ILE A 93 12.19 0.38 -3.14
N ARG A 94 13.42 0.79 -2.82
CA ARG A 94 14.15 0.21 -1.70
C ARG A 94 13.28 0.20 -0.43
N ASP A 95 12.50 1.26 -0.25
CA ASP A 95 11.62 1.37 0.91
C ASP A 95 10.36 0.54 0.72
N ILE A 96 9.91 0.45 -0.53
CA ILE A 96 8.71 -0.31 -0.85
C ILE A 96 8.84 -1.77 -0.45
N GLN A 97 9.87 -2.43 -0.99
CA GLN A 97 10.12 -3.83 -0.69
C GLN A 97 10.26 -4.05 0.82
N GLU A 98 10.81 -3.06 1.51
CA GLU A 98 11.00 -3.14 2.95
C GLU A 98 9.71 -3.55 3.65
N ARG A 99 8.67 -2.72 3.49
CA ARG A 99 7.38 -3.00 4.11
C ARG A 99 6.61 -4.07 3.31
N PHE A 100 6.87 -4.11 2.01
CA PHE A 100 6.20 -5.08 1.14
C PHE A 100 6.30 -6.48 1.72
N SER A 101 7.37 -6.74 2.46
CA SER A 101 7.58 -8.05 3.07
C SER A 101 6.37 -8.48 3.87
N GLU A 102 5.72 -7.51 4.51
CA GLU A 102 4.53 -7.79 5.32
C GLU A 102 3.38 -8.27 4.44
N VAL A 103 3.27 -7.70 3.25
CA VAL A 103 2.21 -8.06 2.32
C VAL A 103 2.43 -9.45 1.75
N ARG A 104 3.62 -9.67 1.18
CA ARG A 104 3.96 -10.98 0.60
C ARG A 104 3.87 -12.08 1.66
N LYS A 105 4.28 -11.75 2.88
CA LYS A 105 4.26 -12.72 3.97
C LYS A 105 2.82 -13.07 4.36
N LYS A 106 2.00 -12.03 4.57
CA LYS A 106 0.61 -12.23 4.94
C LYS A 106 -0.16 -12.92 3.83
N MET A 107 0.20 -12.61 2.58
CA MET A 107 -0.46 -13.21 1.42
C MET A 107 -0.18 -14.71 1.35
N VAL A 108 1.10 -15.06 1.23
CA VAL A 108 1.51 -16.45 1.15
C VAL A 108 1.07 -17.23 2.39
N GLU A 109 1.04 -16.54 3.53
CA GLU A 109 0.64 -17.17 4.78
C GLU A 109 -0.87 -17.40 4.82
N ASN A 110 -1.61 -16.46 4.24
CA ASN A 110 -3.07 -16.57 4.21
C ASN A 110 -3.51 -17.73 3.33
N ASP A 111 -2.67 -18.10 2.37
CA ASP A 111 -2.97 -19.20 1.47
C ASP A 111 -4.15 -18.87 0.57
N ASP A 112 -3.91 -18.01 -0.43
CA ASP A 112 -4.95 -17.61 -1.37
C ASP A 112 -4.50 -17.82 -2.80
N ILE A 113 -3.24 -17.50 -3.08
CA ILE A 113 -2.68 -17.65 -4.42
C ILE A 113 -1.41 -18.49 -4.40
N GLU A 114 -0.79 -18.64 -5.57
CA GLU A 114 0.44 -19.41 -5.67
C GLU A 114 1.53 -18.60 -6.36
N MET A 115 1.25 -18.15 -7.58
CA MET A 115 2.20 -17.36 -8.35
C MET A 115 1.52 -16.21 -9.06
N GLN A 116 0.40 -15.75 -8.50
CA GLN A 116 -0.36 -14.64 -9.08
C GLN A 116 0.27 -13.30 -8.71
N ALA A 117 0.76 -13.21 -7.48
CA ALA A 117 1.39 -11.97 -7.01
C ALA A 117 2.83 -11.88 -7.49
N LEU A 118 3.51 -13.01 -7.56
CA LEU A 118 4.89 -13.05 -8.01
C LEU A 118 4.97 -13.17 -9.53
N GLY A 119 4.04 -13.91 -10.11
CA GLY A 119 4.02 -14.09 -11.55
C GLY A 119 4.08 -12.77 -12.30
N SER A 120 3.47 -11.74 -11.72
CA SER A 120 3.45 -10.42 -12.33
C SER A 120 3.61 -9.32 -11.28
N ASN A 121 4.85 -8.95 -11.02
CA ASN A 121 5.15 -7.92 -10.03
C ASN A 121 6.16 -6.92 -10.57
N THR A 122 5.67 -5.76 -11.02
CA THR A 122 6.53 -4.72 -11.57
C THR A 122 5.87 -3.35 -11.46
N THR A 123 4.82 -3.14 -12.24
CA THR A 123 4.11 -1.88 -12.24
C THR A 123 3.49 -1.59 -10.87
N ILE A 124 3.30 -0.31 -10.57
CA ILE A 124 2.72 0.09 -9.29
C ILE A 124 1.75 1.24 -9.47
N HIS A 125 0.81 1.38 -8.54
CA HIS A 125 -0.18 2.44 -8.59
C HIS A 125 0.20 3.58 -7.65
N ALA A 126 0.22 4.80 -8.18
CA ALA A 126 0.55 5.98 -7.40
C ALA A 126 -0.69 6.77 -7.03
N TYR A 127 -0.89 6.99 -5.73
CA TYR A 127 -2.04 7.74 -5.25
C TYR A 127 -1.61 9.05 -4.61
N PHE A 128 -1.78 10.14 -5.35
CA PHE A 128 -1.41 11.46 -4.85
C PHE A 128 -2.58 12.12 -4.13
N ARG A 129 -2.28 12.81 -3.03
CA ARG A 129 -3.31 13.48 -2.25
C ARG A 129 -3.21 15.01 -2.41
N LYS A 130 -4.27 15.60 -2.95
CA LYS A 130 -4.30 17.05 -3.16
C LYS A 130 -2.94 17.56 -3.63
N ASP A 131 -2.33 16.85 -4.58
CA ASP A 131 -1.04 17.24 -5.11
C ASP A 131 -1.04 18.70 -5.55
N TRP A 132 -2.17 19.14 -6.08
CA TRP A 132 -2.30 20.52 -6.55
C TRP A 132 -3.41 21.24 -5.80
N SER A 133 -4.66 20.79 -6.00
CA SER A 133 -5.80 21.40 -5.34
C SER A 133 -6.42 20.43 -4.34
N ASP A 134 -7.60 20.79 -3.83
CA ASP A 134 -8.30 19.95 -2.86
C ASP A 134 -9.00 18.79 -3.56
N LYS A 135 -8.22 17.90 -4.15
CA LYS A 135 -8.75 16.73 -4.84
C LYS A 135 -7.83 15.54 -4.69
N ALA A 136 -8.30 14.37 -5.14
CA ALA A 136 -7.52 13.15 -5.07
C ALA A 136 -7.07 12.69 -6.45
N LEU A 137 -5.78 12.42 -6.59
CA LEU A 137 -5.23 11.98 -7.87
C LEU A 137 -4.79 10.53 -7.79
N LYS A 138 -5.26 9.72 -8.74
CA LYS A 138 -4.91 8.30 -8.78
C LYS A 138 -4.47 7.89 -10.19
N ILE A 139 -3.22 7.49 -10.31
CA ILE A 139 -2.68 7.06 -11.60
C ILE A 139 -1.76 5.86 -11.44
N ASP A 140 -1.76 4.98 -12.45
CA ASP A 140 -0.93 3.78 -12.42
C ASP A 140 0.39 4.03 -13.12
N LEU A 141 1.49 3.92 -12.37
CA LEU A 141 2.82 4.14 -12.92
C LEU A 141 3.47 2.81 -13.31
N MET A 142 4.19 2.81 -14.43
CA MET A 142 4.86 1.60 -14.90
C MET A 142 6.23 1.94 -15.48
N PRO A 143 7.12 0.94 -15.52
CA PRO A 143 8.48 1.10 -16.05
C PRO A 143 8.49 1.30 -17.55
N HIS A 144 9.69 1.32 -18.14
CA HIS A 144 9.83 1.49 -19.58
C HIS A 144 9.72 0.15 -20.30
N ASN A 145 8.78 0.07 -21.24
CA ASN A 145 8.56 -1.15 -22.00
C ASN A 145 7.70 -0.88 -23.23
N PRO A 146 8.26 -0.15 -24.20
CA PRO A 146 7.56 0.21 -25.44
C PRO A 146 7.35 -1.01 -26.35
N LEU A 147 6.19 -1.08 -26.97
CA LEU A 147 5.87 -2.19 -27.87
C LEU A 147 5.42 -1.67 -29.23
N LYS A 148 5.32 -2.58 -30.20
CA LYS A 148 4.90 -2.21 -31.55
C LYS A 148 3.58 -1.44 -31.52
N VAL A 149 3.30 -0.73 -32.60
CA VAL A 149 2.07 0.05 -32.70
C VAL A 149 0.90 -0.81 -33.14
N CYS A 150 0.98 -1.34 -34.35
CA CYS A 150 -0.07 -2.18 -34.90
C CYS A 150 0.51 -3.32 -35.74
N ASP A 151 -0.35 -4.23 -36.18
CA ASP A 151 0.08 -5.37 -36.98
C ASP A 151 -0.25 -5.13 -38.45
N LYS A 152 0.78 -5.08 -39.28
CA LYS A 152 0.61 -4.86 -40.72
C LYS A 152 0.04 -6.11 -41.39
N THR A 153 -0.88 -5.89 -42.32
CA THR A 153 -1.51 -6.99 -43.04
C THR A 153 -0.49 -7.74 -43.89
N ASN A 154 -0.95 -8.83 -44.51
CA ASN A 154 -0.07 -9.63 -45.36
C ASN A 154 -0.88 -10.66 -46.15
N GLY A 155 -0.46 -10.91 -47.39
CA GLY A 155 -1.15 -11.87 -48.24
C GLY A 155 -1.37 -13.20 -47.55
N ILE A 156 -0.36 -14.07 -47.63
CA ILE A 156 -0.45 -15.39 -47.01
C ILE A 156 -0.87 -15.29 -45.55
N ALA A 157 -1.16 -16.43 -44.93
CA ALA A 157 -1.57 -16.46 -43.54
C ALA A 157 -0.55 -17.21 -42.69
N LYS A 158 -0.15 -16.59 -41.58
CA LYS A 158 0.83 -17.19 -40.68
C LYS A 158 0.21 -17.43 -39.30
N PHE A 159 0.94 -18.15 -38.46
CA PHE A 159 0.46 -18.45 -37.11
C PHE A 159 1.58 -18.25 -36.09
N PRO A 160 1.98 -16.99 -35.88
CA PRO A 160 3.05 -16.64 -34.93
C PRO A 160 2.61 -16.82 -33.49
N GLU A 161 3.54 -16.60 -32.56
CA GLU A 161 3.26 -16.75 -31.14
C GLU A 161 2.98 -15.39 -30.49
N ARG A 162 2.10 -15.39 -29.50
CA ARG A 162 1.74 -14.16 -28.80
C ARG A 162 2.28 -14.17 -27.38
N GLU A 163 2.72 -13.00 -26.91
CA GLU A 163 3.26 -12.88 -25.56
C GLU A 163 2.80 -11.58 -24.90
N LEU A 164 3.03 -11.47 -23.59
CA LEU A 164 2.64 -10.27 -22.85
C LEU A 164 3.13 -10.35 -21.41
N GLU A 165 3.47 -9.19 -20.84
CA GLU A 165 3.95 -9.14 -19.47
C GLU A 165 3.22 -8.05 -18.68
N LEU A 166 3.52 -6.79 -18.98
CA LEU A 166 2.89 -5.67 -18.31
C LEU A 166 1.79 -5.06 -19.16
N ARG A 167 0.66 -4.74 -18.53
CA ARG A 167 -0.47 -4.15 -19.23
C ARG A 167 -0.34 -2.63 -19.29
N GLN A 168 -0.83 -2.04 -20.38
CA GLN A 168 -0.77 -0.59 -20.55
C GLN A 168 -1.49 0.12 -19.42
N THR A 169 -1.07 1.35 -19.13
CA THR A 169 -1.67 2.14 -18.06
C THR A 169 -2.52 3.27 -18.62
N GLY A 170 -3.62 3.57 -17.94
CA GLY A 170 -4.49 4.64 -18.39
C GLY A 170 -4.10 6.00 -17.84
N PRO A 171 -4.83 7.04 -18.26
CA PRO A 171 -4.56 8.41 -17.81
C PRO A 171 -4.91 8.62 -16.34
N ALA A 172 -4.28 9.62 -15.72
CA ALA A 172 -4.53 9.94 -14.32
C ALA A 172 -5.98 10.32 -14.09
N VAL A 173 -6.54 9.87 -12.97
CA VAL A 173 -7.93 10.18 -12.63
C VAL A 173 -8.01 11.11 -11.43
N GLU A 174 -8.67 12.25 -11.61
CA GLU A 174 -8.82 13.23 -10.55
C GLU A 174 -10.25 13.24 -10.02
N VAL A 175 -10.39 13.07 -8.71
CA VAL A 175 -11.71 13.07 -8.07
C VAL A 175 -11.65 13.68 -6.68
N ASP A 176 -12.51 14.66 -6.44
CA ASP A 176 -12.57 15.34 -5.15
C ASP A 176 -12.70 14.33 -4.01
N VAL A 177 -11.93 14.54 -2.95
CA VAL A 177 -11.96 13.64 -1.79
C VAL A 177 -13.39 13.44 -1.31
N LYS A 178 -14.20 14.49 -1.39
CA LYS A 178 -15.59 14.43 -0.96
C LYS A 178 -16.41 13.55 -1.90
N ASP A 179 -16.08 13.61 -3.19
CA ASP A 179 -16.78 12.82 -4.19
C ASP A 179 -16.51 11.34 -4.01
N ILE A 180 -15.23 10.98 -3.92
CA ILE A 180 -14.84 9.58 -3.75
C ILE A 180 -15.39 9.03 -2.43
N PRO A 181 -15.56 7.70 -2.39
CA PRO A 181 -16.08 7.00 -1.20
C PRO A 181 -15.07 7.00 -0.05
N ALA A 182 -14.99 8.13 0.64
CA ALA A 182 -14.07 8.27 1.77
C ALA A 182 -14.83 8.56 3.06
N GLN A 183 -14.37 7.96 4.16
CA GLN A 183 -15.01 8.15 5.46
C GLN A 183 -14.12 8.97 6.38
N GLU A 184 -13.77 10.17 5.95
CA GLU A 184 -12.93 11.05 6.74
C GLU A 184 -13.66 12.35 7.09
N VAL A 185 -13.19 13.03 8.13
CA VAL A 185 -13.79 14.28 8.56
C VAL A 185 -13.01 15.48 8.03
N GLU A 186 -13.74 16.53 7.66
CA GLU A 186 -13.12 17.74 7.14
C GLU A 186 -13.28 18.90 8.12
N HIS A 187 -12.46 19.94 7.93
CA HIS A 187 -12.52 21.11 8.80
C HIS A 187 -13.15 22.31 8.07
N GLU A 188 -13.83 23.15 8.82
CA GLU A 188 -14.48 24.32 8.26
C GLU A 188 -13.48 25.15 7.43
N SER A 38 -91.42 -11.31 19.40
CA SER A 38 -90.23 -11.56 20.20
C SER A 38 -90.20 -10.62 21.41
N ALA A 39 -89.50 -11.05 22.46
CA ALA A 39 -89.39 -10.26 23.67
C ALA A 39 -87.97 -9.74 23.86
N TYR A 40 -87.85 -8.62 24.57
CA TYR A 40 -86.54 -8.01 24.80
C TYR A 40 -86.30 -7.81 26.30
N ARG A 41 -85.67 -8.78 26.93
CA ARG A 41 -85.38 -8.71 28.37
C ARG A 41 -83.91 -9.03 28.64
N LYS A 42 -83.02 -8.18 28.14
CA LYS A 42 -81.59 -8.37 28.34
C LYS A 42 -80.94 -7.10 28.88
N LYS A 43 -81.65 -6.42 29.78
CA LYS A 43 -81.13 -5.19 30.37
C LYS A 43 -79.94 -5.48 31.28
N GLY A 44 -78.87 -4.72 31.11
CA GLY A 44 -77.69 -4.91 31.92
C GLY A 44 -76.42 -4.94 31.10
N LYS A 45 -75.72 -3.81 31.03
CA LYS A 45 -74.48 -3.71 30.27
C LYS A 45 -73.56 -2.65 30.86
N GLY A 46 -72.31 -2.65 30.42
CA GLY A 46 -71.35 -1.68 30.92
C GLY A 46 -69.98 -2.29 31.15
N LYS A 47 -68.98 -1.77 30.45
CA LYS A 47 -67.61 -2.26 30.58
C LYS A 47 -66.67 -1.16 31.05
N GLY A 48 -65.56 -1.55 31.67
CA GLY A 48 -64.61 -0.58 32.16
C GLY A 48 -63.45 -1.22 32.90
N THR A 49 -62.39 -1.56 32.17
CA THR A 49 -61.21 -2.19 32.77
C THR A 49 -59.93 -1.62 32.19
N THR A 50 -59.06 -1.13 33.06
CA THR A 50 -57.78 -0.57 32.63
C THR A 50 -56.68 -0.84 33.66
N VAL A 51 -55.44 -0.82 33.20
CA VAL A 51 -54.30 -1.07 34.08
C VAL A 51 -53.05 -0.35 33.58
N GLY A 52 -51.94 -0.52 34.28
CA GLY A 52 -50.70 0.11 33.88
C GLY A 52 -49.50 -0.45 34.62
N MET A 53 -48.31 -0.14 34.13
CA MET A 53 -47.07 -0.62 34.75
C MET A 53 -45.86 0.08 34.16
N GLY A 54 -44.75 0.06 34.88
CA GLY A 54 -43.53 0.69 34.42
C GLY A 54 -42.79 1.41 35.53
N LYS A 55 -41.47 1.48 35.41
CA LYS A 55 -40.64 2.14 36.41
C LYS A 55 -39.71 3.16 35.75
N SER A 56 -38.68 2.67 35.08
CA SER A 56 -37.71 3.54 34.41
C SER A 56 -36.69 2.73 33.62
N SER A 57 -35.98 3.40 32.72
CA SER A 57 -34.99 2.73 31.90
C SER A 57 -34.19 3.74 31.07
N ARG A 58 -32.87 3.66 31.13
CA ARG A 58 -32.00 4.56 30.40
C ARG A 58 -30.55 4.15 30.53
N ARG A 59 -29.75 4.44 29.50
CA ARG A 59 -28.34 4.09 29.49
C ARG A 59 -27.61 4.80 28.35
N PHE A 60 -26.35 5.13 28.58
CA PHE A 60 -25.54 5.80 27.57
C PHE A 60 -24.07 5.40 27.69
N ILE A 61 -23.30 5.68 26.64
CA ILE A 61 -21.89 5.35 26.62
C ILE A 61 -21.06 6.50 26.09
N ASN A 62 -19.82 6.60 26.56
CA ASN A 62 -18.92 7.67 26.12
C ASN A 62 -18.25 7.30 24.80
N MET A 63 -17.32 8.16 24.36
CA MET A 63 -16.62 7.93 23.11
C MET A 63 -15.36 8.80 23.03
N TYR A 64 -14.36 8.30 22.31
CA TYR A 64 -13.10 9.04 22.16
C TYR A 64 -12.85 9.40 20.70
N GLY A 65 -11.68 9.97 20.43
CA GLY A 65 -11.34 10.36 19.07
C GLY A 65 -9.88 10.14 18.76
N PHE A 66 -9.37 10.86 17.76
CA PHE A 66 -7.98 10.73 17.36
C PHE A 66 -7.34 12.10 17.14
N ASP A 67 -6.11 12.11 16.66
CA ASP A 67 -5.39 13.36 16.42
C ASP A 67 -5.18 13.56 14.91
N PRO A 68 -4.92 14.82 14.52
CA PRO A 68 -4.68 15.18 13.12
C PRO A 68 -3.37 14.64 12.60
N THR A 69 -3.07 14.94 11.33
CA THR A 69 -1.83 14.49 10.71
C THR A 69 -1.47 15.35 9.52
N GLU A 70 -0.24 15.20 9.03
CA GLU A 70 0.24 15.97 7.89
C GLU A 70 -0.04 15.23 6.58
N TYR A 71 -0.54 15.96 5.59
CA TYR A 71 -0.85 15.37 4.29
C TYR A 71 0.05 15.95 3.20
N SER A 72 1.35 16.00 3.49
CA SER A 72 2.33 16.53 2.55
C SER A 72 3.24 15.42 2.02
N PHE A 73 2.63 14.37 1.49
CA PHE A 73 3.40 13.24 0.96
C PHE A 73 2.59 12.50 -0.10
N ILE A 74 3.10 11.33 -0.51
CA ILE A 74 2.43 10.53 -1.53
C ILE A 74 2.03 9.17 -0.97
N GLN A 75 0.87 8.67 -1.40
CA GLN A 75 0.37 7.39 -0.95
C GLN A 75 0.58 6.32 -2.02
N PHE A 76 1.39 5.32 -1.71
CA PHE A 76 1.67 4.23 -2.65
C PHE A 76 0.67 3.10 -2.47
N VAL A 77 0.15 2.59 -3.58
CA VAL A 77 -0.81 1.50 -3.55
C VAL A 77 -0.60 0.55 -4.73
N ASP A 78 -0.84 -0.74 -4.49
CA ASP A 78 -0.68 -1.74 -5.53
C ASP A 78 -2.01 -2.04 -6.21
N PRO A 79 -1.97 -2.20 -7.54
CA PRO A 79 -3.17 -2.49 -8.34
C PRO A 79 -3.71 -3.89 -8.10
N LEU A 80 -2.82 -4.81 -7.75
CA LEU A 80 -3.20 -6.19 -7.48
C LEU A 80 -4.39 -6.26 -6.52
N THR A 81 -4.15 -5.92 -5.26
CA THR A 81 -5.19 -5.94 -4.25
C THR A 81 -5.45 -4.54 -3.70
N GLY A 82 -4.37 -3.82 -3.42
CA GLY A 82 -4.50 -2.47 -2.89
C GLY A 82 -3.56 -2.22 -1.72
N ALA A 83 -2.31 -2.65 -1.85
CA ALA A 83 -1.32 -2.46 -0.81
C ALA A 83 -1.27 -1.00 -0.35
N GLN A 84 -0.56 -0.76 0.75
CA GLN A 84 -0.43 0.60 1.28
C GLN A 84 1.01 0.87 1.72
N ILE A 85 1.57 1.97 1.22
CA ILE A 85 2.93 2.34 1.56
C ILE A 85 3.13 3.85 1.47
N GLU A 86 3.97 4.39 2.34
CA GLU A 86 4.24 5.82 2.36
C GLU A 86 5.33 6.18 1.36
N GLU A 87 4.95 6.82 0.25
CA GLU A 87 5.89 7.21 -0.78
C GLU A 87 6.07 8.73 -0.81
N ASN A 88 7.22 9.18 -1.29
CA ASN A 88 7.52 10.60 -1.36
C ASN A 88 8.09 10.96 -2.74
N VAL A 89 8.50 12.21 -2.88
CA VAL A 89 9.08 12.68 -4.15
C VAL A 89 10.33 11.90 -4.51
N TYR A 90 11.10 11.51 -3.50
CA TYR A 90 12.32 10.75 -3.72
C TYR A 90 12.18 9.33 -3.19
N ALA A 91 10.98 8.77 -3.33
CA ALA A 91 10.71 7.41 -2.87
C ALA A 91 11.65 6.41 -3.55
N ASP A 92 12.33 5.61 -2.75
CA ASP A 92 13.25 4.60 -3.26
C ASP A 92 12.62 3.22 -3.22
N ILE A 93 12.78 2.46 -4.30
CA ILE A 93 12.24 1.11 -4.39
C ILE A 93 12.66 0.28 -3.18
N ARG A 94 13.89 0.49 -2.73
CA ARG A 94 14.41 -0.26 -1.58
C ARG A 94 13.56 0.00 -0.34
N ASP A 95 13.09 1.23 -0.20
CA ASP A 95 12.26 1.60 0.95
C ASP A 95 10.86 1.01 0.82
N ILE A 96 10.35 0.98 -0.41
CA ILE A 96 9.02 0.45 -0.68
C ILE A 96 8.98 -1.07 -0.46
N GLN A 97 10.09 -1.74 -0.79
CA GLN A 97 10.17 -3.18 -0.64
C GLN A 97 10.02 -3.58 0.82
N GLU A 98 10.54 -2.75 1.72
CA GLU A 98 10.46 -3.03 3.15
C GLU A 98 9.02 -3.31 3.57
N ARG A 99 8.14 -2.33 3.36
CA ARG A 99 6.74 -2.47 3.72
C ARG A 99 6.10 -3.60 2.94
N PHE A 100 6.51 -3.76 1.68
CA PHE A 100 5.96 -4.80 0.82
C PHE A 100 6.13 -6.18 1.46
N SER A 101 7.23 -6.35 2.19
CA SER A 101 7.51 -7.62 2.86
C SER A 101 6.31 -8.08 3.68
N GLU A 102 5.67 -7.13 4.37
CA GLU A 102 4.51 -7.44 5.19
C GLU A 102 3.40 -8.09 4.37
N VAL A 103 2.93 -7.36 3.36
CA VAL A 103 1.87 -7.85 2.49
C VAL A 103 2.25 -9.20 1.87
N ARG A 104 3.38 -9.21 1.15
CA ARG A 104 3.85 -10.44 0.51
C ARG A 104 3.92 -11.58 1.50
N LYS A 105 4.37 -11.29 2.72
CA LYS A 105 4.49 -12.30 3.76
C LYS A 105 3.12 -12.91 4.07
N LYS A 106 2.14 -12.05 4.32
CA LYS A 106 0.79 -12.51 4.63
C LYS A 106 0.22 -13.33 3.47
N MET A 107 0.54 -12.92 2.25
CA MET A 107 0.07 -13.61 1.06
C MET A 107 0.59 -15.05 1.02
N VAL A 108 1.91 -15.20 1.04
CA VAL A 108 2.54 -16.51 1.00
C VAL A 108 2.15 -17.33 2.24
N GLU A 109 2.02 -16.66 3.37
CA GLU A 109 1.66 -17.33 4.62
C GLU A 109 0.24 -17.91 4.54
N ASN A 110 -0.66 -17.15 3.92
CA ASN A 110 -2.04 -17.59 3.78
C ASN A 110 -2.12 -18.96 3.12
N ASP A 111 -1.15 -19.25 2.26
CA ASP A 111 -1.10 -20.53 1.56
C ASP A 111 -2.31 -20.69 0.64
N ASP A 112 -2.42 -19.82 -0.35
CA ASP A 112 -3.53 -19.87 -1.29
C ASP A 112 -3.02 -19.98 -2.73
N ILE A 113 -1.92 -19.29 -3.02
CA ILE A 113 -1.33 -19.32 -4.35
C ILE A 113 0.14 -19.67 -4.29
N GLU A 114 0.79 -19.67 -5.45
CA GLU A 114 2.21 -19.98 -5.53
C GLU A 114 2.98 -18.86 -6.22
N MET A 115 2.55 -18.50 -7.42
CA MET A 115 3.21 -17.44 -8.18
C MET A 115 2.17 -16.54 -8.84
N GLN A 116 0.98 -16.48 -8.27
CA GLN A 116 -0.10 -15.65 -8.80
C GLN A 116 0.05 -14.20 -8.36
N ALA A 117 0.36 -14.01 -7.07
CA ALA A 117 0.54 -12.68 -6.51
C ALA A 117 1.77 -12.00 -7.09
N LEU A 118 2.82 -12.79 -7.33
CA LEU A 118 4.07 -12.26 -7.88
C LEU A 118 4.01 -12.22 -9.41
N GLY A 119 3.52 -13.31 -10.00
CA GLY A 119 3.43 -13.38 -11.45
C GLY A 119 2.69 -12.19 -12.04
N SER A 120 1.70 -11.69 -11.31
CA SER A 120 0.92 -10.55 -11.77
C SER A 120 1.59 -9.23 -11.41
N ASN A 121 2.20 -9.20 -10.23
CA ASN A 121 2.89 -8.01 -9.76
C ASN A 121 3.86 -7.48 -10.81
N THR A 122 3.52 -6.36 -11.43
CA THR A 122 4.35 -5.75 -12.46
C THR A 122 4.37 -4.24 -12.34
N THR A 123 3.18 -3.64 -12.36
CA THR A 123 3.06 -2.19 -12.25
C THR A 123 2.48 -1.78 -10.90
N ILE A 124 2.77 -0.55 -10.48
CA ILE A 124 2.28 -0.05 -9.20
C ILE A 124 1.37 1.16 -9.41
N HIS A 125 0.51 1.41 -8.43
CA HIS A 125 -0.41 2.54 -8.49
C HIS A 125 0.04 3.67 -7.57
N ALA A 126 0.10 4.88 -8.10
CA ALA A 126 0.51 6.04 -7.33
C ALA A 126 -0.68 6.94 -6.99
N TYR A 127 -0.88 7.21 -5.70
CA TYR A 127 -1.97 8.05 -5.26
C TYR A 127 -1.46 9.35 -4.66
N PHE A 128 -1.48 10.42 -5.46
CA PHE A 128 -1.02 11.72 -5.00
C PHE A 128 -2.18 12.55 -4.45
N ARG A 129 -1.86 13.50 -3.58
CA ARG A 129 -2.87 14.36 -2.98
C ARG A 129 -2.61 15.82 -3.32
N LYS A 130 -3.66 16.52 -3.76
CA LYS A 130 -3.55 17.92 -4.12
C LYS A 130 -2.88 18.73 -3.01
N ASP A 131 -2.39 19.91 -3.35
CA ASP A 131 -1.73 20.77 -2.37
C ASP A 131 -2.60 20.96 -1.14
N TRP A 132 -3.81 21.49 -1.34
CA TRP A 132 -4.74 21.72 -0.24
C TRP A 132 -5.71 20.55 -0.10
N SER A 133 -5.26 19.36 -0.48
CA SER A 133 -6.10 18.17 -0.40
C SER A 133 -7.48 18.42 -1.01
N ASP A 134 -7.51 19.26 -2.04
CA ASP A 134 -8.76 19.59 -2.71
C ASP A 134 -9.25 18.41 -3.57
N LYS A 135 -8.30 17.70 -4.16
CA LYS A 135 -8.64 16.55 -5.00
C LYS A 135 -7.57 15.47 -4.90
N ALA A 136 -7.93 14.25 -5.29
CA ALA A 136 -6.99 13.13 -5.23
C ALA A 136 -6.60 12.69 -6.64
N LEU A 137 -5.32 12.35 -6.80
CA LEU A 137 -4.81 11.91 -8.10
C LEU A 137 -4.35 10.46 -8.03
N LYS A 138 -4.80 9.66 -9.00
CA LYS A 138 -4.43 8.25 -9.06
C LYS A 138 -3.96 7.87 -10.46
N ILE A 139 -2.71 7.44 -10.56
CA ILE A 139 -2.15 7.04 -11.84
C ILE A 139 -1.33 5.76 -11.72
N ASP A 140 -1.36 4.93 -12.76
CA ASP A 140 -0.61 3.68 -12.75
C ASP A 140 0.82 3.90 -13.23
N LEU A 141 1.77 3.81 -12.31
CA LEU A 141 3.18 3.99 -12.65
C LEU A 141 3.87 2.65 -12.86
N MET A 142 4.82 2.63 -13.80
CA MET A 142 5.55 1.40 -14.10
C MET A 142 6.96 1.72 -14.62
N PRO A 143 7.85 0.72 -14.56
CA PRO A 143 9.23 0.88 -15.02
C PRO A 143 9.33 1.01 -16.54
N HIS A 144 10.55 1.01 -17.05
CA HIS A 144 10.79 1.12 -18.49
C HIS A 144 10.76 -0.25 -19.15
N ASN A 145 9.72 -1.02 -18.88
CA ASN A 145 9.58 -2.35 -19.44
C ASN A 145 9.96 -2.36 -20.93
N PRO A 146 11.16 -2.89 -21.23
CA PRO A 146 11.67 -2.96 -22.59
C PRO A 146 10.90 -3.97 -23.44
N LEU A 147 10.80 -3.70 -24.75
CA LEU A 147 10.10 -4.59 -25.66
C LEU A 147 10.93 -4.86 -26.91
N LYS A 148 10.39 -5.66 -27.81
CA LYS A 148 11.09 -5.99 -29.05
C LYS A 148 10.09 -6.39 -30.14
N VAL A 149 10.61 -6.61 -31.35
CA VAL A 149 9.77 -7.00 -32.48
C VAL A 149 9.52 -8.50 -32.48
N CYS A 150 8.71 -8.95 -33.44
CA CYS A 150 8.39 -10.37 -33.56
C CYS A 150 8.87 -10.93 -34.89
N ASP A 151 8.16 -10.59 -35.96
CA ASP A 151 8.52 -11.06 -37.29
C ASP A 151 7.65 -10.40 -38.36
N LYS A 152 7.86 -10.79 -39.61
CA LYS A 152 7.09 -10.24 -40.72
C LYS A 152 5.72 -10.91 -40.82
N THR A 153 4.99 -10.59 -41.88
CA THR A 153 3.66 -11.17 -42.10
C THR A 153 3.38 -11.35 -43.59
N ASN A 154 2.53 -12.32 -43.90
CA ASN A 154 2.17 -12.59 -45.29
C ASN A 154 1.09 -11.64 -45.77
N GLY A 155 0.53 -11.92 -46.95
CA GLY A 155 -0.51 -11.08 -47.50
C GLY A 155 -1.63 -10.83 -46.52
N ILE A 156 -2.27 -11.90 -46.07
CA ILE A 156 -3.37 -11.81 -45.13
C ILE A 156 -3.22 -12.82 -43.99
N ALA A 157 -3.56 -12.39 -42.78
CA ALA A 157 -3.47 -13.26 -41.61
C ALA A 157 -4.24 -12.69 -40.43
N LYS A 158 -4.47 -13.51 -39.42
CA LYS A 158 -5.20 -13.08 -38.24
C LYS A 158 -4.24 -12.66 -37.12
N PHE A 159 -3.13 -12.04 -37.51
CA PHE A 159 -2.13 -11.59 -36.56
C PHE A 159 -1.71 -12.73 -35.63
N PRO A 160 -1.01 -13.72 -36.19
CA PRO A 160 -0.53 -14.89 -35.43
C PRO A 160 0.57 -14.52 -34.44
N GLU A 161 0.17 -14.01 -33.27
CA GLU A 161 1.12 -13.63 -32.24
C GLU A 161 0.40 -13.22 -30.96
N ARG A 162 0.69 -13.92 -29.88
CA ARG A 162 0.07 -13.64 -28.59
C ARG A 162 1.12 -13.61 -27.47
N GLU A 163 1.75 -12.45 -27.30
CA GLU A 163 2.78 -12.29 -26.27
C GLU A 163 2.68 -10.91 -25.63
N LEU A 164 2.91 -10.85 -24.32
CA LEU A 164 2.86 -9.60 -23.58
C LEU A 164 3.82 -9.61 -22.40
N GLU A 165 4.13 -8.43 -21.88
CA GLU A 165 5.05 -8.32 -20.74
C GLU A 165 4.39 -7.55 -19.60
N LEU A 166 4.25 -6.24 -19.76
CA LEU A 166 3.64 -5.39 -18.75
C LEU A 166 2.20 -5.04 -19.13
N ARG A 167 1.43 -4.61 -18.13
CA ARG A 167 0.03 -4.25 -18.35
C ARG A 167 -0.08 -2.77 -18.73
N GLN A 168 -1.19 -2.41 -19.37
CA GLN A 168 -1.43 -1.04 -19.78
C GLN A 168 -1.65 -0.14 -18.56
N THR A 169 -1.30 1.14 -18.72
CA THR A 169 -1.45 2.10 -17.63
C THR A 169 -2.66 3.01 -17.88
N GLY A 170 -2.51 3.94 -18.81
CA GLY A 170 -3.59 4.86 -19.11
C GLY A 170 -3.38 6.23 -18.51
N PRO A 171 -4.28 7.18 -18.82
CA PRO A 171 -4.21 8.54 -18.30
C PRO A 171 -4.52 8.61 -16.82
N ALA A 172 -4.04 9.68 -16.16
CA ALA A 172 -4.27 9.86 -14.74
C ALA A 172 -5.73 10.18 -14.45
N VAL A 173 -6.21 9.77 -13.28
CA VAL A 173 -7.58 10.02 -12.89
C VAL A 173 -7.65 10.88 -11.63
N GLU A 174 -8.42 11.96 -11.69
CA GLU A 174 -8.57 12.86 -10.56
C GLU A 174 -9.98 12.79 -9.99
N VAL A 175 -10.11 12.96 -8.68
CA VAL A 175 -11.40 12.92 -8.01
C VAL A 175 -11.41 13.82 -6.79
N ASP A 176 -12.40 14.71 -6.72
CA ASP A 176 -12.53 15.62 -5.60
C ASP A 176 -12.54 14.86 -4.27
N VAL A 177 -11.94 15.46 -3.24
CA VAL A 177 -11.89 14.83 -1.92
C VAL A 177 -13.28 14.40 -1.47
N LYS A 178 -14.29 15.13 -1.91
CA LYS A 178 -15.67 14.81 -1.55
C LYS A 178 -16.24 13.72 -2.45
N ASP A 179 -15.83 13.74 -3.72
CA ASP A 179 -16.30 12.74 -4.68
C ASP A 179 -15.87 11.35 -4.27
N ILE A 180 -14.58 11.20 -3.97
CA ILE A 180 -14.04 9.90 -3.57
C ILE A 180 -14.83 9.32 -2.40
N PRO A 181 -14.79 7.98 -2.26
CA PRO A 181 -15.48 7.28 -1.18
C PRO A 181 -14.86 7.54 0.18
N ALA A 182 -15.25 8.65 0.80
CA ALA A 182 -14.73 9.01 2.12
C ALA A 182 -15.71 9.89 2.88
N GLN A 183 -15.71 9.76 4.20
CA GLN A 183 -16.61 10.54 5.04
C GLN A 183 -15.84 11.59 5.85
N GLU A 184 -15.91 12.84 5.40
CA GLU A 184 -15.23 13.93 6.08
C GLU A 184 -16.19 15.06 6.41
N VAL A 185 -17.48 14.73 6.48
CA VAL A 185 -18.50 15.72 6.79
C VAL A 185 -18.89 15.67 8.26
N GLU A 186 -19.22 16.83 8.83
CA GLU A 186 -19.61 16.91 10.23
C GLU A 186 -21.04 17.41 10.37
N HIS A 187 -21.40 18.42 9.57
CA HIS A 187 -22.74 18.98 9.61
C HIS A 187 -23.27 19.20 8.19
N GLU A 188 -24.59 19.32 8.07
CA GLU A 188 -25.22 19.53 6.77
C GLU A 188 -24.88 20.90 6.22
N SER A 38 29.69 -4.78 12.38
CA SER A 38 28.38 -5.41 12.38
C SER A 38 28.32 -6.55 13.40
N ALA A 39 27.22 -6.63 14.14
CA ALA A 39 27.04 -7.66 15.14
C ALA A 39 25.64 -8.27 15.06
N TYR A 40 25.50 -9.48 15.59
CA TYR A 40 24.21 -10.17 15.58
C TYR A 40 23.76 -10.50 17.00
N ARG A 41 22.45 -10.45 17.22
CA ARG A 41 21.88 -10.74 18.53
C ARG A 41 21.01 -11.98 18.48
N LYS A 42 20.98 -12.72 19.58
CA LYS A 42 20.18 -13.94 19.67
C LYS A 42 19.00 -13.75 20.63
N LYS A 43 17.83 -14.20 20.21
CA LYS A 43 16.63 -14.09 21.03
C LYS A 43 15.98 -15.46 21.25
N GLY A 44 15.66 -15.76 22.50
CA GLY A 44 15.04 -17.03 22.82
C GLY A 44 13.54 -16.93 22.93
N LYS A 45 12.88 -18.08 23.01
CA LYS A 45 11.41 -18.13 23.12
C LYS A 45 10.99 -18.22 24.58
N GLY A 46 11.24 -17.15 25.34
CA GLY A 46 10.87 -17.15 26.74
C GLY A 46 9.37 -17.22 26.95
N LYS A 47 8.93 -18.16 27.78
CA LYS A 47 7.51 -18.33 28.06
C LYS A 47 7.06 -17.40 29.17
N GLY A 48 5.80 -16.96 29.10
CA GLY A 48 5.26 -16.07 30.12
C GLY A 48 4.52 -16.81 31.21
N THR A 49 3.21 -16.93 31.04
CA THR A 49 2.37 -17.61 32.02
C THR A 49 2.38 -16.89 33.36
N THR A 50 2.25 -15.57 33.31
CA THR A 50 2.25 -14.76 34.52
C THR A 50 1.18 -15.24 35.50
N VAL A 51 1.60 -15.47 36.74
CA VAL A 51 0.68 -15.94 37.78
C VAL A 51 0.97 -15.25 39.12
N GLY A 52 0.04 -15.38 40.06
CA GLY A 52 0.22 -14.78 41.36
C GLY A 52 -0.93 -15.10 42.31
N MET A 53 -0.71 -14.89 43.60
CA MET A 53 -1.73 -15.15 44.60
C MET A 53 -1.37 -14.48 45.93
N GLY A 54 -2.39 -13.98 46.63
CA GLY A 54 -2.16 -13.33 47.91
C GLY A 54 -3.24 -12.32 48.25
N LYS A 55 -2.91 -11.04 48.13
CA LYS A 55 -3.86 -9.98 48.41
C LYS A 55 -4.05 -9.07 47.21
N SER A 56 -4.92 -8.07 47.35
CA SER A 56 -5.19 -7.13 46.27
C SER A 56 -4.19 -5.98 46.29
N SER A 57 -4.24 -5.15 45.25
CA SER A 57 -3.33 -4.01 45.14
C SER A 57 -3.97 -2.90 44.32
N ARG A 58 -4.13 -1.73 44.95
CA ARG A 58 -4.72 -0.58 44.27
C ARG A 58 -3.64 0.39 43.81
N ARG A 59 -3.10 0.14 42.62
CA ARG A 59 -2.06 0.99 42.06
C ARG A 59 -1.66 0.52 40.67
N PHE A 60 -1.54 1.47 39.75
CA PHE A 60 -1.16 1.16 38.37
C PHE A 60 -0.42 2.33 37.72
N ILE A 61 0.45 2.00 36.77
CA ILE A 61 1.22 3.03 36.08
C ILE A 61 1.33 2.72 34.59
N ASN A 62 0.92 3.66 33.75
CA ASN A 62 0.98 3.49 32.30
C ASN A 62 0.58 4.77 31.59
N MET A 63 1.38 5.16 30.59
CA MET A 63 1.11 6.36 29.82
C MET A 63 2.10 6.51 28.68
N TYR A 64 1.58 6.52 27.45
CA TYR A 64 2.43 6.66 26.26
C TYR A 64 1.58 6.78 25.01
N GLY A 65 2.15 7.40 23.97
CA GLY A 65 1.43 7.58 22.73
C GLY A 65 2.16 8.49 21.76
N PHE A 66 2.34 8.01 20.53
CA PHE A 66 3.03 8.79 19.51
C PHE A 66 2.73 8.24 18.12
N ASP A 67 2.54 9.14 17.16
CA ASP A 67 2.23 8.76 15.79
C ASP A 67 2.19 9.99 14.88
N PRO A 68 3.37 10.54 14.58
CA PRO A 68 3.49 11.73 13.72
C PRO A 68 3.16 11.41 12.27
N THR A 69 2.93 12.46 11.48
CA THR A 69 2.61 12.30 10.06
C THR A 69 2.95 13.56 9.28
N GLU A 70 2.74 13.51 7.96
CA GLU A 70 3.03 14.64 7.10
C GLU A 70 2.10 14.66 5.89
N TYR A 71 2.09 15.78 5.18
CA TYR A 71 1.25 15.92 3.99
C TYR A 71 2.09 16.09 2.74
N SER A 72 1.43 16.33 1.61
CA SER A 72 2.11 16.50 0.33
C SER A 72 3.01 15.31 0.03
N PHE A 73 2.38 14.16 -0.20
CA PHE A 73 3.12 12.93 -0.50
C PHE A 73 2.29 11.99 -1.35
N ILE A 74 2.91 10.93 -1.84
CA ILE A 74 2.23 9.94 -2.66
C ILE A 74 1.86 8.71 -1.86
N GLN A 75 0.64 8.22 -2.06
CA GLN A 75 0.16 7.04 -1.35
C GLN A 75 0.20 5.80 -2.25
N PHE A 76 1.07 4.86 -1.91
CA PHE A 76 1.20 3.64 -2.70
C PHE A 76 0.20 2.58 -2.24
N VAL A 77 -0.60 2.08 -3.18
CA VAL A 77 -1.62 1.08 -2.87
C VAL A 77 -1.71 0.03 -3.99
N ASP A 78 -1.96 -1.21 -3.60
CA ASP A 78 -2.07 -2.30 -4.57
C ASP A 78 -3.42 -2.99 -4.44
N PRO A 79 -4.21 -2.97 -5.52
CA PRO A 79 -5.54 -3.59 -5.55
C PRO A 79 -5.46 -5.12 -5.53
N LEU A 80 -4.34 -5.65 -6.02
CA LEU A 80 -4.13 -7.10 -6.06
C LEU A 80 -4.43 -7.73 -4.69
N THR A 81 -3.62 -7.38 -3.70
CA THR A 81 -3.79 -7.92 -2.36
C THR A 81 -4.36 -6.86 -1.42
N GLY A 82 -3.91 -5.62 -1.60
CA GLY A 82 -4.39 -4.54 -0.75
C GLY A 82 -3.27 -3.91 0.07
N ALA A 83 -2.20 -3.50 -0.61
CA ALA A 83 -1.07 -2.88 0.07
C ALA A 83 -1.36 -1.42 0.42
N GLN A 84 -0.74 -0.94 1.50
CA GLN A 84 -0.95 0.43 1.94
C GLN A 84 0.35 1.03 2.47
N ILE A 85 0.86 2.04 1.79
CA ILE A 85 2.10 2.69 2.19
C ILE A 85 2.12 4.16 1.77
N GLU A 86 2.78 5.00 2.55
CA GLU A 86 2.88 6.42 2.25
C GLU A 86 4.31 6.80 1.89
N GLU A 87 4.55 7.02 0.60
CA GLU A 87 5.88 7.40 0.12
C GLU A 87 5.89 8.84 -0.36
N ASN A 88 7.09 9.37 -0.61
CA ASN A 88 7.24 10.74 -1.06
C ASN A 88 7.48 10.78 -2.57
N VAL A 89 7.79 11.97 -3.08
CA VAL A 89 8.03 12.15 -4.51
C VAL A 89 9.08 11.15 -5.01
N TYR A 90 10.11 10.94 -4.21
CA TYR A 90 11.18 10.01 -4.56
C TYR A 90 10.61 8.65 -4.96
N ALA A 91 9.67 8.16 -4.18
CA ALA A 91 9.04 6.86 -4.45
C ALA A 91 10.09 5.78 -4.67
N ASP A 92 11.14 5.80 -3.86
CA ASP A 92 12.21 4.83 -3.97
C ASP A 92 11.68 3.41 -3.74
N ILE A 93 11.69 2.60 -4.80
CA ILE A 93 11.21 1.24 -4.71
C ILE A 93 11.90 0.47 -3.59
N ARG A 94 13.17 0.79 -3.36
CA ARG A 94 13.95 0.15 -2.31
C ARG A 94 13.21 0.20 -0.97
N ASP A 95 12.77 1.40 -0.59
CA ASP A 95 12.05 1.57 0.67
C ASP A 95 10.77 0.74 0.69
N ILE A 96 9.91 0.96 -0.30
CA ILE A 96 8.66 0.23 -0.39
C ILE A 96 8.90 -1.28 -0.34
N GLN A 97 10.02 -1.71 -0.92
CA GLN A 97 10.37 -3.13 -0.94
C GLN A 97 10.33 -3.72 0.47
N GLU A 98 10.87 -2.97 1.43
CA GLU A 98 10.91 -3.42 2.82
C GLU A 98 9.50 -3.79 3.31
N ARG A 99 8.61 -2.81 3.30
CA ARG A 99 7.24 -3.04 3.75
C ARG A 99 6.58 -4.14 2.92
N PHE A 100 6.92 -4.21 1.65
CA PHE A 100 6.35 -5.21 0.75
C PHE A 100 6.47 -6.60 1.36
N SER A 101 7.53 -6.82 2.13
CA SER A 101 7.76 -8.11 2.77
C SER A 101 6.54 -8.56 3.56
N GLU A 102 5.84 -7.59 4.16
CA GLU A 102 4.65 -7.89 4.94
C GLU A 102 3.53 -8.40 4.05
N VAL A 103 3.10 -7.57 3.10
CA VAL A 103 2.03 -7.95 2.19
C VAL A 103 2.38 -9.22 1.43
N ARG A 104 3.66 -9.38 1.10
CA ARG A 104 4.12 -10.55 0.38
C ARG A 104 4.06 -11.81 1.26
N LYS A 105 4.79 -11.77 2.37
CA LYS A 105 4.81 -12.91 3.30
C LYS A 105 3.39 -13.32 3.67
N LYS A 106 2.50 -12.35 3.75
CA LYS A 106 1.10 -12.62 4.10
C LYS A 106 0.38 -13.34 2.96
N MET A 107 0.36 -12.70 1.79
CA MET A 107 -0.29 -13.28 0.62
C MET A 107 0.19 -14.71 0.38
N VAL A 108 1.46 -14.95 0.66
CA VAL A 108 2.04 -16.29 0.47
C VAL A 108 1.69 -17.21 1.63
N GLU A 109 1.90 -16.72 2.85
CA GLU A 109 1.61 -17.50 4.04
C GLU A 109 0.17 -18.03 4.01
N ASN A 110 -0.73 -17.24 3.43
CA ASN A 110 -2.13 -17.63 3.31
C ASN A 110 -2.28 -18.99 2.64
N ASP A 111 -1.27 -19.36 1.85
CA ASP A 111 -1.28 -20.63 1.15
C ASP A 111 -2.36 -20.65 0.06
N ASP A 112 -2.31 -19.66 -0.83
CA ASP A 112 -3.27 -19.56 -1.92
C ASP A 112 -2.57 -19.53 -3.26
N ILE A 113 -1.41 -18.87 -3.31
CA ILE A 113 -0.63 -18.77 -4.54
C ILE A 113 0.81 -19.20 -4.32
N GLU A 114 1.62 -19.08 -5.37
CA GLU A 114 3.02 -19.45 -5.29
C GLU A 114 3.90 -18.46 -6.07
N MET A 115 3.47 -18.14 -7.28
CA MET A 115 4.21 -17.22 -8.13
C MET A 115 3.25 -16.25 -8.83
N GLN A 116 2.11 -16.01 -8.22
CA GLN A 116 1.11 -15.11 -8.78
C GLN A 116 1.44 -13.66 -8.46
N ALA A 117 1.86 -13.41 -7.23
CA ALA A 117 2.22 -12.06 -6.78
C ALA A 117 3.49 -11.58 -7.46
N LEU A 118 4.45 -12.49 -7.62
CA LEU A 118 5.72 -12.15 -8.26
C LEU A 118 5.63 -12.31 -9.78
N GLY A 119 4.99 -13.40 -10.21
CA GLY A 119 4.85 -13.65 -11.63
C GLY A 119 4.20 -12.49 -12.36
N SER A 120 3.20 -11.90 -11.74
CA SER A 120 2.48 -10.77 -12.34
C SER A 120 2.02 -9.78 -11.27
N ASN A 121 1.18 -8.84 -11.68
CA ASN A 121 0.68 -7.82 -10.76
C ASN A 121 1.81 -6.95 -10.22
N THR A 122 2.69 -6.52 -11.11
CA THR A 122 3.82 -5.68 -10.73
C THR A 122 3.40 -4.22 -10.62
N THR A 123 2.48 -3.81 -11.47
CA THR A 123 2.00 -2.42 -11.46
C THR A 123 1.49 -2.03 -10.09
N ILE A 124 1.53 -0.73 -9.81
CA ILE A 124 1.07 -0.22 -8.52
C ILE A 124 0.29 1.08 -8.69
N HIS A 125 -0.64 1.33 -7.77
CA HIS A 125 -1.45 2.54 -7.81
C HIS A 125 -0.89 3.62 -6.89
N ALA A 126 -0.40 4.70 -7.49
CA ALA A 126 0.17 5.81 -6.73
C ALA A 126 -0.82 6.97 -6.63
N TYR A 127 -1.33 7.21 -5.44
CA TYR A 127 -2.28 8.30 -5.21
C TYR A 127 -1.55 9.59 -4.85
N PHE A 128 -1.47 10.51 -5.82
CA PHE A 128 -0.82 11.78 -5.60
C PHE A 128 -1.81 12.85 -5.16
N ARG A 129 -1.64 13.35 -3.95
CA ARG A 129 -2.53 14.37 -3.41
C ARG A 129 -1.95 15.76 -3.64
N LYS A 130 -2.82 16.77 -3.67
CA LYS A 130 -2.41 18.14 -3.88
C LYS A 130 -1.27 18.52 -2.93
N ASP A 131 -0.63 19.65 -3.19
CA ASP A 131 0.47 20.12 -2.36
C ASP A 131 0.09 21.42 -1.65
N TRP A 132 -0.74 22.22 -2.29
CA TRP A 132 -1.17 23.49 -1.72
C TRP A 132 -2.64 23.75 -2.00
N SER A 133 -3.06 23.44 -3.22
CA SER A 133 -4.45 23.63 -3.64
C SER A 133 -5.33 22.49 -3.13
N ASP A 134 -6.55 22.43 -3.65
CA ASP A 134 -7.50 21.39 -3.25
C ASP A 134 -7.81 20.46 -4.43
N LYS A 135 -6.89 19.55 -4.70
CA LYS A 135 -7.07 18.59 -5.79
C LYS A 135 -6.43 17.25 -5.44
N ALA A 136 -6.81 16.22 -6.20
CA ALA A 136 -6.27 14.88 -5.97
C ALA A 136 -6.08 14.13 -7.30
N LEU A 137 -4.86 13.70 -7.55
CA LEU A 137 -4.55 12.97 -8.78
C LEU A 137 -4.16 11.52 -8.48
N LYS A 138 -4.55 10.62 -9.36
CA LYS A 138 -4.23 9.20 -9.18
C LYS A 138 -3.55 8.64 -10.43
N ILE A 139 -2.32 8.17 -10.27
CA ILE A 139 -1.57 7.61 -11.39
C ILE A 139 -0.95 6.26 -11.01
N ASP A 140 -0.91 5.35 -11.98
CA ASP A 140 -0.35 4.02 -11.74
C ASP A 140 1.06 3.92 -12.32
N LEU A 141 1.97 3.33 -11.54
CA LEU A 141 3.36 3.17 -11.99
C LEU A 141 3.65 1.72 -12.35
N MET A 142 4.43 1.54 -13.41
CA MET A 142 4.78 0.21 -13.87
C MET A 142 6.13 0.22 -14.61
N PRO A 143 6.81 -0.93 -14.61
CA PRO A 143 8.11 -1.08 -15.28
C PRO A 143 7.99 -1.02 -16.80
N HIS A 144 8.85 -0.22 -17.42
CA HIS A 144 8.84 -0.09 -18.87
C HIS A 144 9.03 -1.43 -19.56
N ASN A 145 8.38 -1.62 -20.70
CA ASN A 145 8.49 -2.86 -21.44
C ASN A 145 7.85 -2.72 -22.83
N PRO A 146 8.53 -1.99 -23.72
CA PRO A 146 8.06 -1.77 -25.09
C PRO A 146 8.11 -3.03 -25.93
N LEU A 147 7.36 -3.03 -27.03
CA LEU A 147 7.32 -4.18 -27.93
C LEU A 147 7.46 -3.74 -29.38
N LYS A 148 7.94 -4.65 -30.23
CA LYS A 148 8.12 -4.36 -31.65
C LYS A 148 6.84 -3.78 -32.25
N VAL A 149 6.94 -3.26 -33.46
CA VAL A 149 5.81 -2.68 -34.16
C VAL A 149 5.63 -3.28 -35.56
N CYS A 150 4.42 -3.69 -35.87
CA CYS A 150 4.13 -4.28 -37.18
C CYS A 150 2.62 -4.42 -37.38
N ASP A 151 2.13 -3.89 -38.49
CA ASP A 151 0.70 -3.95 -38.80
C ASP A 151 0.46 -3.55 -40.25
N LYS A 152 -0.68 -3.99 -40.79
CA LYS A 152 -1.04 -3.69 -42.17
C LYS A 152 0.03 -4.16 -43.13
N THR A 153 0.41 -5.43 -43.01
CA THR A 153 1.43 -6.01 -43.87
C THR A 153 0.85 -7.11 -44.74
N ASN A 154 1.38 -7.26 -45.95
CA ASN A 154 0.91 -8.27 -46.88
C ASN A 154 -0.60 -8.20 -47.06
N GLY A 155 -1.15 -7.00 -46.90
CA GLY A 155 -2.58 -6.81 -47.04
C GLY A 155 -3.36 -7.31 -45.83
N ILE A 156 -3.21 -8.60 -45.54
CA ILE A 156 -3.91 -9.19 -44.41
C ILE A 156 -2.97 -10.06 -43.58
N ALA A 157 -1.89 -9.46 -43.09
CA ALA A 157 -0.91 -10.18 -42.28
C ALA A 157 -1.57 -10.83 -41.08
N LYS A 158 -1.13 -12.04 -40.76
CA LYS A 158 -1.68 -12.78 -39.63
C LYS A 158 -0.56 -13.38 -38.77
N PHE A 159 -0.41 -12.85 -37.56
CA PHE A 159 0.62 -13.32 -36.64
C PHE A 159 0.02 -13.67 -35.28
N PRO A 160 0.72 -14.53 -34.53
CA PRO A 160 0.28 -14.97 -33.21
C PRO A 160 0.36 -13.86 -32.17
N GLU A 161 0.07 -14.20 -30.92
CA GLU A 161 0.11 -13.23 -29.83
C GLU A 161 0.63 -13.85 -28.55
N ARG A 162 0.96 -13.01 -27.57
CA ARG A 162 1.48 -13.49 -26.29
C ARG A 162 0.34 -13.73 -25.30
N GLU A 163 0.63 -14.50 -24.26
CA GLU A 163 -0.36 -14.81 -23.24
C GLU A 163 0.14 -14.43 -21.85
N LEU A 164 1.14 -13.56 -21.81
CA LEU A 164 1.72 -13.12 -20.54
C LEU A 164 2.74 -12.02 -20.77
N GLU A 165 2.41 -10.80 -20.35
CA GLU A 165 3.31 -9.66 -20.51
C GLU A 165 2.68 -8.39 -19.93
N LEU A 166 3.51 -7.54 -19.35
CA LEU A 166 3.05 -6.29 -18.76
C LEU A 166 2.32 -5.44 -19.81
N ARG A 167 1.04 -5.18 -19.57
CA ARG A 167 0.25 -4.38 -20.49
C ARG A 167 0.35 -2.89 -20.14
N GLN A 168 0.37 -2.04 -21.17
CA GLN A 168 0.47 -0.61 -20.97
C GLN A 168 -0.68 -0.09 -20.10
N THR A 169 -0.44 1.00 -19.39
CA THR A 169 -1.46 1.59 -18.53
C THR A 169 -1.88 2.96 -19.03
N GLY A 170 -3.17 3.25 -18.94
CA GLY A 170 -3.68 4.53 -19.39
C GLY A 170 -3.08 5.70 -18.62
N PRO A 171 -3.55 6.92 -18.94
CA PRO A 171 -3.06 8.14 -18.29
C PRO A 171 -3.51 8.23 -16.83
N ALA A 172 -3.28 9.39 -16.22
CA ALA A 172 -3.66 9.61 -14.83
C ALA A 172 -5.02 10.31 -14.73
N VAL A 173 -5.65 10.19 -13.57
CA VAL A 173 -6.95 10.81 -13.36
C VAL A 173 -6.90 11.84 -12.23
N GLU A 174 -7.34 13.06 -12.53
CA GLU A 174 -7.34 14.13 -11.54
C GLU A 174 -8.76 14.51 -11.14
N VAL A 175 -8.95 14.83 -9.86
CA VAL A 175 -10.26 15.21 -9.35
C VAL A 175 -10.14 16.13 -8.14
N ASP A 176 -10.96 17.17 -8.11
CA ASP A 176 -10.95 18.13 -7.00
C ASP A 176 -11.37 17.45 -5.70
N VAL A 177 -10.54 17.59 -4.67
CA VAL A 177 -10.83 16.98 -3.37
C VAL A 177 -12.23 17.37 -2.89
N LYS A 178 -12.68 18.54 -3.31
CA LYS A 178 -14.01 19.02 -2.93
C LYS A 178 -15.08 18.46 -3.85
N ASP A 179 -14.74 18.30 -5.13
CA ASP A 179 -15.67 17.77 -6.11
C ASP A 179 -16.09 16.35 -5.74
N ILE A 180 -15.11 15.49 -5.50
CA ILE A 180 -15.38 14.10 -5.15
C ILE A 180 -16.39 14.02 -4.01
N PRO A 181 -17.61 13.56 -4.34
CA PRO A 181 -18.69 13.41 -3.37
C PRO A 181 -18.44 12.28 -2.38
N ALA A 182 -17.73 12.60 -1.30
CA ALA A 182 -17.42 11.61 -0.28
C ALA A 182 -17.25 12.26 1.08
N GLN A 183 -16.73 11.49 2.05
CA GLN A 183 -16.52 12.00 3.40
C GLN A 183 -15.17 12.72 3.51
N GLU A 184 -15.19 14.03 3.30
CA GLU A 184 -13.98 14.83 3.38
C GLU A 184 -13.24 14.57 4.68
N VAL A 185 -12.07 13.95 4.58
CA VAL A 185 -11.26 13.65 5.75
C VAL A 185 -10.88 14.91 6.51
N GLU A 186 -10.82 14.81 7.83
CA GLU A 186 -10.48 15.95 8.66
C GLU A 186 -9.30 15.62 9.59
N HIS A 187 -8.79 16.64 10.27
CA HIS A 187 -7.67 16.45 11.19
C HIS A 187 -8.16 16.11 12.59
N GLU A 188 -7.36 15.33 13.31
CA GLU A 188 -7.72 14.92 14.67
C GLU A 188 -7.42 16.05 15.66
N SER A 38 56.46 7.76 89.91
CA SER A 38 55.29 7.14 89.27
C SER A 38 55.42 7.19 87.76
N ALA A 39 56.08 6.18 87.19
CA ALA A 39 56.27 6.10 85.75
C ALA A 39 55.88 4.72 85.22
N TYR A 40 55.32 4.69 84.01
CA TYR A 40 54.91 3.43 83.40
C TYR A 40 54.95 3.53 81.88
N ARG A 41 55.07 2.39 81.22
CA ARG A 41 55.12 2.35 79.76
C ARG A 41 54.16 1.29 79.22
N LYS A 42 54.13 1.17 77.89
CA LYS A 42 53.24 0.20 77.24
C LYS A 42 53.54 0.12 75.75
N LYS A 43 53.40 -1.07 75.19
CA LYS A 43 53.65 -1.28 73.76
C LYS A 43 52.38 -1.06 72.95
N GLY A 44 51.31 -1.77 73.34
CA GLY A 44 50.05 -1.64 72.64
C GLY A 44 49.91 -2.64 71.51
N LYS A 45 50.56 -2.35 70.39
CA LYS A 45 50.50 -3.24 69.22
C LYS A 45 49.05 -3.52 68.83
N GLY A 46 48.46 -2.60 68.07
CA GLY A 46 47.09 -2.77 67.63
C GLY A 46 46.97 -2.87 66.12
N LYS A 47 46.02 -3.67 65.66
CA LYS A 47 45.80 -3.86 64.23
C LYS A 47 44.31 -3.78 63.90
N GLY A 48 44.00 -3.65 62.61
CA GLY A 48 42.63 -3.57 62.17
C GLY A 48 42.49 -3.63 60.66
N THR A 49 41.43 -4.30 60.19
CA THR A 49 41.19 -4.42 58.76
C THR A 49 39.71 -4.27 58.44
N THR A 50 39.41 -3.83 57.22
CA THR A 50 38.03 -3.64 56.79
C THR A 50 37.92 -3.74 55.27
N VAL A 51 36.97 -4.56 54.82
CA VAL A 51 36.75 -4.75 53.38
C VAL A 51 35.35 -4.31 52.99
N GLY A 52 35.14 -4.11 51.69
CA GLY A 52 33.84 -3.70 51.19
C GLY A 52 33.90 -3.18 49.77
N MET A 53 33.25 -3.90 48.85
CA MET A 53 33.23 -3.50 47.45
C MET A 53 32.02 -4.10 46.73
N GLY A 54 31.51 -3.37 45.75
CA GLY A 54 30.37 -3.86 45.00
C GLY A 54 30.70 -4.18 43.56
N LYS A 55 29.69 -4.53 42.77
CA LYS A 55 29.89 -4.86 41.36
C LYS A 55 28.99 -4.01 40.48
N SER A 56 27.72 -3.88 40.86
CA SER A 56 26.75 -3.10 40.10
C SER A 56 25.50 -2.83 40.93
N SER A 57 24.97 -1.61 40.80
CA SER A 57 23.78 -1.22 41.54
C SER A 57 22.53 -1.81 40.90
N ARG A 58 22.17 -1.30 39.73
CA ARG A 58 20.99 -1.78 39.01
C ARG A 58 20.92 -1.16 37.62
N ARG A 59 20.96 -2.00 36.60
CA ARG A 59 20.89 -1.54 35.22
C ARG A 59 19.48 -1.08 34.87
N PHE A 60 19.37 0.15 34.36
CA PHE A 60 18.09 0.71 33.99
C PHE A 60 18.05 1.03 32.50
N ILE A 61 16.85 1.16 31.95
CA ILE A 61 16.66 1.45 30.54
C ILE A 61 15.54 2.47 30.32
N ASN A 62 15.78 3.43 29.45
CA ASN A 62 14.78 4.46 29.15
C ASN A 62 14.44 4.47 27.67
N MET A 63 13.15 4.56 27.37
CA MET A 63 12.68 4.59 25.99
C MET A 63 11.59 5.63 25.80
N TYR A 64 11.06 5.72 24.58
CA TYR A 64 10.00 6.68 24.27
C TYR A 64 9.10 6.15 23.16
N GLY A 65 7.95 6.81 22.98
CA GLY A 65 7.02 6.39 21.96
C GLY A 65 6.43 7.56 21.19
N PHE A 66 6.93 7.78 19.98
CA PHE A 66 6.45 8.88 19.14
C PHE A 66 6.83 8.66 17.68
N ASP A 67 5.90 8.97 16.79
CA ASP A 67 6.14 8.80 15.36
C ASP A 67 5.98 10.13 14.62
N PRO A 68 6.53 10.21 13.41
CA PRO A 68 6.46 11.42 12.58
C PRO A 68 5.05 11.67 12.04
N THR A 69 4.92 12.68 11.19
CA THR A 69 3.63 13.02 10.61
C THR A 69 3.80 13.71 9.26
N GLU A 70 2.93 13.37 8.31
CA GLU A 70 2.99 13.96 6.98
C GLU A 70 1.58 14.22 6.45
N TYR A 71 1.40 15.39 5.84
CA TYR A 71 0.11 15.78 5.28
C TYR A 71 0.19 15.96 3.77
N SER A 72 1.33 16.47 3.31
CA SER A 72 1.54 16.70 1.88
C SER A 72 2.54 15.71 1.31
N PHE A 73 2.04 14.58 0.83
CA PHE A 73 2.89 13.54 0.26
C PHE A 73 2.09 12.62 -0.65
N ILE A 74 2.76 11.61 -1.20
CA ILE A 74 2.11 10.66 -2.09
C ILE A 74 1.83 9.35 -1.38
N GLN A 75 0.64 8.81 -1.60
CA GLN A 75 0.23 7.55 -0.97
C GLN A 75 0.46 6.37 -1.91
N PHE A 76 1.42 5.52 -1.56
CA PHE A 76 1.75 4.35 -2.37
C PHE A 76 0.86 3.16 -1.99
N VAL A 77 0.34 2.48 -3.00
CA VAL A 77 -0.53 1.33 -2.80
C VAL A 77 -0.33 0.28 -3.87
N ASP A 78 -0.50 -0.99 -3.51
CA ASP A 78 -0.34 -2.09 -4.45
C ASP A 78 -1.69 -2.56 -4.98
N PRO A 79 -1.73 -2.90 -6.28
CA PRO A 79 -2.96 -3.36 -6.93
C PRO A 79 -3.39 -4.75 -6.45
N LEU A 80 -2.42 -5.56 -6.04
CA LEU A 80 -2.69 -6.91 -5.55
C LEU A 80 -3.79 -6.88 -4.49
N THR A 81 -3.45 -6.35 -3.31
CA THR A 81 -4.41 -6.27 -2.22
C THR A 81 -4.67 -4.82 -1.83
N GLY A 82 -3.61 -4.04 -1.73
CA GLY A 82 -3.76 -2.63 -1.37
C GLY A 82 -2.81 -2.22 -0.26
N ALA A 83 -1.53 -2.56 -0.41
CA ALA A 83 -0.53 -2.22 0.59
C ALA A 83 -0.55 -0.73 0.90
N GLN A 84 0.17 -0.35 1.96
CA GLN A 84 0.23 1.05 2.36
C GLN A 84 1.68 1.50 2.58
N ILE A 85 2.14 2.41 1.74
CA ILE A 85 3.50 2.91 1.83
C ILE A 85 3.55 4.41 1.54
N GLU A 86 4.47 5.11 2.21
CA GLU A 86 4.63 6.54 2.03
C GLU A 86 5.56 6.85 0.86
N GLU A 87 5.03 7.51 -0.16
CA GLU A 87 5.82 7.86 -1.34
C GLU A 87 6.06 9.37 -1.40
N ASN A 88 7.27 9.74 -1.80
CA ASN A 88 7.62 11.15 -1.90
C ASN A 88 8.14 11.49 -3.30
N VAL A 89 8.71 12.68 -3.45
CA VAL A 89 9.24 13.12 -4.74
C VAL A 89 10.36 12.19 -5.20
N TYR A 90 11.19 11.76 -4.26
CA TYR A 90 12.31 10.87 -4.58
C TYR A 90 12.13 9.51 -3.92
N ALA A 91 10.92 8.97 -4.01
CA ALA A 91 10.62 7.68 -3.43
C ALA A 91 11.49 6.58 -4.03
N ASP A 92 12.18 5.83 -3.18
CA ASP A 92 13.04 4.75 -3.63
C ASP A 92 12.38 3.40 -3.43
N ILE A 93 12.47 2.54 -4.44
CA ILE A 93 11.87 1.20 -4.37
C ILE A 93 12.33 0.47 -3.11
N ARG A 94 13.56 0.72 -2.70
CA ARG A 94 14.12 0.08 -1.52
C ARG A 94 13.19 0.24 -0.32
N ASP A 95 12.75 1.48 -0.08
CA ASP A 95 11.85 1.77 1.03
C ASP A 95 10.55 0.97 0.90
N ILE A 96 9.99 0.95 -0.30
CA ILE A 96 8.75 0.23 -0.56
C ILE A 96 8.91 -1.25 -0.22
N GLN A 97 10.07 -1.80 -0.54
CA GLN A 97 10.34 -3.21 -0.27
C GLN A 97 10.21 -3.52 1.21
N GLU A 98 10.60 -2.57 2.04
CA GLU A 98 10.53 -2.74 3.49
C GLU A 98 9.13 -3.19 3.92
N ARG A 99 8.13 -2.40 3.55
CA ARG A 99 6.75 -2.70 3.89
C ARG A 99 6.19 -3.80 2.99
N PHE A 100 6.63 -3.82 1.74
CA PHE A 100 6.18 -4.81 0.78
C PHE A 100 6.35 -6.22 1.34
N SER A 101 7.40 -6.42 2.13
CA SER A 101 7.68 -7.72 2.73
C SER A 101 6.49 -8.20 3.55
N GLU A 102 5.84 -7.28 4.25
CA GLU A 102 4.68 -7.60 5.07
C GLU A 102 3.51 -8.06 4.20
N VAL A 103 3.06 -7.19 3.32
CA VAL A 103 1.94 -7.50 2.43
C VAL A 103 2.22 -8.76 1.62
N ARG A 104 3.46 -8.91 1.18
CA ARG A 104 3.86 -10.07 0.39
C ARG A 104 3.82 -11.34 1.24
N LYS A 105 4.47 -11.30 2.40
CA LYS A 105 4.51 -12.45 3.30
C LYS A 105 3.10 -12.95 3.60
N LYS A 106 2.19 -12.01 3.86
CA LYS A 106 0.80 -12.37 4.16
C LYS A 106 0.11 -12.94 2.93
N MET A 107 0.31 -12.31 1.78
CA MET A 107 -0.30 -12.77 0.54
C MET A 107 0.02 -14.24 0.30
N VAL A 108 1.30 -14.60 0.40
CA VAL A 108 1.72 -15.98 0.19
C VAL A 108 1.28 -16.87 1.34
N GLU A 109 1.30 -16.31 2.55
CA GLU A 109 0.90 -17.05 3.74
C GLU A 109 -0.53 -17.55 3.62
N ASN A 110 -1.38 -16.74 2.99
CA ASN A 110 -2.78 -17.10 2.81
C ASN A 110 -2.91 -18.49 2.19
N ASP A 111 -1.93 -18.86 1.38
CA ASP A 111 -1.94 -20.17 0.73
C ASP A 111 -3.15 -20.31 -0.19
N ASP A 112 -3.18 -19.51 -1.24
CA ASP A 112 -4.29 -19.55 -2.20
C ASP A 112 -3.77 -19.77 -3.61
N ILE A 113 -2.61 -19.19 -3.92
CA ILE A 113 -2.01 -19.33 -5.24
C ILE A 113 -0.58 -19.82 -5.14
N GLU A 114 0.09 -19.93 -6.29
CA GLU A 114 1.48 -20.39 -6.33
C GLU A 114 2.33 -19.45 -7.17
N MET A 115 1.77 -18.97 -8.28
CA MET A 115 2.48 -18.07 -9.17
C MET A 115 1.55 -17.00 -9.72
N GLN A 116 0.36 -16.91 -9.14
CA GLN A 116 -0.64 -15.92 -9.58
C GLN A 116 -0.19 -14.50 -9.22
N ALA A 117 0.35 -14.34 -8.02
CA ALA A 117 0.81 -13.04 -7.55
C ALA A 117 2.21 -12.74 -8.08
N LEU A 118 3.12 -13.69 -7.91
CA LEU A 118 4.50 -13.52 -8.36
C LEU A 118 4.55 -13.40 -9.88
N GLY A 119 3.68 -14.13 -10.57
CA GLY A 119 3.64 -14.08 -12.02
C GLY A 119 3.57 -12.67 -12.55
N SER A 120 2.93 -11.78 -11.81
CA SER A 120 2.78 -10.39 -12.22
C SER A 120 2.84 -9.47 -11.01
N ASN A 121 4.05 -9.21 -10.53
CA ASN A 121 4.24 -8.33 -9.37
C ASN A 121 5.35 -7.32 -9.64
N THR A 122 5.03 -6.30 -10.44
CA THR A 122 6.00 -5.25 -10.77
C THR A 122 5.35 -3.87 -10.74
N THR A 123 4.18 -3.76 -11.36
CA THR A 123 3.46 -2.49 -11.41
C THR A 123 2.98 -2.09 -10.02
N ILE A 124 2.82 -0.79 -9.80
CA ILE A 124 2.36 -0.27 -8.52
C ILE A 124 1.32 0.83 -8.71
N HIS A 125 0.49 1.04 -7.69
CA HIS A 125 -0.55 2.06 -7.73
C HIS A 125 -0.14 3.29 -6.94
N ALA A 126 -0.01 4.41 -7.64
CA ALA A 126 0.38 5.67 -7.00
C ALA A 126 -0.83 6.59 -6.81
N TYR A 127 -1.05 7.02 -5.58
CA TYR A 127 -2.17 7.91 -5.27
C TYR A 127 -1.68 9.30 -4.92
N PHE A 128 -1.84 10.24 -5.85
CA PHE A 128 -1.41 11.62 -5.64
C PHE A 128 -2.57 12.46 -5.10
N ARG A 129 -2.41 12.96 -3.88
CA ARG A 129 -3.42 13.78 -3.25
C ARG A 129 -3.01 15.25 -3.23
N LYS A 130 -3.96 16.13 -3.53
CA LYS A 130 -3.70 17.57 -3.55
C LYS A 130 -3.01 18.01 -2.25
N ASP A 131 -2.61 19.27 -2.21
CA ASP A 131 -1.94 19.82 -1.03
C ASP A 131 -2.65 21.08 -0.54
N TRP A 132 -3.21 21.84 -1.48
CA TRP A 132 -3.92 23.07 -1.14
C TRP A 132 -5.43 22.86 -1.22
N SER A 133 -5.87 21.62 -0.98
CA SER A 133 -7.29 21.30 -1.03
C SER A 133 -7.86 21.53 -2.43
N ASP A 134 -7.29 20.84 -3.40
CA ASP A 134 -7.74 20.97 -4.78
C ASP A 134 -8.51 19.73 -5.23
N LYS A 135 -7.78 18.71 -5.67
CA LYS A 135 -8.39 17.46 -6.12
C LYS A 135 -7.49 16.27 -5.82
N ALA A 136 -8.02 15.07 -6.03
CA ALA A 136 -7.26 13.85 -5.79
C ALA A 136 -7.06 13.06 -7.08
N LEU A 137 -5.80 12.81 -7.42
CA LEU A 137 -5.47 12.06 -8.63
C LEU A 137 -4.89 10.69 -8.29
N LYS A 138 -5.26 9.68 -9.05
CA LYS A 138 -4.77 8.32 -8.82
C LYS A 138 -4.29 7.69 -10.13
N ILE A 139 -3.01 7.39 -10.19
CA ILE A 139 -2.42 6.78 -11.38
C ILE A 139 -1.50 5.63 -11.02
N ASP A 140 -1.44 4.62 -11.89
CA ASP A 140 -0.60 3.46 -11.65
C ASP A 140 0.76 3.62 -12.33
N LEU A 141 1.83 3.46 -11.55
CA LEU A 141 3.18 3.60 -12.08
C LEU A 141 3.75 2.24 -12.46
N MET A 142 4.33 2.17 -13.65
CA MET A 142 4.92 0.92 -14.15
C MET A 142 6.20 1.21 -14.93
N PRO A 143 7.09 0.20 -14.98
CA PRO A 143 8.37 0.32 -15.69
C PRO A 143 8.19 0.36 -17.20
N HIS A 144 9.01 1.17 -17.86
CA HIS A 144 8.94 1.31 -19.32
C HIS A 144 9.02 -0.06 -19.99
N ASN A 145 8.24 -0.23 -21.05
CA ASN A 145 8.23 -1.49 -21.79
C ASN A 145 7.39 -1.37 -23.05
N PRO A 146 7.87 -0.57 -24.01
CA PRO A 146 7.18 -0.35 -25.29
C PRO A 146 7.20 -1.59 -26.17
N LEU A 147 6.07 -1.87 -26.82
CA LEU A 147 5.96 -3.03 -27.70
C LEU A 147 6.47 -2.70 -29.10
N LYS A 148 6.54 -3.72 -29.95
CA LYS A 148 7.01 -3.54 -31.32
C LYS A 148 8.35 -2.82 -31.34
N VAL A 149 9.43 -3.59 -31.26
CA VAL A 149 10.78 -3.02 -31.28
C VAL A 149 11.70 -3.83 -32.19
N CYS A 150 11.74 -5.13 -31.96
CA CYS A 150 12.59 -6.02 -32.76
C CYS A 150 11.96 -7.41 -32.87
N ASP A 151 12.01 -7.98 -34.07
CA ASP A 151 11.47 -9.31 -34.31
C ASP A 151 12.44 -10.18 -35.08
N LYS A 152 12.80 -11.32 -34.51
CA LYS A 152 13.73 -12.24 -35.14
C LYS A 152 13.68 -13.62 -34.48
N THR A 153 13.78 -14.67 -35.29
CA THR A 153 13.74 -16.03 -34.77
C THR A 153 14.88 -16.87 -35.35
N ASN A 154 15.54 -17.63 -34.49
CA ASN A 154 16.65 -18.48 -34.92
C ASN A 154 16.14 -19.84 -35.36
N GLY A 155 15.11 -20.34 -34.68
CA GLY A 155 14.56 -21.64 -35.01
C GLY A 155 14.83 -22.67 -33.95
N ILE A 156 16.07 -22.75 -33.48
CA ILE A 156 16.45 -23.71 -32.47
C ILE A 156 17.33 -23.05 -31.40
N ALA A 157 16.78 -22.05 -30.74
CA ALA A 157 17.51 -21.34 -29.68
C ALA A 157 16.90 -21.60 -28.31
N LYS A 158 17.74 -21.82 -27.32
CA LYS A 158 17.28 -22.09 -25.96
C LYS A 158 17.33 -20.82 -25.12
N PHE A 159 16.92 -19.70 -25.71
CA PHE A 159 16.91 -18.43 -25.01
C PHE A 159 15.53 -17.77 -25.10
N PRO A 160 14.56 -18.36 -24.39
CA PRO A 160 13.18 -17.86 -24.37
C PRO A 160 13.06 -16.55 -23.60
N GLU A 161 12.89 -15.44 -24.34
CA GLU A 161 12.77 -14.13 -23.73
C GLU A 161 11.54 -13.40 -24.24
N ARG A 162 11.33 -12.18 -23.77
CA ARG A 162 10.19 -11.37 -24.19
C ARG A 162 8.88 -12.11 -23.90
N GLU A 163 8.84 -12.81 -22.76
CA GLU A 163 7.64 -13.56 -22.38
C GLU A 163 7.09 -13.04 -21.05
N LEU A 164 5.76 -12.93 -20.98
CA LEU A 164 5.10 -12.44 -19.77
C LEU A 164 5.57 -11.03 -19.42
N GLU A 165 5.44 -10.12 -20.38
CA GLU A 165 5.84 -8.74 -20.17
C GLU A 165 4.65 -7.87 -19.75
N LEU A 166 4.88 -6.97 -18.81
CA LEU A 166 3.82 -6.09 -18.33
C LEU A 166 3.60 -4.92 -19.29
N ARG A 167 2.34 -4.66 -19.60
CA ARG A 167 1.98 -3.57 -20.52
C ARG A 167 1.59 -2.32 -19.74
N GLN A 168 1.55 -1.19 -20.43
CA GLN A 168 1.19 0.07 -19.80
C GLN A 168 -0.16 -0.03 -19.11
N THR A 169 -0.35 0.78 -18.07
CA THR A 169 -1.60 0.78 -17.32
C THR A 169 -2.49 1.95 -17.72
N GLY A 170 -3.70 1.98 -17.18
CA GLY A 170 -4.62 3.05 -17.50
C GLY A 170 -4.08 4.42 -17.13
N PRO A 171 -4.73 5.48 -17.65
CA PRO A 171 -4.32 6.85 -17.39
C PRO A 171 -4.58 7.28 -15.95
N ALA A 172 -4.40 8.57 -15.67
CA ALA A 172 -4.62 9.09 -14.32
C ALA A 172 -6.06 9.54 -14.13
N VAL A 173 -6.63 9.22 -12.98
CA VAL A 173 -8.00 9.59 -12.67
C VAL A 173 -8.06 10.72 -11.65
N GLU A 174 -8.54 11.88 -12.09
CA GLU A 174 -8.64 13.04 -11.22
C GLU A 174 -10.06 13.19 -10.68
N VAL A 175 -10.17 13.30 -9.35
CA VAL A 175 -11.47 13.45 -8.70
C VAL A 175 -11.34 14.19 -7.38
N ASP A 176 -12.24 15.15 -7.16
CA ASP A 176 -12.23 15.95 -5.94
C ASP A 176 -12.36 15.05 -4.71
N VAL A 177 -11.48 15.27 -3.74
CA VAL A 177 -11.49 14.48 -2.50
C VAL A 177 -12.88 14.48 -1.87
N LYS A 178 -13.62 15.55 -2.09
CA LYS A 178 -14.97 15.68 -1.54
C LYS A 178 -16.00 15.00 -2.45
N ASP A 179 -15.76 15.06 -3.76
CA ASP A 179 -16.65 14.46 -4.73
C ASP A 179 -16.74 12.95 -4.52
N ILE A 180 -15.59 12.30 -4.42
CA ILE A 180 -15.53 10.86 -4.22
C ILE A 180 -16.40 10.42 -3.04
N PRO A 181 -16.84 9.16 -3.05
CA PRO A 181 -17.69 8.61 -1.99
C PRO A 181 -16.92 8.44 -0.68
N ALA A 182 -16.85 9.51 0.11
CA ALA A 182 -16.15 9.48 1.39
C ALA A 182 -16.76 10.47 2.37
N GLN A 183 -16.77 10.11 3.64
CA GLN A 183 -17.33 10.97 4.68
C GLN A 183 -16.25 11.40 5.67
N GLU A 184 -15.90 12.68 5.65
CA GLU A 184 -14.89 13.22 6.54
C GLU A 184 -15.50 13.67 7.86
N VAL A 185 -14.66 14.21 8.74
CA VAL A 185 -15.13 14.69 10.04
C VAL A 185 -16.23 15.73 9.87
N GLU A 186 -17.45 15.35 10.24
CA GLU A 186 -18.60 16.25 10.14
C GLU A 186 -18.76 17.08 11.41
N HIS A 187 -18.95 16.39 12.53
CA HIS A 187 -19.13 17.05 13.81
C HIS A 187 -17.95 17.99 14.11
N GLU A 188 -18.20 19.00 14.94
CA GLU A 188 -17.16 19.96 15.29
C GLU A 188 -16.05 19.28 16.10
#